data_7KGY
#
_entry.id   7KGY
#
_cell.length_a   114.520
_cell.length_b   128.405
_cell.length_c   177.264
_cell.angle_alpha   90.00
_cell.angle_beta   90.00
_cell.angle_gamma   90.00
#
_symmetry.space_group_name_H-M   'P 21 21 21'
#
loop_
_entity.id
_entity.type
_entity.pdbx_description
1 polymer Beta-glucuronidase
2 non-polymer "8-(4-beta-D-glucopyranuronosylpiperazin-1-yl)-5-(morpholin-4-yl)-1,2,3,4-tetrahydro[1,2,3]triazino[4',5':4,5]thieno[2,3 -c]isoquinoline"
3 non-polymer GLYCEROL
4 water water
#
_entity_poly.entity_id   1
_entity_poly.type   'polypeptide(L)'
_entity_poly.pdbx_seq_one_letter_code
;MNNKSLLYPVVSTSRRVVSLDGMWRFSFDAKSEGVEANWANGLPESISMPVPASFCDFFTDKESREYCGDFWYETDFFVP
GEWSGKDIAIRFGSATHHARIFVNGVEVAQHEGGFLPFDAVVTDIVRYNQFNKLSVLLNNELNEHMLPAGNTAVLSNGKK
VAAPYFDFYNYAGIHRPVKLMALPTERILDYSVKHRLTAEGAEVDYTVTTNGDHEVTVELYDGTTKVAEATGKEGTLVVK
DAKLWNVHAAYLYNIVIRIHDGSAVVDEYTEKVGIRTFEIKDGHFLLNGKPVYLRGFGKHEDADIRGRGLDLATVKRDYE
LMKWIGANCFRTSHYPYAEELYQMADEEGFLIIDEVPAVGFMESTMNFLAANQGNGKKVGWFEKETTPQLLANHKDALTD
MIGRDKNHASVIAWSILNEPQCTSEGTEAYFKTLFDLAHELDPQKRPRTYAVVMMSLPNNSKGQQFADFISLNRYYGWYV
MGGMGIVDAEAAFRKEMNGWAQVLNGRPMIFTEYGADTMPTEHKLPSVMWSQEYQNEYLDMNHNVFDSYNFVQGELVWNF
ADFQTTEGILRVNGNKKGIFTRQRQPKDAAFLFRARWTSLPLDYKGNQ
;
_entity_poly.pdbx_strand_id   A,B,C,D
#
# COMPACT_ATOMS: atom_id res chain seq x y z
N ASN A 2 -12.15 45.80 20.11
CA ASN A 2 -12.91 46.01 18.88
C ASN A 2 -12.05 45.73 17.64
N ASN A 3 -12.59 44.94 16.71
CA ASN A 3 -11.88 44.58 15.49
C ASN A 3 -10.55 43.86 15.78
N LYS A 4 -10.53 43.02 16.79
CA LYS A 4 -9.32 42.29 17.11
C LYS A 4 -8.97 41.34 15.97
N SER A 5 -7.69 41.29 15.60
CA SER A 5 -7.27 40.36 14.57
C SER A 5 -5.80 40.01 14.80
N LEU A 6 -5.50 38.72 14.85
CA LEU A 6 -4.12 38.27 15.01
C LEU A 6 -3.47 37.88 13.69
N LEU A 7 -4.13 38.16 12.57
CA LEU A 7 -3.60 37.78 11.27
C LEU A 7 -2.26 38.47 11.01
N TYR A 8 -1.37 37.75 10.33
CA TYR A 8 -0.09 38.32 9.96
C TYR A 8 -0.31 39.52 9.01
N PRO A 9 0.44 40.61 9.16
CA PRO A 9 0.23 41.78 8.29
C PRO A 9 0.62 41.47 6.85
N VAL A 10 -0.27 41.80 5.93
CA VAL A 10 -0.01 41.58 4.50
C VAL A 10 -0.23 42.87 3.74
N VAL A 11 0.49 42.99 2.64
CA VAL A 11 0.20 43.98 1.61
C VAL A 11 -0.70 43.30 0.60
N SER A 12 -1.78 43.99 0.20
CA SER A 12 -2.78 43.48 -0.74
C SER A 12 -3.32 44.66 -1.53
N THR A 13 -4.32 44.41 -2.39
CA THR A 13 -4.92 45.56 -3.09
C THR A 13 -5.49 46.55 -2.09
N SER A 14 -5.96 46.06 -0.95
CA SER A 14 -6.61 46.90 0.06
C SER A 14 -5.71 47.26 1.25
N ARG A 15 -4.62 46.54 1.47
CA ARG A 15 -3.86 46.67 2.71
C ARG A 15 -2.45 47.17 2.46
N ARG A 16 -1.95 47.98 3.39
CA ARG A 16 -0.58 48.48 3.34
C ARG A 16 0.15 48.09 4.62
N VAL A 17 1.48 47.96 4.51
CA VAL A 17 2.35 47.61 5.63
C VAL A 17 3.65 48.40 5.49
N VAL A 18 4.11 49.01 6.57
CA VAL A 18 5.39 49.71 6.58
C VAL A 18 6.06 49.37 7.90
N SER A 19 7.30 48.90 7.82
CA SER A 19 8.04 48.50 9.01
C SER A 19 8.54 49.71 9.77
N LEU A 20 8.38 49.68 11.08
CA LEU A 20 8.98 50.68 11.96
C LEU A 20 10.29 50.19 12.60
N ASP A 21 10.82 49.05 12.17
CA ASP A 21 12.09 48.56 12.71
C ASP A 21 13.23 49.50 12.36
N GLY A 22 14.29 49.46 13.19
CA GLY A 22 15.45 50.31 13.01
C GLY A 22 15.94 50.81 14.36
N MET A 23 16.63 51.95 14.39
CA MET A 23 17.14 52.51 15.64
C MET A 23 16.05 53.38 16.27
N TRP A 24 15.56 52.98 17.43
CA TRP A 24 14.65 53.79 18.22
C TRP A 24 15.42 54.53 19.31
N ARG A 25 14.72 55.41 20.04
CA ARG A 25 15.23 56.02 21.26
C ARG A 25 14.77 55.20 22.45
N PHE A 26 15.55 55.24 23.54
CA PHE A 26 15.39 54.31 24.64
C PHE A 26 15.83 54.98 25.93
N SER A 27 15.13 54.68 27.02
CA SER A 27 15.56 55.16 28.32
C SER A 27 15.02 54.26 29.40
N PHE A 28 15.86 53.94 30.38
CA PHE A 28 15.37 53.38 31.62
C PHE A 28 14.58 54.45 32.39
N ASP A 29 13.75 53.98 33.34
CA ASP A 29 12.87 54.83 34.15
C ASP A 29 12.83 54.23 35.55
N ALA A 30 13.98 54.25 36.24
CA ALA A 30 14.10 53.57 37.53
C ALA A 30 13.09 54.09 38.55
N LYS A 31 12.66 55.35 38.44
CA LYS A 31 11.73 55.92 39.40
C LYS A 31 10.28 55.87 38.94
N SER A 32 10.01 55.20 37.82
CA SER A 32 8.64 55.12 37.27
C SER A 32 7.97 56.49 37.27
N GLU A 33 8.67 57.48 36.75
CA GLU A 33 8.16 58.86 36.72
C GLU A 33 7.78 59.33 35.32
N GLY A 34 8.02 58.52 34.28
CA GLY A 34 7.88 59.01 32.92
C GLY A 34 6.49 59.51 32.56
N VAL A 35 5.45 58.80 33.01
CA VAL A 35 4.09 59.20 32.63
C VAL A 35 3.79 60.61 33.14
N GLU A 36 3.82 60.79 34.47
CA GLU A 36 3.53 62.10 35.03
C GLU A 36 4.48 63.17 34.52
N ALA A 37 5.72 62.80 34.17
CA ALA A 37 6.69 63.75 33.65
C ALA A 37 6.58 63.95 32.14
N ASN A 38 5.51 63.45 31.51
CA ASN A 38 5.25 63.71 30.09
C ASN A 38 6.27 63.04 29.15
N TRP A 39 6.90 61.92 29.58
CA TRP A 39 7.88 61.26 28.71
C TRP A 39 7.25 60.77 27.41
N ALA A 40 5.95 60.46 27.40
CA ALA A 40 5.32 59.96 26.17
C ALA A 40 5.42 60.96 25.03
N ASN A 41 5.69 62.23 25.33
CA ASN A 41 5.86 63.25 24.32
C ASN A 41 7.33 63.53 24.00
N GLY A 42 8.24 62.71 24.49
CA GLY A 42 9.65 62.86 24.18
C GLY A 42 10.50 62.53 25.38
N LEU A 43 11.55 61.74 25.20
CA LEU A 43 12.39 61.35 26.32
C LEU A 43 13.34 62.49 26.66
N PRO A 44 13.38 62.94 27.92
CA PRO A 44 14.36 63.97 28.28
C PRO A 44 15.80 63.53 28.03
N GLU A 45 16.13 62.28 28.35
CA GLU A 45 17.43 61.70 28.05
C GLU A 45 17.20 60.33 27.41
N SER A 46 18.02 59.97 26.43
CA SER A 46 17.82 58.69 25.76
C SER A 46 19.12 58.23 25.12
N ILE A 47 19.15 56.94 24.78
CA ILE A 47 20.16 56.34 23.93
C ILE A 47 19.45 55.68 22.74
N SER A 48 20.21 55.36 21.70
CA SER A 48 19.65 54.60 20.59
C SER A 48 19.58 53.11 20.95
N MET A 49 18.60 52.43 20.37
CA MET A 49 18.37 51.03 20.69
C MET A 49 17.71 50.37 19.48
N PRO A 50 18.29 49.29 18.96
CA PRO A 50 17.72 48.61 17.79
C PRO A 50 16.43 47.90 18.16
N VAL A 51 15.48 47.93 17.23
CA VAL A 51 14.23 47.18 17.30
C VAL A 51 14.13 46.40 15.99
N PRO A 52 13.94 45.07 15.99
CA PRO A 52 13.73 44.18 17.15
C PRO A 52 15.02 43.67 17.83
N ALA A 53 14.97 43.56 19.16
CA ALA A 53 16.06 43.03 19.97
C ALA A 53 15.67 43.08 21.43
N SER A 54 16.25 42.22 22.26
CA SER A 54 16.29 42.49 23.69
C SER A 54 17.29 43.62 23.95
N PHE A 55 17.01 44.43 24.97
CA PHE A 55 17.97 45.49 25.27
C PHE A 55 19.20 44.98 26.02
N CYS A 56 19.11 43.80 26.64
CA CYS A 56 20.02 43.47 27.73
C CYS A 56 21.47 43.41 27.29
N ASP A 57 21.76 42.72 26.21
CA ASP A 57 23.12 42.29 25.95
C ASP A 57 23.92 43.29 25.12
N PHE A 58 23.38 44.48 24.87
CA PHE A 58 24.19 45.51 24.22
C PHE A 58 25.18 46.12 25.19
N PHE A 59 24.77 46.33 26.43
CA PHE A 59 25.52 47.14 27.37
C PHE A 59 26.80 46.43 27.81
N THR A 60 27.78 47.24 28.24
CA THR A 60 28.99 46.68 28.83
C THR A 60 28.93 46.62 30.35
N ASP A 61 27.86 47.11 30.97
CA ASP A 61 27.74 47.19 32.43
C ASP A 61 26.58 46.31 32.88
N LYS A 62 26.79 45.61 34.00
CA LYS A 62 25.83 44.59 34.42
C LYS A 62 24.54 45.22 34.93
N GLU A 63 24.61 46.40 35.54
CA GLU A 63 23.39 47.03 36.05
C GLU A 63 22.37 47.20 34.95
N SER A 64 22.81 47.61 33.77
CA SER A 64 21.89 47.78 32.65
C SER A 64 21.42 46.43 32.11
N ARG A 65 22.33 45.44 32.02
CA ARG A 65 21.92 44.13 31.52
C ARG A 65 20.84 43.52 32.40
N GLU A 66 20.91 43.76 33.71
CA GLU A 66 19.99 43.19 34.68
C GLU A 66 18.88 44.15 35.08
N TYR A 67 18.71 45.26 34.35
CA TYR A 67 17.66 46.20 34.70
C TYR A 67 16.30 45.53 34.74
N CYS A 68 15.57 45.80 35.82
CA CYS A 68 14.24 45.25 36.05
C CYS A 68 13.37 46.39 36.51
N GLY A 69 12.34 46.71 35.74
CA GLY A 69 11.47 47.84 36.03
C GLY A 69 10.87 48.41 34.74
N ASP A 70 10.56 49.71 34.78
CA ASP A 70 9.99 50.44 33.65
C ASP A 70 11.08 50.93 32.71
N PHE A 71 10.79 50.92 31.41
CA PHE A 71 11.70 51.45 30.43
C PHE A 71 10.90 51.81 29.18
N TRP A 72 11.45 52.71 28.38
CA TRP A 72 10.71 53.32 27.27
C TRP A 72 11.45 53.13 25.96
N TYR A 73 10.67 52.87 24.92
CA TYR A 73 11.09 52.91 23.53
C TYR A 73 10.24 53.95 22.82
N GLU A 74 10.87 54.85 22.07
CA GLU A 74 10.14 55.86 21.32
C GLU A 74 10.69 55.98 19.91
N THR A 75 9.81 56.24 18.95
CA THR A 75 10.21 56.52 17.57
C THR A 75 9.15 57.40 16.94
N ASP A 76 9.50 58.00 15.81
CA ASP A 76 8.57 58.79 15.02
C ASP A 76 8.19 58.02 13.76
N PHE A 77 6.89 57.98 13.43
CA PHE A 77 6.45 57.27 12.25
C PHE A 77 5.59 58.15 11.34
N PHE A 78 5.82 58.01 10.04
CA PHE A 78 5.14 58.80 9.03
C PHE A 78 3.84 58.11 8.63
N VAL A 79 2.76 58.87 8.54
CA VAL A 79 1.50 58.34 8.05
C VAL A 79 1.23 58.98 6.68
N PRO A 80 1.31 58.23 5.57
CA PRO A 80 1.12 58.85 4.26
C PRO A 80 -0.26 59.50 4.15
N GLY A 81 -0.30 60.67 3.54
CA GLY A 81 -1.57 61.34 3.33
C GLY A 81 -2.54 60.47 2.56
N GLU A 82 -2.03 59.71 1.58
CA GLU A 82 -2.90 58.92 0.73
C GLU A 82 -3.47 57.69 1.44
N TRP A 83 -3.18 57.49 2.73
CA TRP A 83 -3.88 56.49 3.52
C TRP A 83 -5.16 57.02 4.13
N SER A 84 -5.47 58.31 3.96
CA SER A 84 -6.74 58.85 4.44
C SER A 84 -7.92 58.04 3.92
N GLY A 85 -8.83 57.67 4.81
CA GLY A 85 -9.97 56.85 4.48
C GLY A 85 -9.87 55.42 4.98
N LYS A 86 -8.67 54.97 5.30
CA LYS A 86 -8.44 53.64 5.83
C LYS A 86 -8.20 53.69 7.34
N ASP A 87 -8.37 52.53 7.98
CA ASP A 87 -7.99 52.43 9.38
C ASP A 87 -6.47 52.30 9.48
N ILE A 88 -5.89 52.98 10.47
CA ILE A 88 -4.45 52.99 10.72
C ILE A 88 -4.20 52.28 12.03
N ALA A 89 -3.26 51.34 12.03
CA ALA A 89 -3.00 50.54 13.22
C ALA A 89 -1.52 50.16 13.23
N ILE A 90 -1.00 49.97 14.44
CA ILE A 90 0.40 49.59 14.63
C ILE A 90 0.41 48.19 15.21
N ARG A 91 1.07 47.27 14.53
CA ARG A 91 1.19 45.91 15.01
C ARG A 91 2.49 45.75 15.78
N PHE A 92 2.40 45.22 17.00
CA PHE A 92 3.56 44.77 17.76
C PHE A 92 3.58 43.26 17.71
N GLY A 93 4.59 42.68 17.04
CA GLY A 93 4.79 41.24 17.10
C GLY A 93 4.85 40.74 18.53
N SER A 94 5.49 41.50 19.41
CA SER A 94 5.43 41.29 20.85
C SER A 94 6.07 42.49 21.52
N ALA A 95 5.88 42.55 22.83
CA ALA A 95 6.55 43.54 23.68
C ALA A 95 6.61 42.94 25.07
N THR A 96 7.81 42.82 25.63
CA THR A 96 8.06 41.98 26.81
C THR A 96 8.36 42.83 28.04
N HIS A 97 7.62 42.65 29.14
CA HIS A 97 6.47 41.75 29.30
C HIS A 97 5.10 42.47 29.32
N HIS A 98 5.07 43.65 29.94
CA HIS A 98 3.84 44.40 30.19
C HIS A 98 3.96 45.75 29.50
N ALA A 99 3.01 46.08 28.63
CA ALA A 99 3.16 47.21 27.70
C ALA A 99 2.02 48.23 27.85
N ARG A 100 2.37 49.51 27.69
CA ARG A 100 1.41 50.59 27.47
C ARG A 100 1.88 51.41 26.27
N ILE A 101 0.98 51.65 25.31
CA ILE A 101 1.32 52.30 24.06
C ILE A 101 0.73 53.71 24.07
N PHE A 102 1.54 54.70 23.70
CA PHE A 102 1.12 56.08 23.55
C PHE A 102 1.40 56.53 22.13
N VAL A 103 0.43 57.20 21.52
CA VAL A 103 0.64 57.81 20.22
C VAL A 103 0.28 59.29 20.32
N ASN A 104 1.23 60.16 19.95
CA ASN A 104 1.08 61.60 20.10
C ASN A 104 0.64 61.96 21.51
N GLY A 105 1.24 61.31 22.50
CA GLY A 105 0.95 61.59 23.90
C GLY A 105 -0.31 60.95 24.45
N VAL A 106 -1.09 60.25 23.62
CA VAL A 106 -2.37 59.67 24.00
C VAL A 106 -2.19 58.17 24.20
N GLU A 107 -2.58 57.66 25.37
CA GLU A 107 -2.46 56.23 25.62
C GLU A 107 -3.51 55.47 24.80
N VAL A 108 -3.07 54.55 23.92
CA VAL A 108 -3.98 53.92 22.97
C VAL A 108 -4.16 52.41 23.19
N ALA A 109 -3.28 51.75 23.94
CA ALA A 109 -3.40 50.32 24.13
C ALA A 109 -2.59 49.91 25.35
N GLN A 110 -3.01 48.81 25.94
CA GLN A 110 -2.29 48.12 27.01
C GLN A 110 -2.21 46.65 26.65
N HIS A 111 -1.13 45.97 27.07
CA HIS A 111 -1.03 44.57 26.74
C HIS A 111 -0.28 43.80 27.82
N GLU A 112 -0.74 42.58 28.07
CA GLU A 112 -0.16 41.67 29.03
C GLU A 112 0.36 40.45 28.28
N GLY A 113 1.59 40.02 28.61
CA GLY A 113 2.19 38.85 28.00
C GLY A 113 3.22 39.22 26.95
N GLY A 114 4.44 38.72 27.09
CA GLY A 114 5.55 39.19 26.28
C GLY A 114 5.83 38.43 25.01
N PHE A 115 4.95 37.52 24.58
CA PHE A 115 5.33 36.65 23.48
C PHE A 115 4.22 36.48 22.45
N LEU A 116 3.23 37.39 22.43
CA LEU A 116 2.14 37.28 21.49
C LEU A 116 1.77 38.68 20.98
N PRO A 117 1.27 38.76 19.74
CA PRO A 117 1.11 40.07 19.09
C PRO A 117 -0.14 40.80 19.55
N PHE A 118 -0.13 42.12 19.29
CA PHE A 118 -1.26 42.98 19.59
C PHE A 118 -1.19 44.23 18.71
N ASP A 119 -2.34 44.89 18.54
CA ASP A 119 -2.47 46.05 17.67
C ASP A 119 -2.92 47.28 18.46
N ALA A 120 -2.40 48.45 18.08
CA ALA A 120 -2.93 49.73 18.54
C ALA A 120 -3.55 50.45 17.34
N VAL A 121 -4.84 50.77 17.45
CA VAL A 121 -5.55 51.52 16.41
C VAL A 121 -5.43 53.01 16.68
N VAL A 122 -5.05 53.77 15.65
CA VAL A 122 -4.65 55.16 15.84
C VAL A 122 -5.28 56.03 14.77
N THR A 123 -6.30 55.50 14.09
CA THR A 123 -6.89 56.18 12.94
C THR A 123 -7.24 57.63 13.23
N ASP A 124 -7.80 57.90 14.40
CA ASP A 124 -8.38 59.20 14.68
C ASP A 124 -7.48 60.09 15.52
N ILE A 125 -6.23 59.68 15.76
CA ILE A 125 -5.32 60.51 16.54
C ILE A 125 -4.02 60.82 15.82
N VAL A 126 -3.80 60.27 14.63
CA VAL A 126 -2.61 60.59 13.85
C VAL A 126 -2.85 61.80 12.96
N ARG A 127 -1.78 62.48 12.60
CA ARG A 127 -1.81 63.52 11.59
C ARG A 127 -1.29 62.95 10.27
N TYR A 128 -2.05 63.16 9.19
CA TYR A 128 -1.77 62.52 7.91
C TYR A 128 -0.73 63.31 7.11
N ASN A 129 0.03 62.60 6.28
CA ASN A 129 1.23 63.11 5.61
C ASN A 129 2.19 63.78 6.58
N GLN A 130 2.24 63.31 7.82
CA GLN A 130 3.14 63.88 8.81
C GLN A 130 3.77 62.77 9.64
N PHE A 131 4.85 63.12 10.31
CA PHE A 131 5.43 62.26 11.34
C PHE A 131 4.64 62.36 12.64
N ASN A 132 4.45 61.20 13.28
CA ASN A 132 3.76 61.07 14.55
C ASN A 132 4.69 60.39 15.55
N LYS A 133 4.39 60.56 16.84
CA LYS A 133 5.22 60.06 17.93
C LYS A 133 4.63 58.77 18.50
N LEU A 134 5.42 57.70 18.48
CA LEU A 134 5.05 56.43 19.09
C LEU A 134 5.93 56.22 20.32
N SER A 135 5.29 56.00 21.47
CA SER A 135 6.01 55.82 22.73
C SER A 135 5.53 54.54 23.40
N VAL A 136 6.47 53.68 23.75
CA VAL A 136 6.17 52.38 24.32
C VAL A 136 6.73 52.37 25.74
N LEU A 137 5.85 52.27 26.72
CA LEU A 137 6.27 52.14 28.12
C LEU A 137 6.20 50.65 28.47
N LEU A 138 7.36 50.05 28.70
CA LEU A 138 7.46 48.63 28.94
C LEU A 138 7.90 48.36 30.37
N ASN A 139 7.54 47.18 30.87
CA ASN A 139 7.93 46.73 32.18
C ASN A 139 8.24 45.25 32.10
N ASN A 140 9.33 44.82 32.75
CA ASN A 140 9.82 43.45 32.62
C ASN A 140 9.86 42.72 33.96
N GLU A 141 9.11 43.18 34.95
CA GLU A 141 9.09 42.53 36.26
C GLU A 141 8.31 41.23 36.21
N LEU A 142 8.74 40.27 37.02
CA LEU A 142 8.09 38.97 37.11
C LEU A 142 7.22 38.89 38.37
N ASN A 143 6.15 38.12 38.28
CA ASN A 143 5.31 37.85 39.43
C ASN A 143 4.75 36.44 39.31
N GLU A 144 4.00 36.00 40.32
CA GLU A 144 3.59 34.61 40.37
C GLU A 144 2.26 34.35 39.68
N HIS A 145 1.64 35.37 39.07
CA HIS A 145 0.37 35.18 38.38
C HIS A 145 0.44 35.62 36.91
N MET A 146 1.61 35.48 36.29
CA MET A 146 1.82 35.80 34.88
C MET A 146 2.53 34.64 34.18
N LEU A 147 2.55 34.70 32.85
CA LEU A 147 3.27 33.73 32.04
C LEU A 147 4.40 34.45 31.32
N PRO A 148 5.67 34.13 31.62
CA PRO A 148 6.11 33.11 32.56
C PRO A 148 6.26 33.65 34.01
N ALA A 149 6.36 32.73 34.97
CA ALA A 149 6.22 33.07 36.38
C ALA A 149 7.57 33.30 37.06
N GLY A 150 7.56 34.17 38.07
CA GLY A 150 8.76 34.39 38.86
C GLY A 150 8.53 35.44 39.92
N ASN A 151 9.63 35.95 40.44
CA ASN A 151 9.60 36.97 41.48
C ASN A 151 10.49 38.14 41.06
N THR A 152 10.32 39.27 41.73
CA THR A 152 11.18 40.43 41.56
C THR A 152 11.80 40.74 42.92
N ALA A 153 13.10 40.53 43.04
CA ALA A 153 13.85 40.74 44.26
C ALA A 153 14.40 42.17 44.31
N VAL A 154 14.70 42.63 45.52
CA VAL A 154 15.31 43.93 45.75
C VAL A 154 16.65 43.72 46.46
N LEU A 155 17.73 44.18 45.82
CA LEU A 155 19.06 44.08 46.41
C LEU A 155 19.20 45.09 47.55
N SER A 156 20.30 44.96 48.31
CA SER A 156 20.49 45.82 49.47
C SER A 156 20.71 47.27 49.10
N ASN A 157 21.05 47.55 47.83
CA ASN A 157 21.23 48.91 47.36
C ASN A 157 19.96 49.50 46.76
N GLY A 158 18.82 48.82 46.91
CA GLY A 158 17.55 49.30 46.39
C GLY A 158 17.24 48.90 44.96
N LYS A 159 18.18 48.28 44.25
CA LYS A 159 17.99 47.87 42.86
C LYS A 159 17.08 46.65 42.77
N LYS A 160 16.10 46.70 41.86
CA LYS A 160 15.30 45.52 41.54
C LYS A 160 16.08 44.57 40.63
N VAL A 161 15.92 43.26 40.87
CA VAL A 161 16.51 42.23 40.02
C VAL A 161 15.46 41.14 39.78
N ALA A 162 15.39 40.63 38.55
CA ALA A 162 14.46 39.55 38.24
C ALA A 162 14.90 38.26 38.89
N ALA A 163 13.96 37.49 39.42
CA ALA A 163 14.24 36.19 40.02
C ALA A 163 13.27 35.17 39.42
N PRO A 164 13.60 34.63 38.26
CA PRO A 164 12.64 33.77 37.55
C PRO A 164 12.52 32.40 38.20
N TYR A 165 11.36 31.78 38.00
CA TYR A 165 11.22 30.37 38.32
C TYR A 165 11.49 29.48 37.11
N PHE A 166 12.16 30.01 36.10
CA PHE A 166 12.46 29.27 34.88
C PHE A 166 13.95 29.38 34.54
N ASP A 167 14.40 28.40 33.75
CA ASP A 167 15.81 28.28 33.39
C ASP A 167 16.10 28.97 32.05
N PHE A 168 15.77 30.26 31.96
CA PHE A 168 16.23 31.07 30.84
C PHE A 168 16.24 32.53 31.25
N TYR A 169 17.13 33.29 30.64
CA TYR A 169 17.36 34.68 31.04
C TYR A 169 16.11 35.51 30.80
N ASN A 170 15.87 36.48 31.68
CA ASN A 170 14.67 37.33 31.55
C ASN A 170 14.91 38.45 30.54
N TYR A 171 15.21 38.06 29.30
CA TYR A 171 15.34 39.01 28.21
C TYR A 171 14.04 39.76 27.98
N ALA A 172 14.16 41.07 27.75
CA ALA A 172 12.99 41.90 27.49
C ALA A 172 13.39 43.03 26.54
N GLY A 173 12.38 43.75 26.07
CA GLY A 173 12.52 44.72 25.02
C GLY A 173 11.41 44.51 24.01
N ILE A 174 11.66 44.96 22.77
CA ILE A 174 10.72 44.79 21.66
C ILE A 174 11.31 43.76 20.72
N HIS A 175 10.86 42.51 20.83
CA HIS A 175 11.58 41.38 20.23
C HIS A 175 11.24 41.12 18.76
N ARG A 176 10.15 41.64 18.24
CA ARG A 176 9.67 41.26 16.92
C ARG A 176 9.27 42.50 16.13
N PRO A 177 9.14 42.39 14.82
CA PRO A 177 8.89 43.57 13.99
C PRO A 177 7.66 44.35 14.47
N VAL A 178 7.80 45.67 14.43
CA VAL A 178 6.72 46.61 14.64
C VAL A 178 6.29 47.11 13.27
N LYS A 179 5.00 46.98 12.95
CA LYS A 179 4.53 47.28 11.60
C LYS A 179 3.34 48.22 11.64
N LEU A 180 3.47 49.33 10.92
CA LEU A 180 2.38 50.25 10.67
C LEU A 180 1.52 49.73 9.52
N MET A 181 0.20 49.69 9.72
CA MET A 181 -0.72 49.14 8.74
C MET A 181 -1.82 50.15 8.38
N ALA A 182 -2.19 50.14 7.09
CA ALA A 182 -3.42 50.76 6.61
C ALA A 182 -4.34 49.65 6.12
N LEU A 183 -5.59 49.67 6.58
CA LEU A 183 -6.55 48.60 6.40
C LEU A 183 -7.91 49.20 6.04
N PRO A 184 -8.68 48.56 5.18
CA PRO A 184 -10.04 49.06 4.89
C PRO A 184 -10.91 48.98 6.12
N THR A 185 -11.84 49.94 6.23
CA THR A 185 -12.70 50.01 7.41
C THR A 185 -13.55 48.76 7.56
N GLU A 186 -13.96 48.14 6.46
CA GLU A 186 -14.58 46.83 6.50
C GLU A 186 -13.56 45.81 6.04
N ARG A 187 -13.33 44.79 6.86
CA ARG A 187 -12.16 43.97 6.55
C ARG A 187 -12.30 42.58 7.15
N ILE A 188 -11.51 41.67 6.59
CA ILE A 188 -11.36 40.32 7.14
C ILE A 188 -10.60 40.41 8.46
N LEU A 189 -11.15 39.77 9.50
CA LEU A 189 -10.50 39.76 10.81
C LEU A 189 -9.89 38.42 11.19
N ASP A 190 -10.35 37.31 10.63
CA ASP A 190 -9.89 35.99 11.00
C ASP A 190 -10.44 35.02 9.97
N TYR A 191 -9.78 33.88 9.84
CA TYR A 191 -10.30 32.76 9.08
C TYR A 191 -9.72 31.48 9.67
N SER A 192 -10.35 30.36 9.31
CA SER A 192 -9.87 29.06 9.76
C SER A 192 -10.00 28.07 8.62
N VAL A 193 -9.13 27.05 8.63
CA VAL A 193 -9.19 25.94 7.68
C VAL A 193 -9.11 24.62 8.44
N LYS A 194 -9.76 23.61 7.86
CA LYS A 194 -9.84 22.27 8.42
C LYS A 194 -9.79 21.32 7.22
N HIS A 195 -8.88 20.35 7.25
CA HIS A 195 -8.56 19.56 6.06
C HIS A 195 -9.11 18.15 6.18
N ARG A 196 -9.65 17.63 5.07
CA ARG A 196 -10.14 16.26 4.98
C ARG A 196 -9.59 15.60 3.73
N LEU A 197 -9.11 14.36 3.87
CA LEU A 197 -8.58 13.63 2.72
C LEU A 197 -9.68 12.82 2.05
N THR A 198 -9.68 12.82 0.72
CA THR A 198 -10.64 12.06 -0.07
C THR A 198 -9.92 11.41 -1.24
N ALA A 199 -10.65 10.55 -1.96
CA ALA A 199 -10.06 9.80 -3.06
C ALA A 199 -9.71 10.70 -4.24
N GLU A 200 -10.50 11.74 -4.51
CA GLU A 200 -10.11 12.70 -5.53
C GLU A 200 -9.06 13.68 -5.03
N GLY A 201 -8.85 13.76 -3.72
CA GLY A 201 -7.85 14.66 -3.17
C GLY A 201 -8.19 15.10 -1.78
N ALA A 202 -8.55 16.38 -1.64
CA ALA A 202 -8.82 16.91 -0.31
C ALA A 202 -9.91 17.95 -0.40
N GLU A 203 -10.62 18.15 0.71
CA GLU A 203 -11.54 19.26 0.88
C GLU A 203 -11.11 20.10 2.08
N VAL A 204 -11.17 21.41 1.91
CA VAL A 204 -10.81 22.35 2.98
C VAL A 204 -12.08 23.04 3.44
N ASP A 205 -12.49 22.79 4.68
CA ASP A 205 -13.60 23.54 5.26
C ASP A 205 -13.05 24.82 5.87
N TYR A 206 -13.70 25.95 5.56
CA TYR A 206 -13.21 27.24 5.99
C TYR A 206 -14.32 28.03 6.68
N THR A 207 -13.88 29.02 7.46
CA THR A 207 -14.74 30.09 7.94
C THR A 207 -13.96 31.40 7.86
N VAL A 208 -14.70 32.48 7.61
CA VAL A 208 -14.13 33.82 7.55
C VAL A 208 -14.94 34.70 8.49
N THR A 209 -14.25 35.52 9.27
CA THR A 209 -14.84 36.53 10.12
C THR A 209 -14.51 37.91 9.55
N THR A 210 -15.54 38.72 9.35
CA THR A 210 -15.34 40.13 9.00
C THR A 210 -16.06 41.01 10.01
N ASN A 211 -15.84 42.32 9.90
CA ASN A 211 -16.61 43.29 10.67
C ASN A 211 -17.73 43.92 9.85
N GLY A 212 -18.20 43.26 8.81
CA GLY A 212 -19.28 43.79 7.96
C GLY A 212 -20.16 42.71 7.36
N ASP A 213 -21.04 43.11 6.44
CA ASP A 213 -21.96 42.16 5.83
C ASP A 213 -21.80 42.03 4.33
N HIS A 214 -20.82 42.69 3.73
CA HIS A 214 -20.63 42.50 2.30
C HIS A 214 -20.15 41.07 2.03
N GLU A 215 -20.33 40.65 0.78
CA GLU A 215 -20.09 39.27 0.38
C GLU A 215 -18.62 38.89 0.53
N VAL A 216 -18.37 37.65 0.94
CA VAL A 216 -17.04 37.09 1.05
C VAL A 216 -16.87 35.97 0.02
N THR A 217 -15.74 35.98 -0.68
CA THR A 217 -15.30 34.87 -1.53
C THR A 217 -13.93 34.36 -1.06
N VAL A 218 -13.68 33.07 -1.30
CA VAL A 218 -12.42 32.41 -1.00
C VAL A 218 -11.95 31.67 -2.24
N GLU A 219 -10.73 31.96 -2.68
CA GLU A 219 -10.14 31.30 -3.83
C GLU A 219 -8.81 30.65 -3.42
N LEU A 220 -8.54 29.48 -3.98
CA LEU A 220 -7.33 28.73 -3.69
C LEU A 220 -6.56 28.51 -4.99
N TYR A 221 -5.30 28.93 -5.00
CA TYR A 221 -4.44 28.87 -6.19
C TYR A 221 -3.25 27.96 -5.96
N ASP A 222 -2.95 27.16 -6.99
CA ASP A 222 -1.70 26.42 -7.09
C ASP A 222 -0.79 27.30 -7.93
N GLY A 223 0.09 28.05 -7.28
CA GLY A 223 0.77 29.10 -8.01
C GLY A 223 -0.27 30.09 -8.48
N THR A 224 -0.26 30.39 -9.78
CA THR A 224 -1.22 31.31 -10.40
C THR A 224 -2.46 30.61 -10.95
N THR A 225 -2.61 29.30 -10.73
CA THR A 225 -3.73 28.54 -11.27
C THR A 225 -4.79 28.37 -10.19
N LYS A 226 -6.00 28.84 -10.46
CA LYS A 226 -7.09 28.60 -9.52
C LYS A 226 -7.43 27.12 -9.49
N VAL A 227 -7.68 26.59 -8.30
CA VAL A 227 -8.01 25.17 -8.17
C VAL A 227 -9.30 24.98 -7.38
N ALA A 228 -9.78 26.05 -6.74
CA ALA A 228 -11.00 25.97 -5.96
C ALA A 228 -11.50 27.39 -5.68
N GLU A 229 -12.81 27.52 -5.51
CA GLU A 229 -13.41 28.79 -5.11
C GLU A 229 -14.73 28.51 -4.43
N ALA A 230 -15.12 29.40 -3.53
CA ALA A 230 -16.41 29.34 -2.88
C ALA A 230 -16.84 30.75 -2.54
N THR A 231 -18.11 30.90 -2.24
CA THR A 231 -18.68 32.17 -1.81
C THR A 231 -19.37 31.96 -0.47
N GLY A 232 -19.23 32.93 0.42
CA GLY A 232 -19.83 32.86 1.73
C GLY A 232 -18.78 32.76 2.83
N LYS A 233 -19.20 33.14 4.04
CA LYS A 233 -18.29 33.15 5.18
C LYS A 233 -18.00 31.76 5.73
N GLU A 234 -18.78 30.76 5.35
CA GLU A 234 -18.46 29.37 5.66
C GLU A 234 -18.64 28.57 4.40
N GLY A 235 -17.71 27.65 4.13
CA GLY A 235 -17.80 26.89 2.91
C GLY A 235 -16.79 25.76 2.89
N THR A 236 -16.68 25.14 1.72
CA THR A 236 -15.76 24.02 1.52
C THR A 236 -15.09 24.20 0.17
N LEU A 237 -13.79 24.00 0.13
CA LEU A 237 -13.03 24.04 -1.12
C LEU A 237 -12.63 22.61 -1.49
N VAL A 238 -13.17 22.12 -2.60
CA VAL A 238 -12.83 20.80 -3.13
C VAL A 238 -11.58 20.95 -3.99
N VAL A 239 -10.51 20.22 -3.65
CA VAL A 239 -9.24 20.36 -4.33
C VAL A 239 -8.90 19.01 -4.98
N LYS A 240 -9.08 18.93 -6.30
CA LYS A 240 -8.77 17.72 -7.03
C LYS A 240 -7.27 17.46 -7.07
N ASP A 241 -6.89 16.20 -6.83
CA ASP A 241 -5.49 15.79 -6.90
C ASP A 241 -4.62 16.72 -6.05
N ALA A 242 -5.06 16.95 -4.82
CA ALA A 242 -4.37 17.86 -3.92
C ALA A 242 -2.95 17.39 -3.65
N LYS A 243 -2.00 18.30 -3.83
CA LYS A 243 -0.63 18.08 -3.39
C LYS A 243 -0.57 18.31 -1.88
N LEU A 244 -0.47 17.24 -1.11
CA LEU A 244 -0.53 17.34 0.33
C LEU A 244 0.77 17.85 0.93
N TRP A 245 0.66 18.54 2.06
CA TRP A 245 1.82 18.99 2.83
C TRP A 245 2.40 17.79 3.60
N ASN A 246 3.69 17.50 3.39
CA ASN A 246 4.32 16.37 4.06
C ASN A 246 5.63 16.76 4.74
N VAL A 247 6.06 15.91 5.69
CA VAL A 247 7.33 16.12 6.39
C VAL A 247 8.48 16.13 5.40
N HIS A 248 9.30 17.19 5.44
CA HIS A 248 10.42 17.40 4.52
C HIS A 248 9.98 17.42 3.07
N ALA A 249 8.68 17.54 2.82
CA ALA A 249 8.13 17.59 1.48
C ALA A 249 6.92 18.51 1.51
N ALA A 250 7.16 19.78 1.82
CA ALA A 250 6.05 20.72 1.97
C ALA A 250 5.47 21.09 0.61
N TYR A 251 4.20 21.41 0.61
CA TYR A 251 3.56 22.03 -0.55
C TYR A 251 2.55 23.03 -0.02
N LEU A 252 2.59 24.26 -0.54
CA LEU A 252 1.79 25.37 -0.03
C LEU A 252 0.93 25.93 -1.17
N TYR A 253 -0.39 25.94 -0.96
CA TYR A 253 -1.31 26.65 -1.84
C TYR A 253 -1.43 28.10 -1.37
N ASN A 254 -1.92 28.95 -2.27
CA ASN A 254 -2.16 30.35 -1.97
C ASN A 254 -3.66 30.56 -1.80
N ILE A 255 -4.09 30.97 -0.60
CA ILE A 255 -5.49 31.30 -0.35
C ILE A 255 -5.70 32.80 -0.49
N VAL A 256 -6.77 33.17 -1.17
CA VAL A 256 -7.11 34.57 -1.42
C VAL A 256 -8.53 34.80 -0.93
N ILE A 257 -8.69 35.59 0.11
CA ILE A 257 -10.00 35.92 0.68
C ILE A 257 -10.33 37.36 0.34
N ARG A 258 -11.55 37.58 -0.15
CA ARG A 258 -11.98 38.90 -0.60
C ARG A 258 -13.37 39.24 -0.08
N ILE A 259 -13.55 40.51 0.30
CA ILE A 259 -14.85 41.10 0.49
C ILE A 259 -15.20 41.85 -0.78
N HIS A 260 -16.42 41.64 -1.29
CA HIS A 260 -16.87 42.29 -2.51
C HIS A 260 -18.02 43.27 -2.22
N ASP A 261 -17.96 44.44 -2.86
CA ASP A 261 -19.08 45.37 -2.89
C ASP A 261 -19.40 45.59 -4.36
N GLY A 262 -20.32 44.79 -4.87
CA GLY A 262 -20.60 44.79 -6.29
C GLY A 262 -19.36 44.45 -7.09
N SER A 263 -18.87 45.43 -7.83
CA SER A 263 -17.72 45.26 -8.72
C SER A 263 -16.40 45.56 -8.05
N ALA A 264 -16.42 46.11 -6.84
CA ALA A 264 -15.22 46.53 -6.13
C ALA A 264 -14.78 45.47 -5.13
N VAL A 265 -13.47 45.31 -4.97
CA VAL A 265 -12.93 44.47 -3.91
C VAL A 265 -12.73 45.36 -2.67
N VAL A 266 -13.48 45.07 -1.61
CA VAL A 266 -13.40 45.89 -0.41
C VAL A 266 -12.15 45.55 0.39
N ASP A 267 -11.83 44.27 0.53
CA ASP A 267 -10.66 43.83 1.27
C ASP A 267 -10.12 42.58 0.61
N GLU A 268 -8.80 42.43 0.68
CA GLU A 268 -8.14 41.20 0.24
C GLU A 268 -7.12 40.78 1.29
N TYR A 269 -7.20 39.52 1.72
CA TYR A 269 -6.20 38.90 2.58
C TYR A 269 -5.66 37.63 1.94
N THR A 270 -4.34 37.45 1.98
CA THR A 270 -3.68 36.33 1.34
C THR A 270 -2.74 35.63 2.32
N GLU A 271 -2.60 34.31 2.17
CA GLU A 271 -1.69 33.52 2.99
C GLU A 271 -1.39 32.18 2.30
N LYS A 272 -0.22 31.63 2.59
CA LYS A 272 0.08 30.26 2.20
C LYS A 272 -0.67 29.30 3.09
N VAL A 273 -1.17 28.21 2.51
CA VAL A 273 -1.87 27.19 3.27
C VAL A 273 -1.34 25.83 2.84
N GLY A 274 -1.02 24.99 3.82
CA GLY A 274 -0.67 23.61 3.56
C GLY A 274 -1.82 22.69 3.95
N ILE A 275 -2.15 21.78 3.03
CA ILE A 275 -3.23 20.83 3.25
C ILE A 275 -2.64 19.54 3.83
N ARG A 276 -3.04 19.19 5.04
CA ARG A 276 -2.62 17.94 5.67
C ARG A 276 -3.53 17.67 6.85
N THR A 277 -3.68 16.39 7.18
CA THR A 277 -4.37 15.98 8.38
C THR A 277 -3.36 15.46 9.40
N PHE A 278 -3.66 15.67 10.68
CA PHE A 278 -2.85 15.16 11.75
C PHE A 278 -3.77 14.68 12.86
N GLU A 279 -3.48 13.51 13.43
CA GLU A 279 -4.34 12.93 14.45
C GLU A 279 -3.58 11.81 15.15
N ILE A 280 -4.01 11.51 16.37
CA ILE A 280 -3.55 10.34 17.09
C ILE A 280 -4.51 9.20 16.83
N LYS A 281 -3.98 8.03 16.44
CA LYS A 281 -4.81 6.85 16.32
C LYS A 281 -3.97 5.60 16.56
N ASP A 282 -4.52 4.66 17.33
CA ASP A 282 -3.83 3.40 17.63
C ASP A 282 -2.48 3.65 18.31
N GLY A 283 -2.41 4.69 19.14
CA GLY A 283 -1.19 5.04 19.82
C GLY A 283 -0.09 5.57 18.94
N HIS A 284 -0.43 6.09 17.77
CA HIS A 284 0.56 6.64 16.84
C HIS A 284 0.11 8.02 16.40
N PHE A 285 1.08 8.81 15.96
CA PHE A 285 0.81 10.09 15.31
C PHE A 285 0.63 9.84 13.81
N LEU A 286 -0.53 10.18 13.28
CA LEU A 286 -0.82 10.00 11.87
C LEU A 286 -0.81 11.35 11.15
N LEU A 287 0.12 11.51 10.22
CA LEU A 287 0.15 12.66 9.34
C LEU A 287 -0.29 12.19 7.95
N ASN A 288 -1.42 12.72 7.48
CA ASN A 288 -1.98 12.30 6.19
C ASN A 288 -2.22 10.79 6.19
N GLY A 289 -2.69 10.26 7.31
CA GLY A 289 -3.07 8.88 7.40
C GLY A 289 -1.96 7.90 7.77
N LYS A 290 -0.66 8.32 7.66
CA LYS A 290 0.48 7.45 7.91
C LYS A 290 1.30 7.89 9.13
N PRO A 291 1.79 6.95 9.92
CA PRO A 291 2.43 7.32 11.19
C PRO A 291 3.79 7.98 10.98
N VAL A 292 4.11 8.89 11.90
CA VAL A 292 5.41 9.57 11.91
C VAL A 292 6.00 9.45 13.31
N TYR A 293 7.30 9.13 13.37
CA TYR A 293 8.04 9.14 14.61
C TYR A 293 8.71 10.50 14.74
N LEU A 294 8.32 11.28 15.76
CA LEU A 294 8.84 12.64 15.88
C LEU A 294 10.29 12.62 16.40
N ARG A 295 11.12 13.46 15.81
CA ARG A 295 12.50 13.58 16.26
C ARG A 295 12.94 15.03 16.10
N GLY A 296 13.65 15.53 17.07
CA GLY A 296 14.05 16.93 17.00
C GLY A 296 14.41 17.53 18.32
N PHE A 297 13.95 18.76 18.53
CA PHE A 297 14.44 19.58 19.65
C PHE A 297 13.41 20.44 20.38
N GLY A 298 13.85 20.80 21.55
CA GLY A 298 13.34 21.94 22.32
C GLY A 298 14.22 23.09 21.84
N LYS A 299 13.64 24.18 21.37
CA LYS A 299 14.50 25.30 20.97
C LYS A 299 14.38 26.42 22.01
N HIS A 300 14.86 27.57 21.61
CA HIS A 300 14.70 28.85 22.31
C HIS A 300 14.87 29.95 21.26
N GLU A 301 14.17 31.05 21.44
CA GLU A 301 14.49 32.24 20.65
C GLU A 301 15.65 32.92 21.36
N ASP A 302 16.86 32.59 20.94
CA ASP A 302 18.05 32.99 21.67
C ASP A 302 19.24 33.02 20.72
N ALA A 303 19.99 34.12 20.75
CA ALA A 303 21.20 34.27 19.95
C ALA A 303 22.12 35.28 20.61
N ASP A 304 23.39 35.26 20.20
CA ASP A 304 24.37 36.25 20.66
C ASP A 304 23.87 37.66 20.40
N ILE A 305 24.10 38.55 21.37
CA ILE A 305 23.92 39.99 21.21
C ILE A 305 22.45 40.42 21.30
N ARG A 306 21.56 39.81 20.52
CA ARG A 306 20.20 40.30 20.33
C ARG A 306 19.17 39.71 21.29
N GLY A 307 19.57 38.87 22.26
CA GLY A 307 18.59 38.22 23.12
C GLY A 307 17.58 37.40 22.32
N ARG A 308 16.29 37.72 22.49
CA ARG A 308 15.21 37.04 21.77
C ARG A 308 14.81 37.76 20.50
N GLY A 309 15.58 38.75 20.07
CA GLY A 309 15.26 39.45 18.85
C GLY A 309 15.15 38.51 17.67
N LEU A 310 14.08 38.68 16.90
CA LEU A 310 13.97 37.98 15.62
C LEU A 310 15.16 38.31 14.73
N ASP A 311 15.77 37.29 14.15
CA ASP A 311 16.83 37.46 13.16
C ASP A 311 16.67 36.39 12.09
N LEU A 312 16.24 36.80 10.88
CA LEU A 312 16.01 35.82 9.82
C LEU A 312 17.28 35.07 9.42
N ALA A 313 18.45 35.71 9.52
CA ALA A 313 19.69 34.99 9.24
C ALA A 313 19.85 33.80 10.18
N THR A 314 19.64 34.00 11.48
CA THR A 314 19.79 32.90 12.41
C THR A 314 18.71 31.84 12.17
N VAL A 315 17.50 32.28 11.82
CA VAL A 315 16.42 31.33 11.55
C VAL A 315 16.78 30.42 10.38
N LYS A 316 17.26 31.01 9.29
CA LYS A 316 17.64 30.24 8.11
C LYS A 316 18.72 29.23 8.45
N ARG A 317 19.74 29.66 9.19
CA ARG A 317 20.80 28.76 9.59
C ARG A 317 20.27 27.63 10.45
N ASP A 318 19.35 27.93 11.38
CA ASP A 318 18.81 26.89 12.25
C ASP A 318 18.08 25.83 11.43
N TYR A 319 17.30 26.25 10.42
CA TYR A 319 16.60 25.28 9.59
C TYR A 319 17.58 24.47 8.75
N GLU A 320 18.62 25.09 8.22
CA GLU A 320 19.63 24.32 7.50
C GLU A 320 20.22 23.24 8.42
N LEU A 321 20.49 23.59 9.69
CA LEU A 321 21.06 22.61 10.61
C LEU A 321 20.06 21.51 10.95
N MET A 322 18.79 21.85 11.18
CA MET A 322 17.81 20.82 11.50
C MET A 322 17.60 19.87 10.32
N LYS A 323 17.66 20.40 9.09
CA LYS A 323 17.55 19.52 7.93
C LYS A 323 18.75 18.60 7.82
N TRP A 324 19.95 19.15 8.03
CA TRP A 324 21.16 18.36 7.95
C TRP A 324 21.17 17.25 9.00
N ILE A 325 20.66 17.54 10.21
CA ILE A 325 20.72 16.56 11.29
C ILE A 325 19.59 15.53 11.19
N GLY A 326 18.62 15.73 10.32
CA GLY A 326 17.53 14.78 10.18
C GLY A 326 16.38 15.00 11.13
N ALA A 327 16.29 16.17 11.74
CA ALA A 327 15.15 16.48 12.58
C ALA A 327 13.92 16.71 11.72
N ASN A 328 12.75 16.39 12.29
CA ASN A 328 11.49 16.74 11.63
C ASN A 328 10.52 17.51 12.51
N CYS A 329 10.92 17.87 13.74
CA CYS A 329 9.96 18.45 14.67
C CYS A 329 10.68 19.30 15.73
N PHE A 330 10.01 20.35 16.20
CA PHE A 330 10.51 21.02 17.41
C PHE A 330 9.35 21.66 18.17
N ARG A 331 9.55 21.82 19.48
CA ARG A 331 8.60 22.48 20.37
C ARG A 331 9.07 23.93 20.58
N THR A 332 8.11 24.86 20.63
CA THR A 332 8.41 26.27 20.93
C THR A 332 8.58 26.47 22.44
N SER A 333 9.60 25.82 22.99
CA SER A 333 9.92 26.01 24.39
C SER A 333 10.47 27.42 24.60
N HIS A 334 9.97 28.14 25.61
CA HIS A 334 8.78 27.85 26.40
C HIS A 334 7.81 29.05 26.27
N TYR A 335 7.50 29.39 25.03
CA TYR A 335 6.66 30.53 24.70
C TYR A 335 6.43 30.51 23.19
N PRO A 336 5.32 31.03 22.69
CA PRO A 336 5.15 31.11 21.24
C PRO A 336 6.29 31.91 20.62
N TYR A 337 6.75 31.47 19.46
CA TYR A 337 7.82 32.15 18.76
C TYR A 337 7.25 33.21 17.83
N ALA A 338 8.16 34.00 17.23
CA ALA A 338 7.76 34.90 16.15
C ALA A 338 7.13 34.12 15.00
N GLU A 339 6.12 34.74 14.36
CA GLU A 339 5.39 34.09 13.27
C GLU A 339 6.31 33.58 12.18
N GLU A 340 7.40 34.32 11.90
CA GLU A 340 8.30 33.96 10.82
C GLU A 340 8.89 32.55 11.00
N LEU A 341 8.97 32.07 12.24
CA LEU A 341 9.52 30.73 12.46
C LEU A 341 8.52 29.64 12.04
N TYR A 342 7.23 29.88 12.25
CA TYR A 342 6.22 28.95 11.75
C TYR A 342 6.13 29.00 10.22
N GLN A 343 6.21 30.21 9.64
CA GLN A 343 6.14 30.31 8.19
C GLN A 343 7.26 29.50 7.53
N MET A 344 8.47 29.56 8.09
CA MET A 344 9.56 28.80 7.49
C MET A 344 9.35 27.30 7.72
N ALA A 345 8.76 26.91 8.85
CA ALA A 345 8.44 25.50 9.05
C ALA A 345 7.40 25.04 8.04
N ASP A 346 6.44 25.89 7.72
CA ASP A 346 5.48 25.57 6.67
C ASP A 346 6.20 25.29 5.35
N GLU A 347 7.21 26.09 5.03
CA GLU A 347 7.90 25.94 3.74
C GLU A 347 8.86 24.75 3.76
N GLU A 348 9.40 24.37 4.90
CA GLU A 348 10.45 23.35 4.93
C GLU A 348 9.93 21.99 5.35
N GLY A 349 8.65 21.87 5.69
CA GLY A 349 8.10 20.59 6.10
C GLY A 349 8.54 20.15 7.48
N PHE A 350 8.48 21.03 8.47
CA PHE A 350 8.76 20.69 9.85
C PHE A 350 7.48 20.72 10.68
N LEU A 351 7.41 19.82 11.67
CA LEU A 351 6.29 19.79 12.61
C LEU A 351 6.62 20.58 13.88
N ILE A 352 5.61 21.29 14.41
CA ILE A 352 5.79 22.17 15.56
C ILE A 352 4.76 21.80 16.63
N ILE A 353 5.25 21.61 17.86
CA ILE A 353 4.42 21.63 19.05
C ILE A 353 4.44 23.06 19.62
N ASP A 354 3.29 23.71 19.63
CA ASP A 354 3.17 25.13 20.00
C ASP A 354 2.92 25.25 21.50
N GLU A 355 3.75 26.04 22.19
CA GLU A 355 3.74 26.09 23.65
C GLU A 355 3.52 27.52 24.16
N VAL A 356 2.60 27.70 25.10
CA VAL A 356 2.42 29.01 25.74
C VAL A 356 3.43 29.15 26.87
N PRO A 357 3.65 30.37 27.39
CA PRO A 357 4.69 30.57 28.42
C PRO A 357 4.27 30.21 29.83
N ALA A 358 3.53 29.12 30.00
CA ALA A 358 3.12 28.67 31.34
C ALA A 358 4.24 27.78 31.93
N VAL A 359 5.38 28.42 32.18
CA VAL A 359 6.54 27.77 32.76
C VAL A 359 6.86 28.48 34.07
N GLY A 360 7.40 27.73 35.04
CA GLY A 360 7.69 28.27 36.35
C GLY A 360 6.64 28.01 37.41
N PHE A 361 5.63 27.19 37.13
CA PHE A 361 4.54 26.97 38.08
C PHE A 361 4.93 25.88 39.09
N MET A 362 6.02 26.13 39.82
CA MET A 362 6.63 25.11 40.68
C MET A 362 7.33 25.77 41.86
N GLU A 363 8.00 24.94 42.67
CA GLU A 363 8.61 25.36 43.92
C GLU A 363 9.92 24.59 44.14
N SER A 364 10.94 24.93 43.35
CA SER A 364 12.23 24.25 43.41
C SER A 364 13.40 25.20 43.15
N VAL A 379 2.24 25.28 50.57
CA VAL A 379 1.04 25.38 49.73
C VAL A 379 1.35 25.00 48.29
N GLY A 380 0.61 24.03 47.75
CA GLY A 380 0.82 23.63 46.37
C GLY A 380 0.55 24.78 45.41
N TRP A 381 1.23 24.73 44.25
CA TRP A 381 1.18 25.87 43.35
C TRP A 381 -0.25 26.25 42.99
N PHE A 382 -1.09 25.25 42.73
CA PHE A 382 -2.43 25.50 42.24
C PHE A 382 -3.43 25.70 43.37
N GLU A 383 -2.95 25.85 44.62
CA GLU A 383 -3.75 26.36 45.71
C GLU A 383 -3.39 27.78 46.10
N LYS A 384 -2.41 28.39 45.44
CA LYS A 384 -2.04 29.76 45.83
C LYS A 384 -3.23 30.70 45.63
N GLU A 385 -3.27 31.73 46.46
CA GLU A 385 -4.37 32.70 46.39
C GLU A 385 -4.47 33.38 45.03
N THR A 386 -3.37 33.48 44.31
CA THR A 386 -3.37 34.18 43.02
C THR A 386 -3.75 33.27 41.85
N THR A 387 -4.15 32.04 42.12
CA THR A 387 -4.40 31.12 41.01
C THR A 387 -5.46 31.63 40.05
N PRO A 388 -6.58 32.21 40.50
CA PRO A 388 -7.57 32.71 39.52
C PRO A 388 -7.03 33.78 38.58
N GLN A 389 -6.12 34.66 39.05
CA GLN A 389 -5.56 35.63 38.12
C GLN A 389 -4.56 34.98 37.16
N LEU A 390 -3.80 34.00 37.64
CA LEU A 390 -2.92 33.25 36.75
C LEU A 390 -3.73 32.56 35.67
N LEU A 391 -4.80 31.88 36.06
CA LEU A 391 -5.62 31.16 35.08
C LEU A 391 -6.18 32.10 34.02
N ALA A 392 -6.52 33.34 34.41
CA ALA A 392 -7.02 34.29 33.42
C ALA A 392 -5.93 34.68 32.43
N ASN A 393 -4.71 34.93 32.92
CA ASN A 393 -3.63 35.21 31.99
C ASN A 393 -3.29 33.99 31.14
N HIS A 394 -3.47 32.78 31.70
CA HIS A 394 -3.19 31.54 30.96
C HIS A 394 -4.21 31.32 29.85
N LYS A 395 -5.51 31.52 30.14
CA LYS A 395 -6.53 31.42 29.10
C LYS A 395 -6.30 32.44 27.99
N ASP A 396 -5.93 33.67 28.34
CA ASP A 396 -5.66 34.67 27.31
C ASP A 396 -4.53 34.21 26.39
N ALA A 397 -3.41 33.77 26.96
CA ALA A 397 -2.28 33.30 26.16
C ALA A 397 -2.71 32.14 25.28
N LEU A 398 -3.35 31.13 25.86
CA LEU A 398 -3.81 29.98 25.09
C LEU A 398 -4.71 30.41 23.94
N THR A 399 -5.65 31.32 24.20
CA THR A 399 -6.57 31.81 23.16
C THR A 399 -5.80 32.56 22.07
N ASP A 400 -4.89 33.47 22.44
CA ASP A 400 -4.17 34.20 21.40
C ASP A 400 -3.23 33.29 20.60
N MET A 401 -2.63 32.27 21.24
CA MET A 401 -1.71 31.39 20.52
C MET A 401 -2.47 30.55 19.50
N ILE A 402 -3.53 29.88 19.93
CA ILE A 402 -4.31 29.10 18.97
C ILE A 402 -4.88 30.02 17.90
N GLY A 403 -5.39 31.19 18.31
CA GLY A 403 -5.90 32.13 17.33
C GLY A 403 -4.87 32.55 16.29
N ARG A 404 -3.62 32.75 16.72
CA ARG A 404 -2.61 33.23 15.79
C ARG A 404 -2.10 32.12 14.88
N ASP A 405 -1.99 30.90 15.39
CA ASP A 405 -1.22 29.86 14.73
C ASP A 405 -2.04 28.71 14.15
N LYS A 406 -3.36 28.71 14.33
CA LYS A 406 -4.16 27.52 14.04
C LYS A 406 -4.07 27.07 12.57
N ASN A 407 -3.76 27.97 11.65
CA ASN A 407 -3.82 27.63 10.23
C ASN A 407 -2.48 27.15 9.66
N HIS A 408 -1.41 27.15 10.47
CA HIS A 408 -0.13 26.62 10.00
C HIS A 408 -0.22 25.11 9.84
N ALA A 409 0.07 24.61 8.63
CA ALA A 409 0.27 23.18 8.44
C ALA A 409 1.28 22.59 9.42
N SER A 410 2.32 23.36 9.78
CA SER A 410 3.40 22.79 10.60
C SER A 410 2.97 22.55 12.05
N VAL A 411 2.02 23.34 12.56
CA VAL A 411 1.57 23.20 13.94
C VAL A 411 0.63 22.00 14.03
N ILE A 412 0.99 21.02 14.86
CA ILE A 412 0.20 19.81 14.96
C ILE A 412 -0.15 19.45 16.39
N ALA A 413 0.23 20.28 17.37
CA ALA A 413 -0.08 19.96 18.74
C ALA A 413 0.09 21.20 19.60
N TRP A 414 -0.63 21.20 20.71
CA TRP A 414 -0.63 22.31 21.65
C TRP A 414 -0.03 21.82 22.96
N SER A 415 0.99 22.52 23.45
CA SER A 415 1.57 22.25 24.76
C SER A 415 1.16 23.35 25.71
N ILE A 416 0.44 22.98 26.75
CA ILE A 416 -0.30 23.97 27.53
C ILE A 416 0.51 24.43 28.75
N LEU A 417 1.42 23.57 29.24
CA LEU A 417 2.32 23.94 30.34
C LEU A 417 3.69 23.29 30.14
N ASN A 418 4.72 23.86 30.78
CA ASN A 418 6.02 23.21 30.90
C ASN A 418 6.33 23.00 32.39
N GLU A 419 6.45 21.74 32.77
CA GLU A 419 6.84 21.36 34.13
C GLU A 419 6.04 22.10 35.22
N PRO A 420 4.72 22.03 35.19
CA PRO A 420 3.93 22.52 36.32
C PRO A 420 3.97 21.54 37.48
N GLN A 421 3.60 22.03 38.67
CA GLN A 421 3.49 21.16 39.85
C GLN A 421 2.15 20.41 39.81
N CYS A 422 2.05 19.49 38.83
CA CYS A 422 0.79 18.77 38.58
C CYS A 422 0.49 17.69 39.66
N THR A 423 1.28 17.63 40.72
CA THR A 423 0.94 16.90 41.94
C THR A 423 0.19 17.76 42.95
N SER A 424 0.08 19.06 42.72
CA SER A 424 -0.56 19.96 43.68
C SER A 424 -2.06 19.80 43.68
N GLU A 425 -2.67 19.91 44.86
CA GLU A 425 -4.11 20.12 44.93
C GLU A 425 -4.51 21.31 44.08
N GLY A 426 -5.66 21.19 43.41
CA GLY A 426 -6.13 22.22 42.50
C GLY A 426 -5.72 22.03 41.05
N THR A 427 -4.87 21.05 40.76
CA THR A 427 -4.42 20.78 39.40
C THR A 427 -5.60 20.48 38.48
N GLU A 428 -6.52 19.62 38.92
CA GLU A 428 -7.54 19.08 38.03
C GLU A 428 -8.44 20.18 37.48
N ALA A 429 -8.92 21.07 38.34
CA ALA A 429 -9.83 22.11 37.85
C ALA A 429 -9.10 23.09 36.93
N TYR A 430 -7.91 23.55 37.33
CA TYR A 430 -7.07 24.39 36.48
C TYR A 430 -6.85 23.72 35.12
N PHE A 431 -6.40 22.45 35.12
CA PHE A 431 -6.08 21.79 33.86
C PHE A 431 -7.32 21.57 33.00
N LYS A 432 -8.43 21.15 33.62
CA LYS A 432 -9.61 20.85 32.83
C LYS A 432 -10.07 22.09 32.05
N THR A 433 -10.09 23.25 32.72
CA THR A 433 -10.45 24.49 32.04
C THR A 433 -9.59 24.72 30.81
N LEU A 434 -8.26 24.58 30.96
CA LEU A 434 -7.39 24.90 29.84
C LEU A 434 -7.47 23.85 28.74
N PHE A 435 -7.59 22.57 29.10
CA PHE A 435 -7.64 21.55 28.05
C PHE A 435 -8.97 21.58 27.31
N ASP A 436 -10.08 21.78 28.02
CA ASP A 436 -11.36 21.99 27.34
C ASP A 436 -11.28 23.20 26.41
N LEU A 437 -10.66 24.29 26.88
CA LEU A 437 -10.56 25.48 26.05
C LEU A 437 -9.77 25.19 24.77
N ALA A 438 -8.64 24.50 24.89
CA ALA A 438 -7.87 24.15 23.70
C ALA A 438 -8.71 23.35 22.70
N HIS A 439 -9.56 22.45 23.20
CA HIS A 439 -10.41 21.68 22.29
C HIS A 439 -11.44 22.56 21.60
N GLU A 440 -12.04 23.50 22.32
CA GLU A 440 -13.10 24.32 21.74
C GLU A 440 -12.54 25.33 20.75
N LEU A 441 -11.36 25.88 21.03
CA LEU A 441 -10.80 26.93 20.17
C LEU A 441 -10.20 26.42 18.86
N ASP A 442 -9.72 25.18 18.79
CA ASP A 442 -8.99 24.73 17.61
C ASP A 442 -9.96 24.06 16.63
N PRO A 443 -10.23 24.66 15.48
CA PRO A 443 -11.09 23.98 14.50
C PRO A 443 -10.58 22.63 14.07
N GLN A 444 -9.27 22.37 14.19
CA GLN A 444 -8.73 21.09 13.75
C GLN A 444 -8.63 20.07 14.88
N LYS A 445 -8.89 20.48 16.12
CA LYS A 445 -8.87 19.59 17.28
C LYS A 445 -7.55 18.81 17.38
N ARG A 446 -6.44 19.53 17.30
CA ARG A 446 -5.13 18.90 17.41
C ARG A 446 -4.88 18.38 18.82
N PRO A 447 -4.03 17.36 18.95
CA PRO A 447 -3.75 16.79 20.28
C PRO A 447 -3.16 17.83 21.22
N ARG A 448 -3.41 17.63 22.51
CA ARG A 448 -2.98 18.52 23.57
C ARG A 448 -2.07 17.77 24.53
N THR A 449 -1.06 18.46 25.06
CA THR A 449 -0.09 17.84 25.97
C THR A 449 0.44 18.92 26.91
N TYR A 450 1.32 18.50 27.81
CA TYR A 450 2.16 19.41 28.60
C TYR A 450 3.39 18.62 29.04
N ALA A 451 4.50 19.34 29.26
CA ALA A 451 5.76 18.69 29.59
C ALA A 451 5.77 18.35 31.08
N VAL A 452 5.90 17.06 31.39
CA VAL A 452 5.78 16.56 32.76
C VAL A 452 7.14 16.64 33.45
N VAL A 453 7.15 17.18 34.67
CA VAL A 453 8.38 17.36 35.42
C VAL A 453 8.77 16.04 36.08
N MET A 454 10.05 15.95 36.48
CA MET A 454 10.59 14.72 37.04
C MET A 454 9.85 14.29 38.30
N MET A 455 9.47 15.24 39.15
CA MET A 455 8.79 14.86 40.40
C MET A 455 7.39 14.33 40.17
N SER A 456 6.83 14.47 38.98
CA SER A 456 5.47 14.06 38.70
C SER A 456 5.51 12.66 38.08
N LEU A 457 5.12 11.68 38.86
CA LEU A 457 5.22 10.27 38.51
C LEU A 457 3.87 9.74 38.07
N PRO A 458 3.84 8.55 37.45
CA PRO A 458 2.55 7.98 37.03
C PRO A 458 1.57 7.86 38.18
N ASN A 459 2.08 7.58 39.38
CA ASN A 459 1.23 7.31 40.53
C ASN A 459 0.72 8.58 41.19
N ASN A 460 1.45 9.69 41.12
CA ASN A 460 1.06 10.87 41.89
C ASN A 460 0.64 12.06 41.04
N SER A 461 0.75 12.01 39.72
CA SER A 461 0.43 13.17 38.90
C SER A 461 -1.08 13.31 38.74
N LYS A 462 -1.63 14.44 39.17
CA LYS A 462 -3.04 14.73 38.94
C LYS A 462 -3.30 15.30 37.56
N GLY A 463 -2.26 15.65 36.80
CA GLY A 463 -2.44 16.29 35.52
C GLY A 463 -2.35 15.39 34.30
N GLN A 464 -1.54 14.32 34.38
CA GLN A 464 -1.27 13.56 33.17
C GLN A 464 -2.55 13.09 32.51
N GLN A 465 -3.59 12.82 33.31
CA GLN A 465 -4.83 12.29 32.76
C GLN A 465 -5.43 13.18 31.68
N PHE A 466 -5.11 14.48 31.66
CA PHE A 466 -5.77 15.38 30.73
C PHE A 466 -5.14 15.38 29.34
N ALA A 467 -3.94 14.84 29.20
CA ALA A 467 -3.20 14.97 27.95
C ALA A 467 -3.60 13.91 26.95
N ASP A 468 -3.75 14.32 25.69
CA ASP A 468 -3.95 13.34 24.61
C ASP A 468 -2.71 12.50 24.37
N PHE A 469 -1.53 13.04 24.65
CA PHE A 469 -0.31 12.24 24.65
C PHE A 469 0.61 12.80 25.73
N ILE A 470 1.37 11.90 26.34
CA ILE A 470 2.27 12.26 27.44
C ILE A 470 3.60 12.78 26.87
N SER A 471 4.05 13.92 27.40
CA SER A 471 5.38 14.46 27.07
C SER A 471 6.18 14.52 28.36
N LEU A 472 7.30 13.79 28.39
CA LEU A 472 8.14 13.71 29.58
C LEU A 472 9.40 14.54 29.42
N ASN A 473 9.77 15.27 30.46
CA ASN A 473 11.09 15.88 30.60
C ASN A 473 11.86 15.03 31.63
N ARG A 474 12.87 14.29 31.17
CA ARG A 474 13.59 13.42 32.08
C ARG A 474 15.10 13.62 31.92
N TYR A 475 15.81 13.56 33.04
CA TYR A 475 17.25 13.74 33.04
C TYR A 475 17.94 12.61 33.79
N TYR A 476 17.48 11.38 33.55
CA TYR A 476 18.18 10.21 34.05
C TYR A 476 19.57 10.13 33.43
N GLY A 477 20.61 10.25 34.25
CA GLY A 477 21.97 10.35 33.77
C GLY A 477 22.54 11.74 33.79
N TRP A 478 21.76 12.75 34.18
CA TRP A 478 22.30 14.09 34.34
C TRP A 478 21.97 14.60 35.75
N TYR A 479 20.74 15.07 35.98
CA TYR A 479 20.38 15.49 37.34
C TYR A 479 20.17 14.29 38.26
N VAL A 480 19.91 13.11 37.73
CA VAL A 480 19.69 11.91 38.53
C VAL A 480 20.74 10.88 38.15
N MET A 481 21.54 10.46 39.13
CA MET A 481 22.44 9.32 39.00
C MET A 481 23.33 9.44 37.77
N GLY A 482 24.01 10.58 37.67
CA GLY A 482 24.88 10.81 36.53
C GLY A 482 26.24 10.18 36.72
N GLY A 483 27.01 10.19 35.64
CA GLY A 483 28.41 9.77 35.75
C GLY A 483 28.51 8.28 35.95
N MET A 484 29.29 7.88 36.94
CA MET A 484 29.41 6.44 37.21
C MET A 484 28.09 5.83 37.67
N GLY A 485 27.13 6.64 38.14
CA GLY A 485 25.81 6.12 38.43
C GLY A 485 24.87 5.87 37.25
N ILE A 486 25.31 6.07 36.01
CA ILE A 486 24.38 6.01 34.89
C ILE A 486 23.78 4.61 34.71
N VAL A 487 24.46 3.56 35.17
CA VAL A 487 23.83 2.25 35.15
C VAL A 487 22.61 2.23 36.05
N ASP A 488 22.70 2.89 37.22
CA ASP A 488 21.54 3.01 38.09
C ASP A 488 20.49 3.93 37.49
N ALA A 489 20.94 5.02 36.85
CA ALA A 489 19.98 5.91 36.19
C ALA A 489 19.12 5.12 35.19
N GLU A 490 19.74 4.25 34.39
CA GLU A 490 18.98 3.50 33.40
C GLU A 490 18.00 2.56 34.07
N ALA A 491 18.42 1.87 35.12
CA ALA A 491 17.52 0.97 35.83
C ALA A 491 16.33 1.73 36.41
N ALA A 492 16.58 2.91 36.98
CA ALA A 492 15.49 3.74 37.50
C ALA A 492 14.60 4.27 36.39
N PHE A 493 15.21 4.66 35.26
CA PHE A 493 14.43 5.09 34.09
C PHE A 493 13.46 3.98 33.66
N ARG A 494 13.96 2.75 33.52
CA ARG A 494 13.12 1.66 33.08
C ARG A 494 12.01 1.36 34.08
N LYS A 495 12.28 1.51 35.37
CA LYS A 495 11.25 1.28 36.38
C LYS A 495 10.12 2.29 36.24
N GLU A 496 10.45 3.57 36.06
CA GLU A 496 9.40 4.56 35.87
C GLU A 496 8.62 4.30 34.58
N MET A 497 9.33 3.95 33.49
CA MET A 497 8.64 3.69 32.23
C MET A 497 7.65 2.54 32.37
N ASN A 498 8.02 1.50 33.14
CA ASN A 498 7.08 0.43 33.42
C ASN A 498 5.82 0.96 34.11
N GLY A 499 5.97 1.96 34.99
CA GLY A 499 4.81 2.58 35.61
C GLY A 499 3.93 3.35 34.64
N TRP A 500 4.55 4.11 33.72
CA TRP A 500 3.78 4.85 32.72
C TRP A 500 2.96 3.90 31.83
N ALA A 501 3.52 2.72 31.53
CA ALA A 501 2.82 1.75 30.71
C ALA A 501 1.47 1.37 31.30
N GLN A 502 1.30 1.50 32.61
CA GLN A 502 0.09 1.11 33.30
C GLN A 502 -0.97 2.21 33.37
N VAL A 503 -0.65 3.44 32.95
CA VAL A 503 -1.62 4.52 32.98
C VAL A 503 -1.78 5.20 31.63
N LEU A 504 -1.02 4.78 30.61
CA LEU A 504 -1.12 5.43 29.30
C LEU A 504 -2.46 5.13 28.64
N ASN A 505 -3.06 4.00 28.95
CA ASN A 505 -4.35 3.60 28.37
C ASN A 505 -4.37 3.82 26.86
N GLY A 506 -3.30 3.39 26.21
CA GLY A 506 -3.23 3.41 24.77
C GLY A 506 -2.64 4.66 24.16
N ARG A 507 -2.46 5.72 24.96
CA ARG A 507 -1.93 6.97 24.44
C ARG A 507 -0.45 6.83 24.08
N PRO A 508 0.02 7.58 23.09
CA PRO A 508 1.46 7.64 22.82
C PRO A 508 2.19 8.50 23.84
N MET A 509 3.51 8.30 23.90
CA MET A 509 4.39 9.12 24.70
C MET A 509 5.47 9.69 23.81
N ILE A 510 5.90 10.93 24.10
CA ILE A 510 7.13 11.47 23.55
C ILE A 510 7.96 12.01 24.70
N PHE A 511 9.25 12.16 24.45
CA PHE A 511 10.13 12.92 25.32
C PHE A 511 10.29 14.32 24.74
N THR A 512 9.93 15.33 25.52
CA THR A 512 10.13 16.71 25.14
C THR A 512 11.44 17.29 25.66
N GLU A 513 12.05 16.65 26.66
CA GLU A 513 13.36 17.07 27.14
C GLU A 513 14.15 15.87 27.64
N TYR A 514 15.42 15.84 27.27
CA TYR A 514 16.48 15.06 27.90
C TYR A 514 17.77 15.66 27.38
N GLY A 515 18.84 15.57 28.15
CA GLY A 515 20.07 16.21 27.71
C GLY A 515 21.09 16.30 28.81
N ALA A 516 22.27 16.78 28.42
CA ALA A 516 23.44 16.82 29.32
C ALA A 516 24.28 18.03 28.97
N ASP A 517 24.67 18.83 29.97
CA ASP A 517 25.50 19.98 29.68
C ASP A 517 26.85 19.52 29.13
N THR A 518 27.30 20.19 28.07
CA THR A 518 28.48 19.78 27.33
C THR A 518 29.24 21.03 26.88
N MET A 519 30.47 21.21 27.39
CA MET A 519 31.33 22.25 26.83
C MET A 519 31.78 21.84 25.42
N PRO A 520 31.62 22.70 24.41
CA PRO A 520 32.07 22.33 23.06
C PRO A 520 33.58 22.12 22.96
N THR A 521 34.35 22.53 23.95
CA THR A 521 35.79 22.38 23.90
C THR A 521 36.31 21.16 24.63
N GLU A 522 35.44 20.36 25.25
CA GLU A 522 35.85 19.38 26.25
C GLU A 522 35.83 17.95 25.69
N HIS A 523 36.98 17.28 25.75
CA HIS A 523 37.14 15.85 25.42
C HIS A 523 37.77 15.13 26.59
N LYS A 524 37.28 13.92 26.88
CA LYS A 524 37.90 13.13 27.94
C LYS A 524 37.68 11.65 27.66
N LEU A 525 38.74 10.86 27.85
CA LEU A 525 38.70 9.40 27.71
C LEU A 525 39.33 8.75 28.94
N PRO A 526 38.56 8.02 29.77
CA PRO A 526 37.11 7.87 29.65
C PRO A 526 36.36 9.17 29.97
N SER A 527 35.06 9.18 29.68
CA SER A 527 34.24 10.38 29.74
C SER A 527 34.13 10.92 31.16
N VAL A 528 33.87 12.22 31.27
CA VAL A 528 33.29 12.81 32.47
C VAL A 528 32.11 13.70 32.06
N MET A 529 31.14 13.79 32.97
CA MET A 529 30.05 14.75 32.82
C MET A 529 30.62 16.12 32.48
N TRP A 530 30.02 16.74 31.46
CA TRP A 530 30.41 18.01 30.83
C TRP A 530 31.30 17.81 29.61
N SER A 531 31.85 16.60 29.40
CA SER A 531 32.63 16.31 28.19
C SER A 531 31.70 15.88 27.06
N GLN A 532 32.18 16.04 25.83
CA GLN A 532 31.40 15.60 24.68
C GLN A 532 31.21 14.10 24.65
N GLU A 533 32.20 13.34 25.13
CA GLU A 533 32.02 11.89 25.20
C GLU A 533 30.87 11.51 26.13
N TYR A 534 30.75 12.18 27.28
CA TYR A 534 29.64 11.86 28.17
C TYR A 534 28.29 12.21 27.54
N GLN A 535 28.20 13.34 26.83
CA GLN A 535 26.96 13.67 26.15
C GLN A 535 26.53 12.54 25.21
N ASN A 536 27.47 12.03 24.40
CA ASN A 536 27.17 10.90 23.51
C ASN A 536 26.72 9.66 24.29
N GLU A 537 27.46 9.29 25.34
CA GLU A 537 27.07 8.12 26.12
C GLU A 537 25.72 8.33 26.79
N TYR A 538 25.48 9.54 27.31
CA TYR A 538 24.19 9.86 27.89
C TYR A 538 23.07 9.69 26.87
N LEU A 539 23.26 10.23 25.67
CA LEU A 539 22.22 10.09 24.66
C LEU A 539 22.00 8.64 24.27
N ASP A 540 23.09 7.87 24.10
CA ASP A 540 22.96 6.45 23.75
C ASP A 540 22.11 5.71 24.77
N MET A 541 22.35 5.95 26.07
CA MET A 541 21.58 5.26 27.11
C MET A 541 20.10 5.64 27.01
N ASN A 542 19.80 6.91 26.81
CA ASN A 542 18.40 7.30 26.72
C ASN A 542 17.73 6.67 25.50
N HIS A 543 18.43 6.67 24.36
CA HIS A 543 17.86 6.07 23.16
C HIS A 543 17.63 4.56 23.36
N ASN A 544 18.52 3.88 24.09
CA ASN A 544 18.27 2.48 24.40
C ASN A 544 16.95 2.30 25.16
N VAL A 545 16.69 3.18 26.14
CA VAL A 545 15.41 3.12 26.86
C VAL A 545 14.24 3.44 25.94
N PHE A 546 14.34 4.53 25.18
CA PHE A 546 13.26 4.89 24.27
C PHE A 546 12.89 3.70 23.39
N ASP A 547 13.89 3.08 22.75
CA ASP A 547 13.67 2.01 21.77
C ASP A 547 13.17 0.72 22.41
N SER A 548 13.15 0.65 23.75
CA SER A 548 12.64 -0.50 24.47
C SER A 548 11.13 -0.44 24.70
N TYR A 549 10.48 0.70 24.49
CA TYR A 549 9.07 0.83 24.84
C TYR A 549 8.26 1.19 23.60
N ASN A 550 7.29 0.33 23.28
CA ASN A 550 6.49 0.50 22.07
C ASN A 550 5.81 1.86 22.01
N PHE A 551 5.39 2.38 23.16
CA PHE A 551 4.57 3.58 23.17
C PHE A 551 5.34 4.87 22.97
N VAL A 552 6.67 4.83 23.00
CA VAL A 552 7.44 6.05 22.75
C VAL A 552 7.44 6.31 21.26
N GLN A 553 6.81 7.42 20.86
CA GLN A 553 6.63 7.72 19.44
C GLN A 553 7.30 9.03 19.04
N GLY A 554 8.17 9.58 19.88
CA GLY A 554 8.93 10.75 19.50
C GLY A 554 10.02 11.08 20.49
N GLU A 555 11.10 11.72 20.03
CA GLU A 555 12.18 12.17 20.91
C GLU A 555 12.56 13.60 20.54
N LEU A 556 12.38 14.53 21.47
CA LEU A 556 12.84 15.90 21.30
C LEU A 556 13.93 16.14 22.35
N VAL A 557 15.15 16.36 21.88
CA VAL A 557 16.27 16.54 22.79
C VAL A 557 16.36 18.00 23.24
N TRP A 558 16.76 18.17 24.48
CA TRP A 558 17.07 19.49 25.07
C TRP A 558 18.58 19.71 24.98
N ASN A 559 19.06 20.80 24.35
CA ASN A 559 18.35 21.80 23.53
C ASN A 559 19.06 21.84 22.16
N PHE A 560 18.37 22.36 21.17
CA PHE A 560 18.95 22.63 19.85
C PHE A 560 20.28 23.39 20.01
N ALA A 561 20.35 24.44 20.82
CA ALA A 561 21.60 25.19 20.92
C ALA A 561 21.77 25.77 22.32
N ASP A 562 23.03 25.90 22.75
CA ASP A 562 23.33 26.59 24.01
C ASP A 562 22.63 27.96 24.02
N PHE A 563 22.08 28.32 25.17
CA PHE A 563 21.29 29.54 25.30
C PHE A 563 21.53 30.16 26.67
N GLN A 564 21.16 31.45 26.79
CA GLN A 564 21.47 32.22 28.00
C GLN A 564 20.48 31.95 29.12
N THR A 565 21.00 31.94 30.35
CA THR A 565 20.25 31.80 31.59
C THR A 565 20.73 32.86 32.57
N THR A 566 20.02 32.99 33.69
CA THR A 566 20.58 33.75 34.79
C THR A 566 21.91 33.15 35.24
N GLU A 567 22.71 33.96 35.93
CA GLU A 567 24.00 33.50 36.44
C GLU A 567 23.78 32.53 37.60
N GLY A 568 24.67 31.57 37.73
CA GLY A 568 24.63 30.69 38.88
C GLY A 568 25.77 29.70 38.78
N ILE A 569 26.00 28.98 39.88
CA ILE A 569 27.08 27.99 39.89
C ILE A 569 26.79 26.83 38.97
N LEU A 570 25.53 26.65 38.56
CA LEU A 570 25.16 25.51 37.74
C LEU A 570 25.20 25.81 36.25
N ARG A 571 25.46 27.05 35.86
CA ARG A 571 25.29 27.50 34.48
C ARG A 571 26.60 28.14 34.01
N VAL A 572 27.35 27.42 33.16
CA VAL A 572 28.63 27.89 32.65
C VAL A 572 28.39 28.82 31.47
N ASN A 573 28.17 30.11 31.75
CA ASN A 573 27.68 31.09 30.78
C ASN A 573 26.45 30.53 30.05
N GLY A 574 25.38 30.42 30.82
CA GLY A 574 24.14 29.93 30.30
C GLY A 574 24.08 28.41 30.33
N ASN A 575 23.08 27.90 29.63
CA ASN A 575 22.78 26.47 29.59
C ASN A 575 23.58 25.84 28.44
N LYS A 576 24.30 24.76 28.75
CA LYS A 576 25.24 24.18 27.80
C LYS A 576 24.77 22.82 27.28
N LYS A 577 23.47 22.56 27.30
CA LYS A 577 22.92 21.32 26.80
C LYS A 577 22.70 21.33 25.28
N GLY A 578 23.06 22.40 24.59
CA GLY A 578 22.88 22.43 23.16
C GLY A 578 23.56 21.25 22.48
N ILE A 579 22.90 20.71 21.44
CA ILE A 579 23.58 19.86 20.45
C ILE A 579 24.50 20.69 19.56
N PHE A 580 24.12 21.95 19.32
CA PHE A 580 24.94 22.93 18.63
C PHE A 580 25.35 24.02 19.61
N THR A 581 26.45 24.69 19.31
CA THR A 581 26.81 25.86 20.09
C THR A 581 25.85 27.02 19.80
N ARG A 582 25.94 28.06 20.63
CA ARG A 582 25.11 29.23 20.41
C ARG A 582 25.41 29.91 19.08
N GLN A 583 26.62 29.69 18.55
CA GLN A 583 27.02 30.18 17.25
C GLN A 583 26.66 29.21 16.14
N ARG A 584 25.84 28.20 16.45
CA ARG A 584 25.26 27.30 15.43
C ARG A 584 26.33 26.46 14.74
N GLN A 585 27.24 25.91 15.53
CA GLN A 585 28.21 24.92 15.08
C GLN A 585 28.03 23.63 15.90
N PRO A 586 28.27 22.48 15.30
CA PRO A 586 27.94 21.20 15.95
C PRO A 586 28.95 20.80 17.02
N LYS A 587 28.44 20.24 18.12
CA LYS A 587 29.23 19.42 19.02
C LYS A 587 29.23 17.97 18.50
N ASP A 588 30.09 17.12 19.10
CA ASP A 588 30.14 15.71 18.68
C ASP A 588 28.73 15.09 18.64
N ALA A 589 27.89 15.43 19.62
CA ALA A 589 26.54 14.85 19.68
C ALA A 589 25.72 15.15 18.42
N ALA A 590 26.00 16.25 17.73
CA ALA A 590 25.23 16.55 16.53
C ALA A 590 25.41 15.46 15.48
N PHE A 591 26.64 14.92 15.37
CA PHE A 591 26.92 13.83 14.42
C PHE A 591 26.26 12.53 14.87
N LEU A 592 26.21 12.28 16.18
CA LEU A 592 25.49 11.12 16.70
C LEU A 592 24.02 11.19 16.30
N PHE A 593 23.37 12.33 16.53
CA PHE A 593 21.97 12.46 16.15
C PHE A 593 21.78 12.37 14.64
N ARG A 594 22.68 12.97 13.87
CA ARG A 594 22.56 12.85 12.42
C ARG A 594 22.50 11.39 11.98
N ALA A 595 23.44 10.57 12.47
CA ALA A 595 23.46 9.17 12.07
C ALA A 595 22.17 8.46 12.49
N ARG A 596 21.66 8.76 13.68
CA ARG A 596 20.47 8.07 14.15
C ARG A 596 19.21 8.57 13.44
N TRP A 597 19.00 9.89 13.41
CA TRP A 597 17.72 10.41 12.92
C TRP A 597 17.54 10.18 11.42
N THR A 598 18.62 10.28 10.63
CA THR A 598 18.50 10.07 9.20
C THR A 598 18.44 8.58 8.83
N SER A 599 18.81 7.68 9.73
CA SER A 599 18.66 6.26 9.43
C SER A 599 17.32 5.68 9.90
N LEU A 600 16.62 6.36 10.80
CA LEU A 600 15.32 5.83 11.18
C LEU A 600 14.27 6.17 10.13
N PRO A 601 13.38 5.26 9.79
CA PRO A 601 12.33 5.59 8.83
C PRO A 601 11.38 6.62 9.42
N LEU A 602 10.69 7.32 8.52
CA LEU A 602 9.68 8.29 8.96
C LEU A 602 8.66 7.63 9.88
N ASP A 603 8.21 6.43 9.52
CA ASP A 603 7.23 5.69 10.30
C ASP A 603 7.87 4.72 11.29
N TYR A 604 9.10 5.00 11.73
CA TYR A 604 9.74 4.21 12.77
C TYR A 604 8.77 3.94 13.92
N LYS A 605 8.72 2.67 14.34
CA LYS A 605 7.82 2.16 15.39
C LYS A 605 6.34 2.44 15.09
N GLY A 606 5.99 2.67 13.82
CA GLY A 606 4.62 3.05 13.47
C GLY A 606 3.60 1.93 13.58
N ASN A 607 4.01 0.68 13.78
CA ASN A 607 3.08 -0.43 13.97
C ASN A 607 3.23 -1.06 15.35
N GLN A 608 3.87 -0.37 16.28
CA GLN A 608 3.97 -0.83 17.66
C GLN A 608 2.95 -0.08 18.51
N ASN B 3 -26.61 10.88 12.85
CA ASN B 3 -27.97 10.39 12.98
C ASN B 3 -28.58 10.06 11.62
N LYS B 4 -27.75 9.69 10.65
CA LYS B 4 -28.25 9.40 9.31
C LYS B 4 -29.17 8.18 9.34
N SER B 5 -30.29 8.30 8.63
CA SER B 5 -31.26 7.20 8.52
C SER B 5 -32.01 7.33 7.20
N LEU B 6 -32.11 6.22 6.47
CA LEU B 6 -32.85 6.20 5.22
C LEU B 6 -34.18 5.48 5.36
N LEU B 7 -34.60 5.18 6.59
CA LEU B 7 -35.88 4.53 6.84
C LEU B 7 -37.04 5.37 6.32
N TYR B 8 -38.03 4.70 5.76
CA TYR B 8 -39.23 5.39 5.31
C TYR B 8 -39.91 6.08 6.49
N PRO B 9 -40.33 7.33 6.35
CA PRO B 9 -40.95 8.02 7.50
C PRO B 9 -42.23 7.31 7.93
N VAL B 10 -42.33 7.02 9.23
CA VAL B 10 -43.53 6.37 9.76
C VAL B 10 -44.09 7.17 10.93
N VAL B 11 -45.37 6.92 11.21
CA VAL B 11 -46.05 7.43 12.40
C VAL B 11 -46.19 6.28 13.37
N SER B 12 -45.81 6.50 14.63
CA SER B 12 -45.84 5.48 15.66
C SER B 12 -46.10 6.17 17.00
N THR B 13 -46.07 5.40 18.09
CA THR B 13 -46.27 6.01 19.40
C THR B 13 -45.22 7.08 19.67
N SER B 14 -44.04 6.99 19.05
CA SER B 14 -42.97 7.95 19.30
C SER B 14 -42.70 8.92 18.16
N ARG B 15 -43.33 8.75 16.99
CA ARG B 15 -42.94 9.48 15.80
C ARG B 15 -44.14 10.17 15.14
N ARG B 16 -43.89 11.36 14.59
CA ARG B 16 -44.91 12.10 13.85
C ARG B 16 -44.39 12.42 12.45
N VAL B 17 -45.32 12.52 11.51
CA VAL B 17 -45.06 12.84 10.10
C VAL B 17 -46.16 13.76 9.59
N VAL B 18 -45.77 14.92 9.07
CA VAL B 18 -46.69 15.81 8.36
C VAL B 18 -46.10 16.09 6.97
N SER B 19 -46.92 15.88 5.95
CA SER B 19 -46.47 16.11 4.58
C SER B 19 -46.40 17.61 4.29
N LEU B 20 -45.36 18.03 3.58
CA LEU B 20 -45.27 19.41 3.11
C LEU B 20 -45.64 19.55 1.63
N ASP B 21 -46.17 18.52 0.98
CA ASP B 21 -46.53 18.60 -0.42
C ASP B 21 -47.66 19.60 -0.65
N GLY B 22 -47.73 20.10 -1.87
CA GLY B 22 -48.73 21.09 -2.21
C GLY B 22 -48.19 22.12 -3.18
N MET B 23 -48.74 23.33 -3.17
CA MET B 23 -48.27 24.40 -4.04
C MET B 23 -47.20 25.19 -3.30
N TRP B 24 -45.98 25.18 -3.82
CA TRP B 24 -44.90 25.97 -3.25
C TRP B 24 -44.65 27.22 -4.10
N ARG B 25 -43.72 28.05 -3.63
CA ARG B 25 -43.21 29.18 -4.41
C ARG B 25 -41.93 28.77 -5.09
N PHE B 26 -41.69 29.34 -6.27
CA PHE B 26 -40.64 28.89 -7.16
C PHE B 26 -40.05 30.09 -7.89
N SER B 27 -38.74 30.04 -8.13
CA SER B 27 -38.10 31.05 -8.95
C SER B 27 -36.86 30.50 -9.61
N PHE B 28 -36.70 30.77 -10.91
CA PHE B 28 -35.38 30.59 -11.51
C PHE B 28 -34.42 31.62 -10.91
N ASP B 29 -33.13 31.30 -10.99
CA ASP B 29 -32.07 32.16 -10.46
C ASP B 29 -30.94 32.20 -11.50
N ALA B 30 -31.25 32.80 -12.66
CA ALA B 30 -30.35 32.67 -13.81
C ALA B 30 -28.97 33.24 -13.51
N LYS B 31 -28.87 34.22 -12.60
CA LYS B 31 -27.59 34.86 -12.29
C LYS B 31 -26.92 34.28 -11.06
N SER B 32 -27.46 33.21 -10.47
CA SER B 32 -26.90 32.62 -9.26
C SER B 32 -26.64 33.66 -8.17
N GLU B 33 -27.63 34.52 -7.95
CA GLU B 33 -27.51 35.64 -7.02
C GLU B 33 -28.31 35.44 -5.74
N GLY B 34 -29.08 34.36 -5.62
CA GLY B 34 -30.10 34.29 -4.58
C GLY B 34 -29.53 34.24 -3.17
N VAL B 35 -28.44 33.49 -2.98
CA VAL B 35 -27.88 33.35 -1.63
C VAL B 35 -27.47 34.72 -1.10
N GLU B 36 -26.60 35.41 -1.84
CA GLU B 36 -26.11 36.70 -1.35
C GLU B 36 -27.20 37.76 -1.33
N ALA B 37 -28.29 37.53 -2.05
CA ALA B 37 -29.41 38.46 -2.07
C ALA B 37 -30.48 38.13 -1.03
N ASN B 38 -30.22 37.17 -0.15
CA ASN B 38 -31.14 36.84 0.93
C ASN B 38 -32.44 36.17 0.44
N TRP B 39 -32.41 35.52 -0.74
CA TRP B 39 -33.61 34.84 -1.22
C TRP B 39 -34.08 33.75 -0.26
N ALA B 40 -33.16 33.17 0.53
CA ALA B 40 -33.55 32.11 1.45
C ALA B 40 -34.56 32.59 2.50
N ASN B 41 -34.63 33.90 2.75
CA ASN B 41 -35.68 34.46 3.62
C ASN B 41 -36.91 34.91 2.85
N GLY B 42 -37.01 34.61 1.57
CA GLY B 42 -38.21 34.92 0.82
C GLY B 42 -37.89 35.34 -0.60
N LEU B 43 -38.60 34.79 -1.57
CA LEU B 43 -38.28 35.08 -2.95
C LEU B 43 -38.79 36.46 -3.33
N PRO B 44 -37.95 37.35 -3.87
CA PRO B 44 -38.46 38.65 -4.34
C PRO B 44 -39.57 38.48 -5.36
N GLU B 45 -39.37 37.61 -6.34
CA GLU B 45 -40.38 37.29 -7.34
C GLU B 45 -40.51 35.78 -7.40
N SER B 46 -41.74 35.31 -7.65
CA SER B 46 -41.96 33.87 -7.66
C SER B 46 -43.26 33.54 -8.36
N ILE B 47 -43.37 32.28 -8.76
CA ILE B 47 -44.59 31.67 -9.25
C ILE B 47 -44.92 30.48 -8.35
N SER B 48 -46.14 29.98 -8.48
CA SER B 48 -46.51 28.76 -7.78
C SER B 48 -45.99 27.54 -8.53
N MET B 49 -45.72 26.48 -7.78
CA MET B 49 -45.16 25.26 -8.36
C MET B 49 -45.57 24.05 -7.53
N PRO B 50 -46.20 23.05 -8.14
CA PRO B 50 -46.55 21.83 -7.39
C PRO B 50 -45.33 21.03 -6.97
N VAL B 51 -45.41 20.47 -5.77
CA VAL B 51 -44.45 19.51 -5.23
C VAL B 51 -45.27 18.32 -4.74
N PRO B 52 -44.98 17.08 -5.17
CA PRO B 52 -43.84 16.70 -6.01
C PRO B 52 -44.15 16.76 -7.50
N ALA B 53 -43.15 17.13 -8.33
CA ALA B 53 -43.22 17.14 -9.79
C ALA B 53 -41.89 17.66 -10.32
N SER B 54 -41.62 17.39 -11.59
CA SER B 54 -40.58 18.18 -12.25
C SER B 54 -41.18 19.52 -12.62
N PHE B 55 -40.36 20.56 -12.63
CA PHE B 55 -40.88 21.86 -13.01
C PHE B 55 -41.05 22.00 -14.53
N CYS B 56 -40.39 21.15 -15.31
CA CYS B 56 -40.12 21.48 -16.72
C CYS B 56 -41.40 21.58 -17.53
N ASP B 57 -42.28 20.59 -17.44
CA ASP B 57 -43.32 20.43 -18.45
C ASP B 57 -44.59 21.23 -18.13
N PHE B 58 -44.57 22.08 -17.10
CA PHE B 58 -45.71 22.97 -16.87
C PHE B 58 -45.71 24.14 -17.84
N PHE B 59 -44.52 24.65 -18.18
CA PHE B 59 -44.41 25.90 -18.89
C PHE B 59 -44.86 25.74 -20.35
N THR B 60 -45.15 26.88 -20.97
CA THR B 60 -45.43 26.89 -22.39
C THR B 60 -44.26 27.41 -23.21
N ASP B 61 -43.19 27.88 -22.57
CA ASP B 61 -42.00 28.37 -23.27
C ASP B 61 -40.86 27.39 -23.12
N LYS B 62 -40.05 27.24 -24.17
CA LYS B 62 -38.96 26.25 -24.14
C LYS B 62 -37.83 26.68 -23.21
N GLU B 63 -37.55 27.99 -23.15
CA GLU B 63 -36.48 28.48 -22.28
C GLU B 63 -36.71 28.02 -20.83
N SER B 64 -37.96 28.06 -20.37
CA SER B 64 -38.24 27.58 -19.02
C SER B 64 -38.16 26.05 -18.95
N ARG B 65 -38.72 25.35 -19.95
CA ARG B 65 -38.66 23.88 -19.93
C ARG B 65 -37.21 23.38 -19.89
N GLU B 66 -36.32 24.05 -20.60
CA GLU B 66 -34.92 23.67 -20.73
C GLU B 66 -34.00 24.42 -19.78
N TYR B 67 -34.54 25.12 -18.79
CA TYR B 67 -33.69 25.83 -17.84
C TYR B 67 -32.67 24.91 -17.20
N CYS B 68 -31.43 25.39 -17.14
CA CYS B 68 -30.33 24.66 -16.54
C CYS B 68 -29.56 25.63 -15.67
N GLY B 69 -29.46 25.33 -14.37
CA GLY B 69 -28.79 26.23 -13.44
C GLY B 69 -29.41 26.16 -12.05
N ASP B 70 -29.33 27.29 -11.32
CA ASP B 70 -29.91 27.39 -9.98
C ASP B 70 -31.39 27.76 -10.05
N PHE B 71 -32.20 27.14 -9.20
CA PHE B 71 -33.60 27.50 -9.05
C PHE B 71 -34.03 27.21 -7.61
N TRP B 72 -35.07 27.92 -7.16
CA TRP B 72 -35.48 27.91 -5.76
C TRP B 72 -36.92 27.41 -5.61
N TYR B 73 -37.12 26.58 -4.59
CA TYR B 73 -38.43 26.20 -4.08
C TYR B 73 -38.58 26.73 -2.65
N GLU B 74 -39.77 27.26 -2.32
CA GLU B 74 -39.98 27.76 -0.97
C GLU B 74 -41.40 27.52 -0.48
N THR B 75 -41.50 27.25 0.82
CA THR B 75 -42.78 27.08 1.48
C THR B 75 -42.60 27.43 2.97
N ASP B 76 -43.72 27.63 3.66
CA ASP B 76 -43.73 27.82 5.09
C ASP B 76 -44.36 26.60 5.74
N PHE B 77 -43.78 26.14 6.85
CA PHE B 77 -44.26 24.95 7.52
C PHE B 77 -44.41 25.21 9.00
N PHE B 78 -45.47 24.62 9.57
CA PHE B 78 -45.81 24.77 10.97
C PHE B 78 -45.10 23.69 11.79
N VAL B 79 -44.54 24.10 12.92
CA VAL B 79 -43.98 23.17 13.89
C VAL B 79 -44.85 23.24 15.16
N PRO B 80 -45.60 22.19 15.49
CA PRO B 80 -46.45 22.25 16.69
C PRO B 80 -45.62 22.39 17.97
N GLY B 81 -46.10 23.27 18.86
CA GLY B 81 -45.41 23.43 20.14
C GLY B 81 -45.32 22.16 20.93
N GLU B 82 -46.31 21.28 20.78
CA GLU B 82 -46.28 20.02 21.51
C GLU B 82 -45.14 19.11 21.07
N TRP B 83 -44.38 19.47 20.03
CA TRP B 83 -43.21 18.70 19.63
C TRP B 83 -41.93 19.11 20.34
N SER B 84 -41.96 20.17 21.13
CA SER B 84 -40.78 20.61 21.88
C SER B 84 -40.17 19.43 22.63
N GLY B 85 -38.85 19.29 22.52
CA GLY B 85 -38.14 18.19 23.12
C GLY B 85 -37.87 17.04 22.18
N LYS B 86 -38.56 16.99 21.05
CA LYS B 86 -38.33 15.98 20.04
C LYS B 86 -37.31 16.51 19.02
N ASP B 87 -36.64 15.58 18.36
CA ASP B 87 -35.80 15.95 17.23
C ASP B 87 -36.70 16.23 16.04
N ILE B 88 -36.45 17.36 15.35
CA ILE B 88 -37.28 17.80 14.24
C ILE B 88 -36.45 17.72 12.96
N ALA B 89 -36.99 17.04 11.95
CA ALA B 89 -36.27 16.79 10.70
C ALA B 89 -37.23 16.86 9.51
N ILE B 90 -36.70 17.31 8.38
CA ILE B 90 -37.44 17.34 7.13
C ILE B 90 -36.81 16.32 6.17
N ARG B 91 -37.60 15.33 5.80
CA ARG B 91 -37.15 14.31 4.84
C ARG B 91 -37.50 14.77 3.43
N PHE B 92 -36.52 14.72 2.54
CA PHE B 92 -36.74 14.86 1.11
C PHE B 92 -36.59 13.49 0.48
N GLY B 93 -37.68 12.95 -0.07
CA GLY B 93 -37.58 11.74 -0.86
C GLY B 93 -36.48 11.84 -1.92
N SER B 94 -36.36 13.01 -2.55
CA SER B 94 -35.28 13.32 -3.48
C SER B 94 -35.36 14.80 -3.84
N ALA B 95 -34.26 15.29 -4.42
CA ALA B 95 -34.14 16.67 -4.91
C ALA B 95 -33.10 16.67 -6.01
N THR B 96 -33.49 17.06 -7.24
CA THR B 96 -32.70 16.79 -8.43
C THR B 96 -32.10 18.08 -8.98
N HIS B 97 -30.76 18.16 -9.09
CA HIS B 97 -29.76 17.11 -8.80
C HIS B 97 -28.94 17.40 -7.54
N HIS B 98 -28.61 18.69 -7.34
CA HIS B 98 -27.71 19.14 -6.28
C HIS B 98 -28.46 20.16 -5.42
N ALA B 99 -28.52 19.90 -4.10
CA ALA B 99 -29.43 20.61 -3.22
C ALA B 99 -28.70 21.32 -2.08
N ARG B 100 -29.17 22.52 -1.76
CA ARG B 100 -28.81 23.22 -0.53
C ARG B 100 -30.10 23.63 0.16
N ILE B 101 -30.22 23.28 1.44
CA ILE B 101 -31.45 23.45 2.22
C ILE B 101 -31.27 24.55 3.25
N PHE B 102 -32.25 25.45 3.33
CA PHE B 102 -32.23 26.56 4.28
C PHE B 102 -33.51 26.53 5.10
N VAL B 103 -33.39 26.82 6.39
CA VAL B 103 -34.54 26.99 7.26
C VAL B 103 -34.37 28.27 8.04
N ASN B 104 -35.37 29.15 7.94
CA ASN B 104 -35.32 30.47 8.57
C ASN B 104 -34.02 31.20 8.25
N GLY B 105 -33.57 31.03 6.99
CA GLY B 105 -32.38 31.70 6.49
C GLY B 105 -31.07 31.02 6.83
N VAL B 106 -31.08 29.94 7.58
CA VAL B 106 -29.86 29.24 7.97
C VAL B 106 -29.70 27.99 7.12
N GLU B 107 -28.50 27.78 6.57
CA GLU B 107 -28.26 26.58 5.75
C GLU B 107 -28.03 25.38 6.66
N VAL B 108 -28.82 24.33 6.47
CA VAL B 108 -28.83 23.20 7.38
C VAL B 108 -28.52 21.87 6.71
N ALA B 109 -28.37 21.85 5.39
CA ALA B 109 -28.03 20.59 4.75
C ALA B 109 -27.66 20.82 3.29
N GLN B 110 -26.81 19.92 2.78
CA GLN B 110 -26.46 19.81 1.37
C GLN B 110 -26.63 18.34 0.97
N HIS B 111 -26.93 18.11 -0.30
CA HIS B 111 -27.06 16.75 -0.80
C HIS B 111 -26.63 16.68 -2.26
N GLU B 112 -25.96 15.58 -2.60
CA GLU B 112 -25.55 15.30 -3.97
C GLU B 112 -26.31 14.07 -4.48
N GLY B 113 -26.79 14.14 -5.72
CA GLY B 113 -27.49 13.02 -6.31
C GLY B 113 -29.00 13.23 -6.28
N GLY B 114 -29.66 13.09 -7.43
CA GLY B 114 -31.04 13.50 -7.57
C GLY B 114 -32.08 12.42 -7.36
N PHE B 115 -31.71 11.25 -6.83
CA PHE B 115 -32.68 10.15 -6.83
C PHE B 115 -32.69 9.34 -5.55
N LEU B 116 -32.18 9.89 -4.45
CA LEU B 116 -32.13 9.16 -3.20
C LEU B 116 -32.40 10.13 -2.05
N PRO B 117 -32.99 9.65 -0.96
CA PRO B 117 -33.49 10.55 0.08
C PRO B 117 -32.39 11.07 1.00
N PHE B 118 -32.71 12.18 1.67
CA PHE B 118 -31.85 12.77 2.68
C PHE B 118 -32.71 13.55 3.67
N ASP B 119 -32.14 13.84 4.83
CA ASP B 119 -32.84 14.54 5.92
C ASP B 119 -32.14 15.85 6.24
N ALA B 120 -32.94 16.85 6.61
CA ALA B 120 -32.43 18.11 7.14
C ALA B 120 -32.91 18.24 8.58
N VAL B 121 -31.98 18.21 9.53
CA VAL B 121 -32.31 18.32 10.96
C VAL B 121 -32.39 19.79 11.30
N VAL B 122 -33.51 20.20 11.93
CA VAL B 122 -33.76 21.62 12.16
C VAL B 122 -34.19 21.87 13.61
N THR B 123 -33.94 20.90 14.48
CA THR B 123 -34.40 20.98 15.86
C THR B 123 -34.16 22.36 16.48
N ASP B 124 -32.94 22.87 16.38
CA ASP B 124 -32.59 24.11 17.06
C ASP B 124 -32.78 25.36 16.21
N ILE B 125 -33.32 25.23 14.99
CA ILE B 125 -33.47 26.35 14.09
C ILE B 125 -34.92 26.83 14.05
N VAL B 126 -35.86 25.93 14.35
CA VAL B 126 -37.26 26.24 14.12
C VAL B 126 -37.82 27.00 15.32
N ARG B 127 -38.91 27.72 15.08
CA ARG B 127 -39.70 28.35 16.14
C ARG B 127 -40.95 27.50 16.39
N TYR B 128 -41.22 27.22 17.66
CA TYR B 128 -42.24 26.25 17.99
C TYR B 128 -43.62 26.89 18.08
N ASN B 129 -44.63 26.11 17.69
CA ASN B 129 -46.00 26.58 17.49
C ASN B 129 -46.04 27.83 16.61
N GLN B 130 -45.18 27.85 15.60
CA GLN B 130 -45.14 28.94 14.63
C GLN B 130 -44.82 28.39 13.24
N PHE B 131 -44.94 29.27 12.25
CA PHE B 131 -44.54 28.94 10.90
C PHE B 131 -43.08 29.29 10.70
N ASN B 132 -42.40 28.47 9.88
CA ASN B 132 -40.99 28.58 9.58
C ASN B 132 -40.82 28.53 8.07
N LYS B 133 -39.78 29.18 7.56
CA LYS B 133 -39.57 29.25 6.12
C LYS B 133 -38.60 28.16 5.69
N LEU B 134 -39.05 27.29 4.79
CA LEU B 134 -38.22 26.27 4.18
C LEU B 134 -37.86 26.74 2.77
N SER B 135 -36.56 26.90 2.51
CA SER B 135 -36.08 27.35 1.21
C SER B 135 -35.09 26.34 0.66
N VAL B 136 -35.32 25.91 -0.58
CA VAL B 136 -34.54 24.87 -1.24
C VAL B 136 -33.88 25.47 -2.47
N LEU B 137 -32.55 25.50 -2.47
CA LEU B 137 -31.77 25.95 -3.63
C LEU B 137 -31.29 24.71 -4.37
N LEU B 138 -31.82 24.50 -5.57
CA LEU B 138 -31.53 23.33 -6.38
C LEU B 138 -30.73 23.73 -7.61
N ASN B 139 -29.97 22.77 -8.13
CA ASN B 139 -29.22 22.96 -9.36
C ASN B 139 -29.31 21.68 -10.18
N ASN B 140 -29.56 21.83 -11.48
CA ASN B 140 -29.75 20.69 -12.35
C ASN B 140 -28.67 20.57 -13.42
N GLU B 141 -27.50 21.18 -13.21
CA GLU B 141 -26.43 21.06 -14.19
C GLU B 141 -25.80 19.67 -14.16
N LEU B 142 -25.37 19.19 -15.33
CA LEU B 142 -24.74 17.89 -15.46
C LEU B 142 -23.23 18.06 -15.62
N ASN B 143 -22.48 17.10 -15.11
CA ASN B 143 -21.03 17.09 -15.28
C ASN B 143 -20.61 15.64 -15.45
N GLU B 144 -19.33 15.43 -15.75
CA GLU B 144 -18.86 14.10 -16.09
C GLU B 144 -18.48 13.26 -14.88
N HIS B 145 -18.61 13.80 -13.67
CA HIS B 145 -18.25 13.07 -12.46
C HIS B 145 -19.43 12.93 -11.50
N MET B 146 -20.66 12.88 -12.03
CA MET B 146 -21.86 12.67 -11.22
C MET B 146 -22.69 11.54 -11.82
N LEU B 147 -23.67 11.09 -11.04
CA LEU B 147 -24.65 10.11 -11.50
C LEU B 147 -26.00 10.79 -11.62
N PRO B 148 -26.60 10.90 -12.82
CA PRO B 148 -26.06 10.42 -14.10
C PRO B 148 -25.14 11.45 -14.79
N ALA B 149 -24.35 11.00 -15.76
CA ALA B 149 -23.26 11.80 -16.30
C ALA B 149 -23.67 12.58 -17.53
N GLY B 150 -23.08 13.76 -17.69
CA GLY B 150 -23.37 14.54 -18.87
C GLY B 150 -22.51 15.77 -18.91
N ASN B 151 -22.89 16.67 -19.79
CA ASN B 151 -22.23 17.96 -19.94
C ASN B 151 -23.29 19.04 -19.83
N THR B 152 -22.84 20.25 -19.52
CA THR B 152 -23.69 21.44 -19.55
C THR B 152 -23.09 22.38 -20.59
N ALA B 153 -23.81 22.58 -21.69
CA ALA B 153 -23.32 23.46 -22.75
C ALA B 153 -23.83 24.88 -22.53
N VAL B 154 -23.17 25.83 -23.18
CA VAL B 154 -23.58 27.23 -23.14
C VAL B 154 -23.91 27.66 -24.56
N LEU B 155 -25.14 28.17 -24.76
CA LEU B 155 -25.55 28.60 -26.08
C LEU B 155 -24.90 29.95 -26.41
N SER B 156 -25.00 30.34 -27.68
CA SER B 156 -24.41 31.59 -28.16
C SER B 156 -25.06 32.83 -27.55
N ASN B 157 -26.24 32.70 -26.93
CA ASN B 157 -26.83 33.78 -26.17
C ASN B 157 -26.50 33.67 -24.68
N GLY B 158 -25.53 32.85 -24.31
CA GLY B 158 -25.10 32.74 -22.94
C GLY B 158 -25.93 31.85 -22.04
N LYS B 159 -27.03 31.29 -22.53
CA LYS B 159 -27.86 30.45 -21.68
C LYS B 159 -27.31 29.02 -21.63
N LYS B 160 -27.36 28.42 -20.44
CA LYS B 160 -26.93 27.05 -20.27
C LYS B 160 -28.02 26.07 -20.71
N VAL B 161 -27.60 24.93 -21.21
CA VAL B 161 -28.51 23.86 -21.63
C VAL B 161 -27.86 22.53 -21.25
N ALA B 162 -28.65 21.60 -20.72
CA ALA B 162 -28.12 20.30 -20.36
C ALA B 162 -27.83 19.49 -21.63
N ALA B 163 -26.69 18.80 -21.63
CA ALA B 163 -26.29 17.91 -22.72
C ALA B 163 -26.02 16.54 -22.11
N PRO B 164 -27.07 15.75 -21.88
CA PRO B 164 -26.89 14.45 -21.22
C PRO B 164 -26.09 13.47 -22.07
N TYR B 165 -25.37 12.58 -21.38
CA TYR B 165 -24.82 11.40 -22.03
C TYR B 165 -25.75 10.20 -21.91
N PHE B 166 -27.02 10.45 -21.60
CA PHE B 166 -28.02 9.42 -21.40
C PHE B 166 -29.27 9.79 -22.18
N ASP B 167 -30.07 8.79 -22.48
CA ASP B 167 -31.23 8.91 -23.37
C ASP B 167 -32.52 9.04 -22.56
N PHE B 168 -32.55 10.04 -21.68
CA PHE B 168 -33.79 10.48 -21.06
C PHE B 168 -33.68 11.96 -20.72
N TYR B 169 -34.82 12.64 -20.71
CA TYR B 169 -34.83 14.07 -20.47
C TYR B 169 -34.29 14.40 -19.08
N ASN B 170 -33.61 15.55 -18.97
CA ASN B 170 -33.01 15.97 -17.71
C ASN B 170 -34.04 16.64 -16.80
N TYR B 171 -35.11 15.91 -16.50
CA TYR B 171 -36.14 16.43 -15.61
C TYR B 171 -35.55 16.72 -14.23
N ALA B 172 -35.89 17.87 -13.66
CA ALA B 172 -35.42 18.18 -12.32
C ALA B 172 -36.51 18.97 -11.59
N GLY B 173 -36.29 19.17 -10.29
CA GLY B 173 -37.29 19.67 -9.37
C GLY B 173 -37.26 18.85 -8.09
N ILE B 174 -38.38 18.88 -7.36
CA ILE B 174 -38.58 18.04 -6.17
C ILE B 174 -39.61 16.97 -6.56
N HIS B 175 -39.14 15.75 -6.83
CA HIS B 175 -39.91 14.70 -7.50
C HIS B 175 -40.73 13.83 -6.55
N ARG B 176 -40.48 13.90 -5.24
CA ARG B 176 -41.06 12.97 -4.29
C ARG B 176 -41.51 13.71 -3.04
N PRO B 177 -42.34 13.09 -2.20
CA PRO B 177 -42.89 13.79 -1.04
C PRO B 177 -41.81 14.35 -0.10
N VAL B 178 -42.09 15.55 0.40
CA VAL B 178 -41.31 16.20 1.44
C VAL B 178 -42.11 16.08 2.73
N LYS B 179 -41.50 15.51 3.76
CA LYS B 179 -42.23 15.19 4.99
C LYS B 179 -41.50 15.75 6.20
N LEU B 180 -42.22 16.52 7.01
CA LEU B 180 -41.72 16.99 8.29
C LEU B 180 -41.92 15.92 9.36
N MET B 181 -40.89 15.67 10.18
CA MET B 181 -40.94 14.60 11.16
C MET B 181 -40.57 15.08 12.56
N ALA B 182 -41.21 14.49 13.57
CA ALA B 182 -40.79 14.62 14.96
C ALA B 182 -40.40 13.24 15.45
N LEU B 183 -39.21 13.14 16.02
CA LEU B 183 -38.62 11.85 16.39
C LEU B 183 -38.03 11.92 17.78
N PRO B 184 -37.99 10.80 18.49
CA PRO B 184 -37.32 10.80 19.80
C PRO B 184 -35.82 10.99 19.65
N THR B 185 -35.21 11.64 20.66
CA THR B 185 -33.78 11.95 20.59
C THR B 185 -32.93 10.70 20.53
N GLU B 186 -33.41 9.61 21.13
CA GLU B 186 -32.78 8.30 21.02
C GLU B 186 -33.67 7.44 20.13
N ARG B 187 -33.13 6.98 19.00
CA ARG B 187 -34.02 6.41 18.00
C ARG B 187 -33.34 5.33 17.16
N ILE B 188 -34.19 4.50 16.57
CA ILE B 188 -33.77 3.52 15.58
C ILE B 188 -33.36 4.25 14.30
N LEU B 189 -32.14 4.02 13.84
CA LEU B 189 -31.66 4.60 12.60
C LEU B 189 -31.67 3.63 11.42
N ASP B 190 -31.60 2.32 11.67
CA ASP B 190 -31.50 1.33 10.60
C ASP B 190 -31.78 -0.04 11.17
N TYR B 191 -32.06 -0.98 10.27
CA TYR B 191 -32.23 -2.38 10.61
C TYR B 191 -32.13 -3.18 9.32
N SER B 192 -31.82 -4.46 9.45
CA SER B 192 -31.69 -5.33 8.30
C SER B 192 -32.31 -6.68 8.63
N VAL B 193 -32.75 -7.38 7.59
CA VAL B 193 -33.25 -8.73 7.75
C VAL B 193 -32.60 -9.63 6.72
N LYS B 194 -32.57 -10.92 7.03
CA LYS B 194 -31.91 -11.94 6.24
C LYS B 194 -32.72 -13.20 6.49
N HIS B 195 -33.09 -13.90 5.43
CA HIS B 195 -34.05 -14.98 5.54
C HIS B 195 -33.40 -16.33 5.30
N ARG B 196 -33.87 -17.34 6.05
CA ARG B 196 -33.48 -18.73 5.88
C ARG B 196 -34.73 -19.59 5.98
N LEU B 197 -34.88 -20.55 5.05
CA LEU B 197 -35.94 -21.54 5.14
C LEU B 197 -35.45 -22.75 5.93
N THR B 198 -36.34 -23.33 6.76
CA THR B 198 -36.02 -24.48 7.60
C THR B 198 -37.12 -25.52 7.49
N ALA B 199 -36.89 -26.69 8.09
CA ALA B 199 -37.91 -27.73 8.08
C ALA B 199 -39.22 -27.26 8.69
N GLU B 200 -39.15 -26.48 9.77
CA GLU B 200 -40.33 -26.07 10.54
C GLU B 200 -40.93 -24.75 10.07
N GLY B 201 -40.25 -24.00 9.22
CA GLY B 201 -40.80 -22.77 8.66
C GLY B 201 -39.70 -21.86 8.13
N ALA B 202 -39.48 -20.72 8.79
CA ALA B 202 -38.41 -19.83 8.37
C ALA B 202 -37.85 -19.12 9.60
N GLU B 203 -36.59 -18.69 9.48
CA GLU B 203 -35.94 -17.88 10.49
C GLU B 203 -35.38 -16.62 9.85
N VAL B 204 -35.53 -15.50 10.56
CA VAL B 204 -35.16 -14.18 10.06
C VAL B 204 -34.04 -13.64 10.96
N ASP B 205 -32.84 -13.49 10.39
CA ASP B 205 -31.72 -12.93 11.14
C ASP B 205 -31.70 -11.42 10.96
N TYR B 206 -31.65 -10.68 12.07
CA TYR B 206 -31.85 -9.24 12.04
C TYR B 206 -30.75 -8.51 12.77
N THR B 207 -30.57 -7.25 12.38
CA THR B 207 -29.77 -6.29 13.11
C THR B 207 -30.53 -4.97 13.20
N VAL B 208 -30.31 -4.23 14.28
CA VAL B 208 -30.91 -2.92 14.49
C VAL B 208 -29.80 -1.98 14.91
N THR B 209 -29.82 -0.76 14.37
CA THR B 209 -28.86 0.29 14.71
C THR B 209 -29.61 1.44 15.34
N THR B 210 -29.14 1.90 16.51
CA THR B 210 -29.69 3.08 17.18
C THR B 210 -28.56 4.05 17.52
N ASN B 211 -28.92 5.25 17.99
CA ASN B 211 -27.93 6.21 18.44
C ASN B 211 -27.76 6.23 19.95
N GLY B 212 -28.17 5.16 20.63
CA GLY B 212 -28.07 5.10 22.08
C GLY B 212 -27.86 3.68 22.60
N ASP B 213 -27.98 3.51 23.92
CA ASP B 213 -27.65 2.26 24.57
C ASP B 213 -28.84 1.51 25.15
N HIS B 214 -30.04 2.09 25.15
CA HIS B 214 -31.16 1.42 25.80
C HIS B 214 -31.56 0.16 25.03
N GLU B 215 -32.34 -0.69 25.70
CA GLU B 215 -32.63 -2.03 25.20
C GLU B 215 -33.51 -2.00 23.94
N VAL B 216 -33.28 -2.97 23.06
CA VAL B 216 -34.01 -3.09 21.79
C VAL B 216 -34.75 -4.42 21.74
N THR B 217 -36.03 -4.37 21.32
CA THR B 217 -36.81 -5.57 21.03
C THR B 217 -37.35 -5.53 19.60
N VAL B 218 -37.44 -6.71 18.99
CA VAL B 218 -38.03 -6.88 17.67
C VAL B 218 -39.15 -7.89 17.77
N GLU B 219 -40.32 -7.52 17.26
CA GLU B 219 -41.48 -8.40 17.25
C GLU B 219 -42.03 -8.48 15.83
N LEU B 220 -42.46 -9.68 15.44
CA LEU B 220 -43.05 -9.92 14.13
C LEU B 220 -44.50 -10.34 14.31
N TYR B 221 -45.40 -9.68 13.60
CA TYR B 221 -46.83 -9.97 13.66
C TYR B 221 -47.33 -10.47 12.31
N ASP B 222 -48.15 -11.52 12.35
CA ASP B 222 -48.79 -11.97 11.12
C ASP B 222 -49.85 -10.97 10.70
N GLY B 223 -50.87 -10.78 11.53
CA GLY B 223 -51.72 -9.62 11.31
C GLY B 223 -51.59 -8.71 12.51
N THR B 224 -52.52 -8.87 13.45
CA THR B 224 -52.33 -8.38 14.80
C THR B 224 -51.73 -9.45 15.70
N THR B 225 -51.41 -10.61 15.13
CA THR B 225 -51.05 -11.81 15.89
C THR B 225 -49.52 -11.95 15.93
N LYS B 226 -48.95 -11.79 17.12
CA LYS B 226 -47.50 -11.95 17.26
C LYS B 226 -47.09 -13.38 16.97
N VAL B 227 -46.05 -13.52 16.14
CA VAL B 227 -45.55 -14.83 15.72
C VAL B 227 -44.09 -15.05 16.09
N ALA B 228 -43.39 -14.02 16.55
CA ALA B 228 -41.98 -14.13 16.90
C ALA B 228 -41.54 -12.85 17.60
N GLU B 229 -40.49 -12.98 18.40
CA GLU B 229 -39.94 -11.83 19.11
C GLU B 229 -38.53 -12.17 19.56
N ALA B 230 -37.81 -11.14 20.00
CA ALA B 230 -36.42 -11.29 20.39
C ALA B 230 -35.95 -9.98 21.00
N THR B 231 -34.90 -10.08 21.82
CA THR B 231 -34.27 -8.92 22.43
C THR B 231 -32.81 -8.86 21.99
N GLY B 232 -32.29 -7.65 21.89
CA GLY B 232 -30.94 -7.40 21.43
C GLY B 232 -30.93 -6.72 20.06
N LYS B 233 -29.82 -6.01 19.79
CA LYS B 233 -29.62 -5.38 18.50
C LYS B 233 -29.31 -6.38 17.39
N GLU B 234 -29.04 -7.63 17.74
CA GLU B 234 -28.91 -8.70 16.78
C GLU B 234 -29.65 -9.91 17.33
N GLY B 235 -30.25 -10.68 16.44
CA GLY B 235 -31.00 -11.83 16.89
C GLY B 235 -31.64 -12.57 15.75
N THR B 236 -32.52 -13.48 16.11
CA THR B 236 -33.19 -14.34 15.15
C THR B 236 -34.66 -14.47 15.53
N LEU B 237 -35.52 -14.39 14.53
CA LEU B 237 -36.97 -14.49 14.71
C LEU B 237 -37.40 -15.81 14.10
N VAL B 238 -37.88 -16.72 14.95
CA VAL B 238 -38.29 -18.04 14.52
C VAL B 238 -39.77 -17.98 14.17
N VAL B 239 -40.10 -18.28 12.92
CA VAL B 239 -41.46 -18.15 12.41
C VAL B 239 -41.91 -19.53 11.97
N LYS B 240 -42.71 -20.20 12.80
CA LYS B 240 -43.20 -21.53 12.45
C LYS B 240 -44.25 -21.45 11.34
N ASP B 241 -44.13 -22.36 10.37
CA ASP B 241 -45.10 -22.45 9.27
C ASP B 241 -45.18 -21.12 8.50
N ALA B 242 -44.02 -20.47 8.35
CA ALA B 242 -43.97 -19.13 7.79
C ALA B 242 -44.63 -19.10 6.41
N LYS B 243 -45.48 -18.11 6.19
CA LYS B 243 -46.11 -17.89 4.89
C LYS B 243 -45.15 -17.07 4.02
N LEU B 244 -44.57 -17.72 3.01
CA LEU B 244 -43.49 -17.08 2.27
C LEU B 244 -44.04 -16.10 1.22
N TRP B 245 -43.26 -15.05 0.95
CA TRP B 245 -43.49 -14.12 -0.13
C TRP B 245 -43.09 -14.75 -1.47
N ASN B 246 -44.01 -14.74 -2.45
CA ASN B 246 -43.81 -15.42 -3.73
C ASN B 246 -44.25 -14.53 -4.88
N VAL B 247 -43.81 -14.91 -6.10
CA VAL B 247 -44.18 -14.15 -7.29
C VAL B 247 -45.68 -14.20 -7.49
N HIS B 248 -46.28 -13.03 -7.74
CA HIS B 248 -47.73 -12.88 -7.88
C HIS B 248 -48.49 -13.51 -6.71
N ALA B 249 -47.85 -13.63 -5.56
CA ALA B 249 -48.50 -14.22 -4.38
C ALA B 249 -47.76 -13.76 -3.13
N ALA B 250 -47.80 -12.46 -2.87
CA ALA B 250 -47.06 -11.89 -1.78
C ALA B 250 -47.69 -12.24 -0.44
N TYR B 251 -46.85 -12.29 0.59
CA TYR B 251 -47.30 -12.30 1.97
C TYR B 251 -46.38 -11.39 2.75
N LEU B 252 -46.95 -10.46 3.51
CA LEU B 252 -46.16 -9.47 4.25
C LEU B 252 -46.49 -9.60 5.73
N TYR B 253 -45.46 -9.79 6.54
CA TYR B 253 -45.56 -9.67 7.99
C TYR B 253 -45.29 -8.23 8.40
N ASN B 254 -45.68 -7.90 9.63
CA ASN B 254 -45.43 -6.58 10.21
C ASN B 254 -44.31 -6.72 11.24
N ILE B 255 -43.25 -5.94 11.07
CA ILE B 255 -42.16 -5.91 12.04
C ILE B 255 -42.29 -4.66 12.90
N VAL B 256 -42.05 -4.83 14.19
CA VAL B 256 -42.16 -3.76 15.18
C VAL B 256 -40.86 -3.74 15.96
N ILE B 257 -40.11 -2.65 15.84
CA ILE B 257 -38.85 -2.47 16.53
C ILE B 257 -39.03 -1.37 17.57
N ARG B 258 -38.59 -1.63 18.79
CA ARG B 258 -38.79 -0.75 19.92
C ARG B 258 -37.51 -0.57 20.71
N ILE B 259 -37.24 0.66 21.12
CA ILE B 259 -36.25 0.97 22.15
C ILE B 259 -37.01 1.10 23.47
N HIS B 260 -36.47 0.50 24.53
CA HIS B 260 -37.11 0.47 25.84
C HIS B 260 -36.24 1.16 26.89
N ASP B 261 -36.90 1.87 27.82
CA ASP B 261 -36.26 2.41 29.02
C ASP B 261 -37.20 2.07 30.17
N GLY B 262 -37.09 0.85 30.68
CA GLY B 262 -38.00 0.38 31.70
C GLY B 262 -39.39 0.14 31.14
N SER B 263 -40.38 0.79 31.74
CA SER B 263 -41.76 0.69 31.25
C SER B 263 -42.05 1.65 30.10
N ALA B 264 -41.10 2.48 29.69
CA ALA B 264 -41.34 3.46 28.62
C ALA B 264 -40.83 2.93 27.29
N VAL B 265 -41.64 3.10 26.25
CA VAL B 265 -41.18 2.87 24.89
C VAL B 265 -40.57 4.17 24.39
N VAL B 266 -39.23 4.20 24.32
CA VAL B 266 -38.52 5.41 23.90
C VAL B 266 -38.72 5.68 22.42
N ASP B 267 -38.78 4.64 21.61
CA ASP B 267 -38.98 4.77 20.16
C ASP B 267 -39.58 3.47 19.63
N GLU B 268 -40.41 3.62 18.61
CA GLU B 268 -41.02 2.50 17.92
C GLU B 268 -40.98 2.74 16.42
N TYR B 269 -40.54 1.74 15.66
CA TYR B 269 -40.51 1.78 14.21
C TYR B 269 -41.22 0.54 13.67
N THR B 270 -42.02 0.73 12.62
CA THR B 270 -42.82 -0.36 12.06
C THR B 270 -42.64 -0.41 10.54
N GLU B 271 -42.77 -1.61 9.99
CA GLU B 271 -42.67 -1.77 8.54
C GLU B 271 -43.12 -3.17 8.15
N LYS B 272 -43.59 -3.30 6.92
CA LYS B 272 -43.91 -4.61 6.35
C LYS B 272 -42.66 -5.32 5.85
N VAL B 273 -42.67 -6.65 5.96
CA VAL B 273 -41.53 -7.49 5.60
C VAL B 273 -42.04 -8.77 4.98
N GLY B 274 -41.47 -9.14 3.83
CA GLY B 274 -41.77 -10.40 3.19
C GLY B 274 -40.60 -11.37 3.36
N ILE B 275 -40.92 -12.58 3.78
CA ILE B 275 -39.92 -13.62 4.01
C ILE B 275 -39.75 -14.41 2.72
N ARG B 276 -38.53 -14.44 2.18
CA ARG B 276 -38.23 -15.16 0.96
C ARG B 276 -36.72 -15.26 0.79
N THR B 277 -36.27 -16.28 0.11
CA THR B 277 -34.86 -16.39 -0.27
C THR B 277 -34.71 -16.22 -1.77
N PHE B 278 -33.58 -15.69 -2.18
CA PHE B 278 -33.29 -15.54 -3.60
C PHE B 278 -31.80 -15.73 -3.80
N GLU B 279 -31.44 -16.61 -4.73
CA GLU B 279 -30.03 -16.89 -4.98
C GLU B 279 -29.86 -17.50 -6.36
N ILE B 280 -28.63 -17.43 -6.86
CA ILE B 280 -28.24 -18.11 -8.09
C ILE B 280 -27.64 -19.45 -7.72
N LYS B 281 -28.17 -20.52 -8.33
CA LYS B 281 -27.68 -21.87 -8.16
C LYS B 281 -27.74 -22.58 -9.51
N ASP B 282 -26.61 -23.14 -9.93
CA ASP B 282 -26.51 -23.89 -11.19
C ASP B 282 -27.21 -23.17 -12.34
N GLY B 283 -26.85 -21.89 -12.51
CA GLY B 283 -27.31 -21.14 -13.67
C GLY B 283 -28.76 -20.73 -13.67
N HIS B 284 -29.44 -20.83 -12.53
CA HIS B 284 -30.83 -20.43 -12.41
C HIS B 284 -31.01 -19.44 -11.26
N PHE B 285 -32.08 -18.66 -11.36
CA PHE B 285 -32.55 -17.83 -10.26
C PHE B 285 -33.51 -18.67 -9.43
N LEU B 286 -33.20 -18.83 -8.13
CA LEU B 286 -34.04 -19.59 -7.20
C LEU B 286 -34.70 -18.63 -6.23
N LEU B 287 -36.02 -18.63 -6.24
CA LEU B 287 -36.82 -17.88 -5.28
C LEU B 287 -37.46 -18.91 -4.37
N ASN B 288 -37.16 -18.82 -3.07
CA ASN B 288 -37.58 -19.84 -2.14
C ASN B 288 -37.26 -21.23 -2.69
N GLY B 289 -36.03 -21.37 -3.22
CA GLY B 289 -35.55 -22.65 -3.70
C GLY B 289 -36.15 -23.15 -5.01
N LYS B 290 -36.93 -22.34 -5.72
CA LYS B 290 -37.47 -22.83 -6.98
C LYS B 290 -37.12 -21.87 -8.12
N PRO B 291 -36.84 -22.39 -9.32
CA PRO B 291 -36.36 -21.52 -10.39
C PRO B 291 -37.47 -20.62 -10.93
N VAL B 292 -37.10 -19.38 -11.22
CA VAL B 292 -38.00 -18.39 -11.81
C VAL B 292 -37.36 -17.86 -13.09
N TYR B 293 -38.15 -17.81 -14.16
CA TYR B 293 -37.75 -17.16 -15.40
C TYR B 293 -38.27 -15.72 -15.36
N LEU B 294 -37.35 -14.75 -15.33
CA LEU B 294 -37.75 -13.35 -15.20
C LEU B 294 -38.32 -12.81 -16.51
N ARG B 295 -39.43 -12.09 -16.42
CA ARG B 295 -40.02 -11.48 -17.60
C ARG B 295 -40.65 -10.16 -17.20
N GLY B 296 -40.45 -9.15 -18.04
CA GLY B 296 -40.92 -7.80 -17.77
C GLY B 296 -40.19 -6.68 -18.51
N PHE B 297 -39.94 -5.60 -17.79
CA PHE B 297 -39.45 -4.37 -18.46
C PHE B 297 -38.37 -3.57 -17.72
N GLY B 298 -37.77 -2.75 -18.54
CA GLY B 298 -37.10 -1.55 -18.10
C GLY B 298 -38.22 -0.51 -18.02
N LYS B 299 -38.29 0.25 -16.93
CA LYS B 299 -39.31 1.32 -16.86
C LYS B 299 -38.58 2.66 -16.80
N HIS B 300 -39.34 3.69 -16.53
CA HIS B 300 -38.83 5.00 -16.13
C HIS B 300 -39.81 5.59 -15.13
N GLU B 301 -39.34 6.56 -14.36
CA GLU B 301 -40.26 7.43 -13.63
C GLU B 301 -40.58 8.57 -14.57
N ASP B 302 -41.71 8.46 -15.28
CA ASP B 302 -41.99 9.38 -16.36
C ASP B 302 -43.47 9.30 -16.69
N ALA B 303 -44.10 10.46 -16.84
CA ALA B 303 -45.51 10.58 -17.20
C ALA B 303 -45.76 11.97 -17.75
N ASP B 304 -46.89 12.11 -18.45
CA ASP B 304 -47.29 13.41 -18.97
C ASP B 304 -47.35 14.45 -17.85
N ILE B 305 -46.92 15.68 -18.17
CA ILE B 305 -47.07 16.88 -17.34
C ILE B 305 -46.09 16.95 -16.15
N ARG B 306 -46.01 15.89 -15.35
CA ARG B 306 -45.28 15.92 -14.07
C ARG B 306 -43.81 15.49 -14.16
N GLY B 307 -43.31 15.09 -15.33
CA GLY B 307 -41.93 14.63 -15.40
C GLY B 307 -41.72 13.35 -14.59
N ARG B 308 -40.81 13.39 -13.62
CA ARG B 308 -40.52 12.25 -12.75
C ARG B 308 -41.24 12.34 -11.41
N GLY B 309 -42.17 13.27 -11.26
CA GLY B 309 -42.91 13.38 -10.01
C GLY B 309 -43.65 12.10 -9.68
N LEU B 310 -43.63 11.75 -8.40
CA LEU B 310 -44.40 10.62 -7.91
C LEU B 310 -45.89 10.84 -8.10
N ASP B 311 -46.58 9.82 -8.62
CA ASP B 311 -48.03 9.89 -8.77
C ASP B 311 -48.58 8.48 -8.55
N LEU B 312 -49.20 8.24 -7.39
CA LEU B 312 -49.71 6.91 -7.05
C LEU B 312 -50.75 6.43 -8.05
N ALA B 313 -51.51 7.35 -8.66
CA ALA B 313 -52.48 6.92 -9.66
C ALA B 313 -51.77 6.22 -10.82
N THR B 314 -50.70 6.81 -11.34
CA THR B 314 -50.00 6.18 -12.46
C THR B 314 -49.28 4.90 -12.02
N VAL B 315 -48.75 4.87 -10.80
CA VAL B 315 -48.13 3.65 -10.29
C VAL B 315 -49.15 2.52 -10.24
N LYS B 316 -50.35 2.81 -9.72
CA LYS B 316 -51.39 1.77 -9.66
C LYS B 316 -51.73 1.26 -11.06
N ARG B 317 -51.89 2.17 -12.02
CA ARG B 317 -52.18 1.71 -13.38
C ARG B 317 -51.02 0.89 -13.93
N ASP B 318 -49.77 1.32 -13.68
CA ASP B 318 -48.64 0.57 -14.24
C ASP B 318 -48.66 -0.87 -13.73
N TYR B 319 -48.96 -1.05 -12.44
CA TYR B 319 -48.99 -2.40 -11.89
C TYR B 319 -50.16 -3.20 -12.45
N GLU B 320 -51.32 -2.56 -12.64
CA GLU B 320 -52.42 -3.25 -13.28
C GLU B 320 -52.03 -3.76 -14.67
N LEU B 321 -51.32 -2.93 -15.45
CA LEU B 321 -50.88 -3.35 -16.78
C LEU B 321 -49.82 -4.45 -16.73
N MET B 322 -48.87 -4.34 -15.79
CA MET B 322 -47.84 -5.38 -15.68
C MET B 322 -48.44 -6.72 -15.28
N LYS B 323 -49.46 -6.70 -14.42
CA LYS B 323 -50.13 -7.96 -14.09
C LYS B 323 -50.91 -8.47 -15.29
N TRP B 324 -51.63 -7.58 -15.98
CA TRP B 324 -52.42 -8.01 -17.12
C TRP B 324 -51.53 -8.65 -18.19
N ILE B 325 -50.31 -8.14 -18.37
CA ILE B 325 -49.45 -8.62 -19.45
C ILE B 325 -48.63 -9.85 -19.06
N GLY B 326 -48.65 -10.24 -17.79
CA GLY B 326 -47.90 -11.39 -17.33
C GLY B 326 -46.48 -11.11 -16.93
N ALA B 327 -46.11 -9.85 -16.71
CA ALA B 327 -44.77 -9.57 -16.22
C ALA B 327 -44.62 -10.06 -14.78
N ASN B 328 -43.38 -10.32 -14.37
CA ASN B 328 -43.10 -10.56 -12.97
C ASN B 328 -41.93 -9.74 -12.42
N CYS B 329 -41.31 -8.90 -13.26
CA CYS B 329 -40.05 -8.29 -12.88
C CYS B 329 -39.86 -7.00 -13.65
N PHE B 330 -39.27 -6.00 -12.99
CA PHE B 330 -38.74 -4.87 -13.74
C PHE B 330 -37.44 -4.39 -13.11
N ARG B 331 -36.69 -3.64 -13.90
CA ARG B 331 -35.48 -2.99 -13.43
C ARG B 331 -35.76 -1.51 -13.27
N THR B 332 -35.24 -0.90 -12.19
CA THR B 332 -35.45 0.53 -11.96
C THR B 332 -34.52 1.34 -12.87
N SER B 333 -34.68 1.07 -14.15
CA SER B 333 -33.95 1.68 -15.26
C SER B 333 -33.49 3.09 -14.96
N HIS B 334 -32.22 3.12 -14.60
CA HIS B 334 -31.16 4.12 -14.66
C HIS B 334 -31.20 5.03 -13.44
N TYR B 335 -32.05 4.76 -12.44
CA TYR B 335 -31.97 5.48 -11.16
C TYR B 335 -32.90 4.81 -10.16
N PRO B 336 -32.59 4.83 -8.86
CA PRO B 336 -33.54 4.31 -7.89
C PRO B 336 -34.85 5.10 -7.97
N TYR B 337 -35.97 4.39 -7.82
CA TYR B 337 -37.29 5.00 -7.91
C TYR B 337 -37.75 5.45 -6.52
N ALA B 338 -38.91 6.12 -6.48
CA ALA B 338 -39.52 6.46 -5.21
C ALA B 338 -39.85 5.20 -4.43
N GLU B 339 -39.65 5.26 -3.11
CA GLU B 339 -39.87 4.10 -2.23
C GLU B 339 -41.25 3.50 -2.47
N GLU B 340 -42.24 4.35 -2.75
CA GLU B 340 -43.60 3.88 -2.96
C GLU B 340 -43.71 2.82 -4.05
N LEU B 341 -42.85 2.86 -5.07
CA LEU B 341 -42.95 1.85 -6.12
C LEU B 341 -42.53 0.47 -5.58
N TYR B 342 -41.53 0.45 -4.70
CA TYR B 342 -41.09 -0.81 -4.11
C TYR B 342 -42.12 -1.36 -3.12
N GLN B 343 -42.77 -0.47 -2.37
CA GLN B 343 -43.84 -0.91 -1.48
C GLN B 343 -44.96 -1.59 -2.26
N MET B 344 -45.32 -1.06 -3.44
CA MET B 344 -46.33 -1.75 -4.23
C MET B 344 -45.81 -3.09 -4.75
N ALA B 345 -44.53 -3.16 -5.14
CA ALA B 345 -44.01 -4.45 -5.60
C ALA B 345 -44.02 -5.48 -4.48
N ASP B 346 -43.69 -5.05 -3.25
CA ASP B 346 -43.81 -5.95 -2.09
C ASP B 346 -45.23 -6.47 -1.96
N GLU B 347 -46.23 -5.62 -2.18
CA GLU B 347 -47.61 -6.06 -1.99
C GLU B 347 -48.11 -6.93 -3.14
N GLU B 348 -47.66 -6.68 -4.37
CA GLU B 348 -48.19 -7.38 -5.52
C GLU B 348 -47.37 -8.60 -5.93
N GLY B 349 -46.20 -8.80 -5.33
CA GLY B 349 -45.38 -9.94 -5.71
C GLY B 349 -44.58 -9.77 -6.99
N PHE B 350 -43.94 -8.61 -7.15
CA PHE B 350 -43.10 -8.33 -8.31
C PHE B 350 -41.64 -8.31 -7.91
N LEU B 351 -40.78 -8.80 -8.80
CA LEU B 351 -39.34 -8.80 -8.60
C LEU B 351 -38.74 -7.54 -9.19
N ILE B 352 -37.73 -7.00 -8.50
CA ILE B 352 -37.12 -5.74 -8.91
C ILE B 352 -35.60 -5.88 -8.94
N ILE B 353 -34.98 -5.38 -10.01
CA ILE B 353 -33.55 -5.17 -10.09
C ILE B 353 -33.30 -3.69 -9.82
N ASP B 354 -32.67 -3.39 -8.69
CA ASP B 354 -32.51 -2.02 -8.21
C ASP B 354 -31.24 -1.43 -8.83
N GLU B 355 -31.38 -0.30 -9.52
CA GLU B 355 -30.29 0.26 -10.30
C GLU B 355 -29.96 1.68 -9.85
N VAL B 356 -28.68 1.94 -9.70
CA VAL B 356 -28.09 3.22 -9.31
C VAL B 356 -27.92 4.07 -10.57
N PRO B 357 -27.94 5.43 -10.53
CA PRO B 357 -27.92 6.22 -11.79
C PRO B 357 -26.55 6.29 -12.47
N ALA B 358 -25.80 5.19 -12.48
CA ALA B 358 -24.49 5.14 -13.13
C ALA B 358 -24.66 4.85 -14.63
N VAL B 359 -25.25 5.83 -15.32
CA VAL B 359 -25.51 5.78 -16.75
C VAL B 359 -24.84 7.00 -17.40
N GLY B 360 -24.37 6.82 -18.61
CA GLY B 360 -23.65 7.85 -19.33
C GLY B 360 -22.14 7.74 -19.29
N PHE B 361 -21.59 6.63 -18.79
CA PHE B 361 -20.14 6.48 -18.62
C PHE B 361 -19.51 5.97 -19.93
N MET B 362 -19.58 6.82 -20.96
CA MET B 362 -19.09 6.43 -22.28
C MET B 362 -18.59 7.62 -23.08
N GLU B 363 -17.67 7.34 -23.98
CA GLU B 363 -17.23 8.31 -24.97
C GLU B 363 -17.81 8.03 -26.35
N VAL B 379 -8.60 8.92 -24.57
CA VAL B 379 -8.40 8.08 -23.38
C VAL B 379 -9.75 7.60 -22.89
N GLY B 380 -9.83 6.32 -22.48
CA GLY B 380 -11.11 5.72 -22.16
C GLY B 380 -11.79 6.34 -20.94
N TRP B 381 -13.09 6.05 -20.79
CA TRP B 381 -13.91 6.72 -19.78
C TRP B 381 -13.30 6.56 -18.39
N PHE B 382 -12.94 5.33 -18.03
CA PHE B 382 -12.45 5.08 -16.67
C PHE B 382 -10.97 5.43 -16.51
N GLU B 383 -10.39 6.17 -17.45
CA GLU B 383 -9.09 6.79 -17.25
C GLU B 383 -9.21 8.31 -17.21
N LYS B 384 -10.43 8.84 -17.19
CA LYS B 384 -10.62 10.28 -17.12
C LYS B 384 -10.10 10.82 -15.78
N GLU B 385 -9.70 12.08 -15.80
CA GLU B 385 -9.07 12.65 -14.61
C GLU B 385 -10.05 12.72 -13.45
N THR B 386 -11.35 12.84 -13.72
CA THR B 386 -12.35 12.91 -12.67
C THR B 386 -12.85 11.53 -12.24
N THR B 387 -12.23 10.45 -12.71
CA THR B 387 -12.69 9.11 -12.32
C THR B 387 -12.77 8.94 -10.80
N PRO B 388 -11.80 9.36 -10.00
CA PRO B 388 -11.94 9.13 -8.55
C PRO B 388 -13.12 9.88 -7.96
N GLN B 389 -13.36 11.12 -8.42
CA GLN B 389 -14.57 11.85 -8.01
C GLN B 389 -15.84 11.09 -8.38
N LEU B 390 -15.90 10.55 -9.60
CA LEU B 390 -17.08 9.80 -10.01
C LEU B 390 -17.30 8.59 -9.11
N LEU B 391 -16.22 7.83 -8.87
CA LEU B 391 -16.30 6.66 -8.01
C LEU B 391 -16.87 6.99 -6.64
N ALA B 392 -16.41 8.09 -6.05
CA ALA B 392 -16.92 8.48 -4.74
C ALA B 392 -18.43 8.75 -4.79
N ASN B 393 -18.89 9.47 -5.82
CA ASN B 393 -20.33 9.68 -5.97
C ASN B 393 -21.04 8.37 -6.26
N HIS B 394 -20.37 7.45 -6.97
CA HIS B 394 -20.95 6.13 -7.26
C HIS B 394 -21.10 5.31 -5.97
N LYS B 395 -20.07 5.31 -5.12
CA LYS B 395 -20.14 4.59 -3.85
C LYS B 395 -21.25 5.13 -2.95
N ASP B 396 -21.38 6.46 -2.87
CA ASP B 396 -22.43 7.05 -2.04
C ASP B 396 -23.81 6.64 -2.52
N ALA B 397 -24.05 6.67 -3.84
CA ALA B 397 -25.36 6.26 -4.35
C ALA B 397 -25.61 4.78 -4.10
N LEU B 398 -24.61 3.93 -4.36
CA LEU B 398 -24.77 2.52 -4.07
C LEU B 398 -25.03 2.29 -2.57
N THR B 399 -24.28 2.99 -1.72
CA THR B 399 -24.50 2.93 -0.27
C THR B 399 -25.93 3.32 0.09
N ASP B 400 -26.40 4.46 -0.42
CA ASP B 400 -27.72 4.93 -0.04
C ASP B 400 -28.81 4.07 -0.67
N MET B 401 -28.61 3.58 -1.89
CA MET B 401 -29.64 2.74 -2.51
C MET B 401 -29.80 1.41 -1.76
N ILE B 402 -28.67 0.71 -1.51
CA ILE B 402 -28.79 -0.56 -0.81
C ILE B 402 -29.26 -0.33 0.62
N GLY B 403 -28.73 0.69 1.29
CA GLY B 403 -29.20 0.99 2.64
C GLY B 403 -30.70 1.29 2.67
N ARG B 404 -31.21 1.95 1.63
CA ARG B 404 -32.63 2.29 1.61
C ARG B 404 -33.49 1.06 1.32
N ASP B 405 -33.06 0.19 0.41
CA ASP B 405 -33.96 -0.78 -0.22
C ASP B 405 -33.74 -2.24 0.19
N LYS B 406 -32.76 -2.54 1.05
CA LYS B 406 -32.33 -3.93 1.25
C LYS B 406 -33.40 -4.83 1.87
N ASN B 407 -34.32 -4.28 2.68
CA ASN B 407 -35.32 -5.11 3.34
C ASN B 407 -36.58 -5.35 2.51
N HIS B 408 -36.64 -4.85 1.28
CA HIS B 408 -37.77 -5.13 0.41
C HIS B 408 -37.67 -6.56 -0.11
N ALA B 409 -38.72 -7.35 0.14
CA ALA B 409 -38.75 -8.67 -0.47
C ALA B 409 -38.69 -8.61 -2.00
N SER B 410 -39.20 -7.53 -2.61
CA SER B 410 -39.24 -7.48 -4.07
C SER B 410 -37.85 -7.27 -4.67
N VAL B 411 -36.93 -6.63 -3.95
CA VAL B 411 -35.60 -6.32 -4.49
C VAL B 411 -34.74 -7.57 -4.40
N ILE B 412 -34.38 -8.14 -5.55
CA ILE B 412 -33.64 -9.40 -5.60
C ILE B 412 -32.32 -9.29 -6.33
N ALA B 413 -31.93 -8.11 -6.81
CA ALA B 413 -30.65 -7.94 -7.46
C ALA B 413 -30.28 -6.45 -7.52
N TRP B 414 -28.98 -6.21 -7.67
CA TRP B 414 -28.44 -4.86 -7.78
C TRP B 414 -27.80 -4.72 -9.16
N SER B 415 -28.20 -3.69 -9.89
CA SER B 415 -27.53 -3.30 -11.13
C SER B 415 -26.66 -2.08 -10.82
N ILE B 416 -25.35 -2.23 -11.00
CA ILE B 416 -24.42 -1.21 -10.54
C ILE B 416 -24.12 -0.17 -11.61
N LEU B 417 -24.36 -0.47 -12.89
CA LEU B 417 -24.15 0.48 -13.98
C LEU B 417 -25.06 0.11 -15.16
N ASN B 418 -25.33 1.09 -16.02
CA ASN B 418 -26.04 0.86 -17.28
C ASN B 418 -25.13 1.31 -18.42
N GLU B 419 -24.70 0.36 -19.23
CA GLU B 419 -23.92 0.63 -20.44
C GLU B 419 -22.69 1.51 -20.19
N PRO B 420 -21.81 1.13 -19.26
CA PRO B 420 -20.51 1.79 -19.15
C PRO B 420 -19.57 1.31 -20.24
N GLN B 421 -18.52 2.09 -20.48
CA GLN B 421 -17.51 1.69 -21.44
C GLN B 421 -16.60 0.68 -20.77
N CYS B 422 -17.15 -0.52 -20.54
CA CYS B 422 -16.36 -1.47 -19.75
C CYS B 422 -15.20 -2.15 -20.53
N THR B 423 -14.98 -1.70 -21.76
CA THR B 423 -13.78 -2.00 -22.50
C THR B 423 -12.63 -1.05 -22.17
N SER B 424 -12.88 -0.01 -21.39
CA SER B 424 -11.88 1.00 -21.07
C SER B 424 -10.79 0.44 -20.14
N GLU B 425 -9.56 0.93 -20.31
CA GLU B 425 -8.59 0.79 -19.25
C GLU B 425 -9.15 1.41 -17.98
N GLY B 426 -8.79 0.84 -16.83
CA GLY B 426 -9.27 1.29 -15.55
C GLY B 426 -10.57 0.66 -15.11
N THR B 427 -11.22 -0.10 -15.99
CA THR B 427 -12.50 -0.74 -15.65
C THR B 427 -12.37 -1.67 -14.44
N GLU B 428 -11.29 -2.45 -14.36
CA GLU B 428 -11.22 -3.51 -13.35
C GLU B 428 -11.20 -2.94 -11.94
N ALA B 429 -10.31 -1.98 -11.68
CA ALA B 429 -10.19 -1.41 -10.34
C ALA B 429 -11.47 -0.67 -9.95
N TYR B 430 -12.10 0.02 -10.90
CA TYR B 430 -13.36 0.72 -10.63
C TYR B 430 -14.46 -0.27 -10.29
N PHE B 431 -14.64 -1.31 -11.09
CA PHE B 431 -15.70 -2.29 -10.87
C PHE B 431 -15.48 -3.08 -9.57
N LYS B 432 -14.28 -3.63 -9.38
CA LYS B 432 -13.99 -4.38 -8.15
C LYS B 432 -14.42 -3.58 -6.90
N THR B 433 -14.04 -2.30 -6.85
CA THR B 433 -14.43 -1.46 -5.72
C THR B 433 -15.92 -1.53 -5.47
N LEU B 434 -16.72 -1.42 -6.54
CA LEU B 434 -18.15 -1.31 -6.35
C LEU B 434 -18.80 -2.67 -6.12
N PHE B 435 -18.31 -3.72 -6.77
CA PHE B 435 -18.89 -5.03 -6.54
C PHE B 435 -18.53 -5.56 -5.15
N ASP B 436 -17.30 -5.31 -4.67
CA ASP B 436 -16.98 -5.60 -3.28
C ASP B 436 -17.90 -4.82 -2.33
N LEU B 437 -18.07 -3.52 -2.58
CA LEU B 437 -18.88 -2.68 -1.69
C LEU B 437 -20.31 -3.22 -1.58
N ALA B 438 -20.88 -3.66 -2.70
CA ALA B 438 -22.26 -4.14 -2.66
C ALA B 438 -22.41 -5.34 -1.73
N HIS B 439 -21.38 -6.19 -1.64
CA HIS B 439 -21.42 -7.27 -0.65
C HIS B 439 -21.28 -6.73 0.77
N GLU B 440 -20.45 -5.70 0.98
CA GLU B 440 -20.30 -5.14 2.31
C GLU B 440 -21.58 -4.46 2.77
N LEU B 441 -22.41 -4.00 1.83
CA LEU B 441 -23.60 -3.24 2.15
C LEU B 441 -24.83 -4.10 2.33
N ASP B 442 -24.85 -5.29 1.78
CA ASP B 442 -26.08 -6.09 1.68
C ASP B 442 -25.98 -7.36 2.51
N PRO B 443 -26.64 -7.47 3.66
CA PRO B 443 -26.58 -8.72 4.43
C PRO B 443 -27.07 -9.92 3.66
N GLN B 444 -28.02 -9.74 2.73
CA GLN B 444 -28.55 -10.88 2.00
C GLN B 444 -27.63 -11.33 0.87
N LYS B 445 -26.62 -10.54 0.51
CA LYS B 445 -25.67 -10.89 -0.54
C LYS B 445 -26.39 -11.27 -1.84
N ARG B 446 -27.31 -10.41 -2.26
CA ARG B 446 -28.08 -10.63 -3.48
C ARG B 446 -27.19 -10.54 -4.73
N PRO B 447 -27.59 -11.18 -5.82
CA PRO B 447 -26.79 -11.11 -7.05
C PRO B 447 -26.60 -9.67 -7.52
N ARG B 448 -25.40 -9.41 -8.04
CA ARG B 448 -24.99 -8.14 -8.59
C ARG B 448 -24.80 -8.27 -10.11
N THR B 449 -25.18 -7.23 -10.86
CA THR B 449 -25.03 -7.22 -12.31
C THR B 449 -24.77 -5.79 -12.80
N TYR B 450 -24.71 -5.64 -14.12
CA TYR B 450 -24.81 -4.33 -14.78
C TYR B 450 -25.20 -4.58 -16.22
N ALA B 451 -25.78 -3.55 -16.85
CA ALA B 451 -26.26 -3.69 -18.22
C ALA B 451 -25.11 -3.42 -19.20
N VAL B 452 -24.76 -4.44 -20.00
CA VAL B 452 -23.60 -4.41 -20.90
C VAL B 452 -23.98 -3.78 -22.23
N VAL B 453 -23.20 -2.78 -22.65
CA VAL B 453 -23.48 -2.06 -23.90
C VAL B 453 -23.16 -2.93 -25.11
N MET B 454 -23.75 -2.57 -26.26
CA MET B 454 -23.56 -3.33 -27.50
C MET B 454 -22.09 -3.45 -27.89
N MET B 455 -21.31 -2.38 -27.73
CA MET B 455 -19.90 -2.42 -28.09
C MET B 455 -19.06 -3.31 -27.18
N SER B 456 -19.59 -3.77 -26.05
CA SER B 456 -18.82 -4.59 -25.11
C SER B 456 -19.16 -6.06 -25.40
N LEU B 457 -18.19 -6.78 -25.93
CA LEU B 457 -18.35 -8.14 -26.41
C LEU B 457 -17.68 -9.13 -25.48
N PRO B 458 -18.00 -10.42 -25.63
CA PRO B 458 -17.43 -11.44 -24.72
C PRO B 458 -15.92 -11.39 -24.61
N ASN B 459 -15.23 -11.05 -25.69
CA ASN B 459 -13.78 -11.14 -25.69
C ASN B 459 -13.05 -9.86 -25.30
N ASN B 460 -13.73 -8.70 -25.30
CA ASN B 460 -13.04 -7.46 -24.98
C ASN B 460 -13.58 -6.74 -23.75
N SER B 461 -14.69 -7.22 -23.16
CA SER B 461 -15.19 -6.61 -21.94
C SER B 461 -14.28 -6.93 -20.76
N LYS B 462 -13.75 -5.89 -20.13
CA LYS B 462 -13.05 -6.06 -18.86
C LYS B 462 -13.98 -6.04 -17.65
N GLY B 463 -15.25 -5.73 -17.84
CA GLY B 463 -16.16 -5.62 -16.72
C GLY B 463 -16.98 -6.86 -16.47
N GLN B 464 -17.28 -7.62 -17.54
CA GLN B 464 -18.28 -8.68 -17.40
C GLN B 464 -17.89 -9.71 -16.36
N GLN B 465 -16.59 -9.96 -16.17
CA GLN B 465 -16.15 -10.95 -15.18
C GLN B 465 -16.65 -10.65 -13.76
N PHE B 466 -17.00 -9.41 -13.43
CA PHE B 466 -17.40 -9.11 -12.06
C PHE B 466 -18.87 -9.43 -11.78
N ALA B 467 -19.69 -9.62 -12.82
CA ALA B 467 -21.13 -9.80 -12.65
C ALA B 467 -21.44 -11.21 -12.17
N ASP B 468 -22.39 -11.32 -11.22
CA ASP B 468 -22.90 -12.64 -10.82
C ASP B 468 -23.81 -13.23 -11.89
N PHE B 469 -24.57 -12.39 -12.60
CA PHE B 469 -25.23 -12.80 -13.82
C PHE B 469 -25.00 -11.69 -14.84
N ILE B 470 -24.96 -12.07 -16.10
CA ILE B 470 -24.75 -11.11 -17.18
C ILE B 470 -26.10 -10.52 -17.59
N SER B 471 -26.15 -9.21 -17.78
CA SER B 471 -27.32 -8.51 -18.30
C SER B 471 -26.93 -7.83 -19.61
N LEU B 472 -27.58 -8.21 -20.71
CA LEU B 472 -27.28 -7.61 -22.01
C LEU B 472 -28.35 -6.60 -22.43
N ASN B 473 -27.90 -5.49 -23.00
CA ASN B 473 -28.72 -4.54 -23.77
C ASN B 473 -28.35 -4.73 -25.23
N ARG B 474 -29.24 -5.33 -26.02
CA ARG B 474 -28.95 -5.61 -27.42
C ARG B 474 -30.09 -5.14 -28.31
N TYR B 475 -29.73 -4.53 -29.45
CA TYR B 475 -30.71 -4.01 -30.42
C TYR B 475 -30.39 -4.54 -31.82
N TYR B 476 -30.20 -5.86 -31.90
CA TYR B 476 -30.11 -6.55 -33.17
C TYR B 476 -31.47 -6.50 -33.86
N GLY B 477 -31.52 -5.85 -35.02
CA GLY B 477 -32.78 -5.57 -35.67
C GLY B 477 -33.32 -4.17 -35.44
N TRP B 478 -32.64 -3.33 -34.65
CA TRP B 478 -33.03 -1.93 -34.57
C TRP B 478 -31.83 -1.07 -34.93
N TYR B 479 -30.91 -0.86 -33.98
CA TYR B 479 -29.74 -0.06 -34.30
C TYR B 479 -28.78 -0.78 -35.23
N VAL B 480 -28.86 -2.11 -35.30
CA VAL B 480 -27.91 -2.94 -36.03
C VAL B 480 -28.69 -3.82 -37.00
N MET B 481 -28.50 -3.60 -38.31
CA MET B 481 -29.06 -4.49 -39.33
C MET B 481 -30.58 -4.56 -39.25
N GLY B 482 -31.22 -3.40 -39.12
CA GLY B 482 -32.66 -3.34 -39.07
C GLY B 482 -33.31 -3.53 -40.44
N GLY B 483 -34.63 -3.72 -40.41
CA GLY B 483 -35.41 -3.68 -41.65
C GLY B 483 -35.24 -4.95 -42.45
N MET B 484 -34.92 -4.79 -43.73
CA MET B 484 -34.64 -5.94 -44.58
C MET B 484 -33.39 -6.69 -44.12
N GLY B 485 -32.52 -6.02 -43.36
CA GLY B 485 -31.34 -6.66 -42.81
C GLY B 485 -31.57 -7.58 -41.62
N ILE B 486 -32.81 -7.77 -41.19
CA ILE B 486 -33.05 -8.48 -39.93
C ILE B 486 -32.57 -9.94 -40.00
N VAL B 487 -32.49 -10.53 -41.19
CA VAL B 487 -31.96 -11.88 -41.30
C VAL B 487 -30.48 -11.89 -40.93
N ASP B 488 -29.73 -10.86 -41.34
CA ASP B 488 -28.34 -10.73 -40.92
C ASP B 488 -28.24 -10.39 -39.43
N ALA B 489 -29.18 -9.59 -38.92
CA ALA B 489 -29.16 -9.25 -37.49
C ALA B 489 -29.26 -10.52 -36.65
N GLU B 490 -30.13 -11.45 -37.06
CA GLU B 490 -30.27 -12.68 -36.27
C GLU B 490 -29.00 -13.52 -36.34
N ALA B 491 -28.35 -13.58 -37.50
CA ALA B 491 -27.12 -14.35 -37.61
C ALA B 491 -26.02 -13.74 -36.76
N ALA B 492 -25.89 -12.40 -36.79
CA ALA B 492 -24.89 -11.73 -35.97
C ALA B 492 -25.20 -11.89 -34.48
N PHE B 493 -26.49 -11.81 -34.12
CA PHE B 493 -26.92 -12.06 -32.73
C PHE B 493 -26.48 -13.44 -32.26
N ARG B 494 -26.82 -14.47 -33.05
CA ARG B 494 -26.46 -15.84 -32.70
C ARG B 494 -24.96 -16.03 -32.58
N LYS B 495 -24.15 -15.40 -33.44
CA LYS B 495 -22.70 -15.49 -33.22
C LYS B 495 -22.27 -14.88 -31.92
N GLU B 496 -22.80 -13.71 -31.60
CA GLU B 496 -22.37 -13.12 -30.36
C GLU B 496 -22.77 -14.03 -29.20
N MET B 497 -23.98 -14.59 -29.25
CA MET B 497 -24.40 -15.48 -28.19
C MET B 497 -23.48 -16.70 -28.06
N ASN B 498 -23.08 -17.29 -29.19
CA ASN B 498 -22.08 -18.37 -29.13
C ASN B 498 -20.82 -17.92 -28.42
N GLY B 499 -20.47 -16.63 -28.52
CA GLY B 499 -19.32 -16.11 -27.80
C GLY B 499 -19.55 -16.02 -26.31
N TRP B 500 -20.73 -15.55 -25.91
CA TRP B 500 -21.03 -15.47 -24.47
C TRP B 500 -21.07 -16.85 -23.84
N ALA B 501 -21.52 -17.86 -24.57
CA ALA B 501 -21.52 -19.20 -23.99
C ALA B 501 -20.14 -19.57 -23.46
N GLN B 502 -19.08 -19.08 -24.11
CA GLN B 502 -17.72 -19.49 -23.80
C GLN B 502 -17.11 -18.74 -22.63
N VAL B 503 -17.74 -17.67 -22.13
CA VAL B 503 -17.23 -16.93 -20.98
C VAL B 503 -18.19 -16.89 -19.82
N LEU B 504 -19.40 -17.43 -19.95
CA LEU B 504 -20.36 -17.34 -18.85
C LEU B 504 -19.89 -18.14 -17.63
N ASN B 505 -19.25 -19.29 -17.84
CA ASN B 505 -18.78 -20.12 -16.72
C ASN B 505 -19.93 -20.55 -15.82
N GLY B 506 -21.03 -21.00 -16.43
CA GLY B 506 -22.21 -21.43 -15.71
C GLY B 506 -23.09 -20.32 -15.14
N ARG B 507 -22.71 -19.05 -15.31
CA ARG B 507 -23.55 -17.96 -14.83
C ARG B 507 -24.78 -17.81 -15.71
N PRO B 508 -25.92 -17.43 -15.13
CA PRO B 508 -27.09 -17.10 -15.97
C PRO B 508 -26.88 -15.78 -16.70
N MET B 509 -27.70 -15.58 -17.74
CA MET B 509 -27.79 -14.32 -18.47
C MET B 509 -29.25 -13.90 -18.58
N ILE B 510 -29.51 -12.60 -18.49
CA ILE B 510 -30.80 -12.05 -18.88
C ILE B 510 -30.56 -10.92 -19.87
N PHE B 511 -31.61 -10.62 -20.64
CA PHE B 511 -31.63 -9.39 -21.41
C PHE B 511 -32.33 -8.31 -20.60
N THR B 512 -31.60 -7.22 -20.34
CA THR B 512 -32.16 -6.05 -19.66
C THR B 512 -32.70 -5.01 -20.64
N GLU B 513 -32.29 -5.05 -21.91
CA GLU B 513 -32.89 -4.18 -22.93
C GLU B 513 -32.88 -4.88 -24.29
N TYR B 514 -33.99 -4.71 -25.00
CA TYR B 514 -34.17 -4.93 -26.43
C TYR B 514 -35.49 -4.28 -26.80
N GLY B 515 -35.58 -3.77 -28.03
CA GLY B 515 -36.79 -3.06 -28.40
C GLY B 515 -36.64 -2.30 -29.71
N ALA B 516 -37.75 -1.73 -30.15
CA ALA B 516 -37.85 -1.04 -31.43
C ALA B 516 -38.83 0.11 -31.30
N ASP B 517 -38.44 1.31 -31.76
CA ASP B 517 -39.34 2.45 -31.69
C ASP B 517 -40.57 2.17 -32.53
N THR B 518 -41.75 2.49 -31.99
CA THR B 518 -43.00 2.12 -32.64
C THR B 518 -44.02 3.23 -32.38
N MET B 519 -44.44 3.90 -33.45
CA MET B 519 -45.54 4.87 -33.33
C MET B 519 -46.81 4.11 -33.02
N PRO B 520 -47.54 4.46 -31.96
CA PRO B 520 -48.79 3.73 -31.65
C PRO B 520 -49.84 3.86 -32.73
N THR B 521 -49.63 4.73 -33.72
CA THR B 521 -50.59 5.00 -34.79
C THR B 521 -50.24 4.32 -36.10
N GLU B 522 -49.11 3.60 -36.18
CA GLU B 522 -48.53 3.19 -37.46
C GLU B 522 -48.78 1.70 -37.72
N HIS B 523 -49.42 1.41 -38.87
CA HIS B 523 -49.61 0.06 -39.40
C HIS B 523 -49.08 0.00 -40.84
N LYS B 524 -48.36 -1.06 -41.18
CA LYS B 524 -47.97 -1.23 -42.57
C LYS B 524 -47.75 -2.70 -42.90
N LEU B 525 -48.14 -3.08 -44.12
CA LEU B 525 -48.04 -4.46 -44.59
C LEU B 525 -47.46 -4.46 -46.01
N PRO B 526 -46.23 -4.95 -46.21
CA PRO B 526 -45.37 -5.50 -45.16
C PRO B 526 -44.81 -4.41 -44.24
N SER B 527 -44.19 -4.84 -43.14
CA SER B 527 -43.75 -3.93 -42.11
C SER B 527 -42.65 -2.98 -42.61
N VAL B 528 -42.54 -1.83 -41.94
CA VAL B 528 -41.37 -0.98 -41.98
C VAL B 528 -41.01 -0.65 -40.54
N MET B 529 -39.72 -0.47 -40.28
CA MET B 529 -39.29 0.05 -38.99
C MET B 529 -40.13 1.27 -38.61
N TRP B 530 -40.61 1.27 -37.35
CA TRP B 530 -41.47 2.28 -36.74
C TRP B 530 -42.94 1.88 -36.77
N SER B 531 -43.29 0.87 -37.55
CA SER B 531 -44.65 0.35 -37.54
C SER B 531 -44.85 -0.69 -36.43
N GLN B 532 -46.11 -0.86 -36.02
CA GLN B 532 -46.43 -1.86 -35.01
C GLN B 532 -46.12 -3.27 -35.49
N GLU B 533 -46.32 -3.56 -36.79
CA GLU B 533 -45.97 -4.87 -37.35
C GLU B 533 -44.48 -5.16 -37.26
N TYR B 534 -43.64 -4.14 -37.51
CA TYR B 534 -42.21 -4.36 -37.34
C TYR B 534 -41.85 -4.61 -35.87
N GLN B 535 -42.48 -3.89 -34.95
CA GLN B 535 -42.17 -4.12 -33.53
C GLN B 535 -42.46 -5.56 -33.14
N ASN B 536 -43.57 -6.11 -33.60
CA ASN B 536 -43.90 -7.51 -33.36
C ASN B 536 -42.87 -8.45 -33.99
N GLU B 537 -42.50 -8.20 -35.25
CA GLU B 537 -41.54 -9.07 -35.91
C GLU B 537 -40.19 -9.02 -35.21
N TYR B 538 -39.74 -7.81 -34.85
CA TYR B 538 -38.49 -7.66 -34.09
C TYR B 538 -38.52 -8.51 -32.83
N LEU B 539 -39.61 -8.42 -32.06
CA LEU B 539 -39.68 -9.15 -30.80
C LEU B 539 -39.69 -10.65 -31.03
N ASP B 540 -40.40 -11.11 -32.06
CA ASP B 540 -40.40 -12.54 -32.41
C ASP B 540 -38.99 -13.03 -32.72
N MET B 541 -38.25 -12.30 -33.57
CA MET B 541 -36.87 -12.68 -33.85
C MET B 541 -36.06 -12.76 -32.57
N ASN B 542 -36.14 -11.71 -31.73
CA ASN B 542 -35.34 -11.75 -30.52
C ASN B 542 -35.72 -12.92 -29.64
N HIS B 543 -37.02 -13.22 -29.53
CA HIS B 543 -37.45 -14.30 -28.66
C HIS B 543 -37.00 -15.65 -29.20
N ASN B 544 -36.97 -15.82 -30.52
CA ASN B 544 -36.44 -17.05 -31.11
C ASN B 544 -35.01 -17.28 -30.68
N VAL B 545 -34.21 -16.20 -30.63
CA VAL B 545 -32.82 -16.32 -30.19
C VAL B 545 -32.77 -16.66 -28.70
N PHE B 546 -33.52 -15.91 -27.87
CA PHE B 546 -33.51 -16.20 -26.44
C PHE B 546 -33.79 -17.67 -26.20
N ASP B 547 -34.81 -18.21 -26.88
CA ASP B 547 -35.26 -19.58 -26.63
C ASP B 547 -34.26 -20.61 -27.16
N SER B 548 -33.26 -20.20 -27.92
CA SER B 548 -32.25 -21.12 -28.43
C SER B 548 -31.12 -21.37 -27.44
N TYR B 549 -30.98 -20.56 -26.38
CA TYR B 549 -29.84 -20.65 -25.49
C TYR B 549 -30.29 -20.96 -24.07
N ASN B 550 -29.79 -22.09 -23.54
CA ASN B 550 -30.20 -22.54 -22.21
C ASN B 550 -29.90 -21.51 -21.13
N PHE B 551 -28.82 -20.75 -21.30
CA PHE B 551 -28.38 -19.88 -20.21
C PHE B 551 -29.19 -18.59 -20.12
N VAL B 552 -30.10 -18.32 -21.05
CA VAL B 552 -30.95 -17.13 -20.99
C VAL B 552 -32.08 -17.41 -20.01
N GLN B 553 -32.07 -16.71 -18.88
CA GLN B 553 -33.01 -17.01 -17.81
C GLN B 553 -33.97 -15.85 -17.51
N GLY B 554 -34.04 -14.86 -18.38
CA GLY B 554 -34.98 -13.77 -18.19
C GLY B 554 -34.94 -12.80 -19.35
N GLU B 555 -36.04 -12.08 -19.56
CA GLU B 555 -36.14 -11.13 -20.66
C GLU B 555 -36.88 -9.90 -20.14
N LEU B 556 -36.20 -8.76 -20.15
CA LEU B 556 -36.79 -7.48 -19.78
C LEU B 556 -36.73 -6.61 -21.02
N VAL B 557 -37.89 -6.30 -21.60
CA VAL B 557 -37.95 -5.53 -22.83
C VAL B 557 -37.84 -4.04 -22.52
N TRP B 558 -37.26 -3.29 -23.46
CA TRP B 558 -37.22 -1.83 -23.42
C TRP B 558 -38.28 -1.29 -24.37
N ASN B 559 -39.23 -0.50 -23.85
CA ASN B 559 -39.39 -0.05 -22.46
C ASN B 559 -40.85 -0.32 -22.13
N PHE B 560 -41.20 -0.26 -20.84
CA PHE B 560 -42.60 -0.41 -20.44
C PHE B 560 -43.49 0.58 -21.19
N ALA B 561 -43.07 1.84 -21.26
CA ALA B 561 -43.90 2.87 -21.85
C ALA B 561 -43.04 3.96 -22.48
N ASP B 562 -43.55 4.53 -23.58
CA ASP B 562 -42.92 5.69 -24.18
C ASP B 562 -42.59 6.73 -23.11
N PHE B 563 -41.41 7.34 -23.22
CA PHE B 563 -40.93 8.28 -22.20
C PHE B 563 -40.16 9.41 -22.88
N GLN B 564 -40.03 10.53 -22.16
CA GLN B 564 -39.43 11.73 -22.72
C GLN B 564 -37.91 11.67 -22.74
N THR B 565 -37.33 12.22 -23.81
CA THR B 565 -35.90 12.39 -23.99
C THR B 565 -35.63 13.81 -24.44
N THR B 566 -34.35 14.19 -24.48
CA THR B 566 -33.98 15.44 -25.13
C THR B 566 -34.44 15.42 -26.58
N GLU B 567 -34.63 16.60 -27.15
CA GLU B 567 -35.05 16.69 -28.54
C GLU B 567 -33.95 16.18 -29.47
N GLY B 568 -34.35 15.68 -30.63
CA GLY B 568 -33.35 15.16 -31.56
C GLY B 568 -33.96 14.47 -32.76
N ILE B 569 -33.16 14.29 -33.82
CA ILE B 569 -33.70 13.73 -35.05
C ILE B 569 -34.10 12.28 -34.87
N LEU B 570 -33.55 11.59 -33.87
CA LEU B 570 -33.86 10.19 -33.64
C LEU B 570 -35.04 9.98 -32.71
N ARG B 571 -35.59 11.05 -32.14
CA ARG B 571 -36.56 10.93 -31.05
C ARG B 571 -37.86 11.64 -31.46
N VAL B 572 -38.87 10.86 -31.82
CA VAL B 572 -40.15 11.41 -32.26
C VAL B 572 -40.97 11.77 -31.03
N ASN B 573 -40.70 12.95 -30.46
CA ASN B 573 -41.27 13.34 -29.17
C ASN B 573 -40.94 12.29 -28.10
N GLY B 574 -39.65 12.15 -27.82
CA GLY B 574 -39.19 11.18 -26.84
C GLY B 574 -38.93 9.81 -27.44
N ASN B 575 -38.74 8.86 -26.53
CA ASN B 575 -38.45 7.48 -26.90
C ASN B 575 -39.74 6.73 -27.15
N LYS B 576 -39.87 6.09 -28.32
CA LYS B 576 -41.10 5.40 -28.70
C LYS B 576 -40.98 3.87 -28.65
N LYS B 577 -40.02 3.33 -27.90
CA LYS B 577 -39.90 1.88 -27.72
C LYS B 577 -40.88 1.32 -26.69
N GLY B 578 -41.79 2.13 -26.15
CA GLY B 578 -42.74 1.60 -25.19
C GLY B 578 -43.55 0.45 -25.78
N ILE B 579 -43.86 -0.52 -24.93
CA ILE B 579 -44.88 -1.52 -25.21
C ILE B 579 -46.25 -0.91 -24.97
N PHE B 580 -46.34 0.00 -24.01
CA PHE B 580 -47.50 0.85 -23.80
C PHE B 580 -47.14 2.28 -24.19
N THR B 581 -48.17 3.06 -24.54
CA THR B 581 -48.00 4.49 -24.76
C THR B 581 -47.71 5.20 -23.43
N ARG B 582 -47.32 6.47 -23.52
CA ARG B 582 -47.09 7.24 -22.30
C ARG B 582 -48.38 7.40 -21.50
N GLN B 583 -49.52 7.33 -22.17
CA GLN B 583 -50.82 7.37 -21.50
C GLN B 583 -51.26 5.98 -21.03
N ARG B 584 -50.37 4.98 -21.13
CA ARG B 584 -50.60 3.67 -20.51
C ARG B 584 -51.71 2.91 -21.23
N GLN B 585 -51.71 2.99 -22.55
CA GLN B 585 -52.55 2.13 -23.36
C GLN B 585 -51.67 1.22 -24.23
N PRO B 586 -52.17 0.05 -24.59
CA PRO B 586 -51.32 -0.94 -25.28
C PRO B 586 -51.13 -0.63 -26.76
N LYS B 587 -49.90 -0.85 -27.22
CA LYS B 587 -49.60 -1.06 -28.63
C LYS B 587 -49.85 -2.54 -28.98
N ASP B 588 -49.82 -2.87 -30.29
CA ASP B 588 -50.04 -4.26 -30.68
C ASP B 588 -49.10 -5.21 -29.92
N ALA B 589 -47.83 -4.82 -29.74
CA ALA B 589 -46.87 -5.71 -29.09
C ALA B 589 -47.25 -6.06 -27.65
N ALA B 590 -48.10 -5.27 -27.00
CA ALA B 590 -48.51 -5.65 -25.64
C ALA B 590 -49.29 -6.95 -25.66
N PHE B 591 -50.09 -7.16 -26.72
CA PHE B 591 -50.84 -8.40 -26.83
C PHE B 591 -49.92 -9.56 -27.19
N LEU B 592 -48.88 -9.29 -27.96
CA LEU B 592 -47.86 -10.30 -28.23
C LEU B 592 -47.21 -10.78 -26.92
N PHE B 593 -46.80 -9.84 -26.08
CA PHE B 593 -46.14 -10.22 -24.83
C PHE B 593 -47.10 -10.95 -23.89
N ARG B 594 -48.35 -10.47 -23.79
CA ARG B 594 -49.33 -11.13 -22.92
C ARG B 594 -49.50 -12.60 -23.29
N ALA B 595 -49.64 -12.89 -24.59
CA ALA B 595 -49.76 -14.27 -25.02
C ALA B 595 -48.51 -15.08 -24.66
N ARG B 596 -47.33 -14.48 -24.82
CA ARG B 596 -46.10 -15.21 -24.54
C ARG B 596 -45.89 -15.37 -23.04
N TRP B 597 -45.88 -14.26 -22.30
CA TRP B 597 -45.50 -14.30 -20.89
C TRP B 597 -46.51 -15.08 -20.03
N THR B 598 -47.80 -15.05 -20.38
CA THR B 598 -48.76 -15.85 -19.63
C THR B 598 -48.80 -17.30 -20.08
N SER B 599 -48.18 -17.63 -21.21
CA SER B 599 -48.02 -19.03 -21.60
C SER B 599 -46.77 -19.69 -20.99
N LEU B 600 -45.71 -18.93 -20.71
CA LEU B 600 -44.51 -19.52 -20.14
C LEU B 600 -44.73 -19.88 -18.68
N PRO B 601 -44.39 -21.09 -18.26
CA PRO B 601 -44.45 -21.42 -16.82
C PRO B 601 -43.55 -20.49 -16.01
N LEU B 602 -43.85 -20.37 -14.72
CA LEU B 602 -42.99 -19.56 -13.87
C LEU B 602 -41.55 -20.04 -13.91
N ASP B 603 -41.35 -21.36 -13.92
CA ASP B 603 -40.01 -21.96 -13.94
C ASP B 603 -39.55 -22.31 -15.36
N TYR B 604 -40.04 -21.60 -16.37
CA TYR B 604 -39.60 -21.78 -17.74
C TYR B 604 -38.07 -21.90 -17.82
N LYS B 605 -37.60 -22.95 -18.50
CA LYS B 605 -36.18 -23.19 -18.74
C LYS B 605 -35.40 -23.45 -17.46
N GLY B 606 -36.09 -23.81 -16.38
CA GLY B 606 -35.50 -23.97 -15.07
C GLY B 606 -34.74 -25.26 -14.81
N ASN B 607 -34.76 -26.20 -15.74
CA ASN B 607 -33.99 -27.45 -15.63
C ASN B 607 -32.87 -27.52 -16.67
N GLN B 608 -32.55 -26.40 -17.30
CA GLN B 608 -31.49 -26.34 -18.31
C GLN B 608 -30.72 -25.05 -18.11
N ASN C 2 29.10 -8.35 -11.72
CA ASN C 2 29.92 -8.25 -12.93
C ASN C 2 30.05 -6.79 -13.41
N ASN C 3 29.12 -5.94 -12.97
CA ASN C 3 29.03 -4.56 -13.43
C ASN C 3 28.76 -4.49 -14.93
N LYS C 4 28.04 -5.48 -15.45
CA LYS C 4 27.69 -5.49 -16.86
C LYS C 4 26.69 -4.38 -17.19
N SER C 5 26.93 -3.70 -18.30
CA SER C 5 26.05 -2.61 -18.73
C SER C 5 26.10 -2.49 -20.25
N LEU C 6 24.94 -2.55 -20.88
CA LEU C 6 24.83 -2.36 -22.32
C LEU C 6 24.45 -0.92 -22.69
N LEU C 7 24.54 0.02 -21.73
CA LEU C 7 24.15 1.39 -22.01
C LEU C 7 25.13 2.04 -23.00
N TYR C 8 24.59 2.90 -23.86
CA TYR C 8 25.43 3.60 -24.83
C TYR C 8 26.43 4.48 -24.08
N PRO C 9 27.68 4.53 -24.51
CA PRO C 9 28.68 5.34 -23.79
C PRO C 9 28.35 6.82 -23.90
N VAL C 10 28.30 7.50 -22.75
CA VAL C 10 27.99 8.93 -22.74
C VAL C 10 29.09 9.67 -22.00
N VAL C 11 29.25 10.94 -22.36
CA VAL C 11 30.08 11.87 -21.60
C VAL C 11 29.14 12.65 -20.69
N SER C 12 29.51 12.80 -19.42
CA SER C 12 28.66 13.49 -18.45
C SER C 12 29.57 14.11 -17.38
N THR C 13 28.97 14.71 -16.36
CA THR C 13 29.82 15.23 -15.29
C THR C 13 30.73 14.15 -14.72
N SER C 14 30.29 12.90 -14.72
CA SER C 14 31.06 11.81 -14.10
C SER C 14 31.76 10.88 -15.10
N ARG C 15 31.42 10.92 -16.39
CA ARG C 15 31.87 9.90 -17.32
C ARG C 15 32.63 10.53 -18.48
N ARG C 16 33.62 9.78 -18.98
CA ARG C 16 34.43 10.20 -20.12
C ARG C 16 34.37 9.16 -21.22
N VAL C 17 34.58 9.61 -22.45
CA VAL C 17 34.60 8.74 -23.63
C VAL C 17 35.67 9.26 -24.58
N VAL C 18 36.55 8.36 -25.02
CA VAL C 18 37.57 8.67 -26.01
C VAL C 18 37.52 7.58 -27.06
N SER C 19 37.26 7.97 -28.30
CA SER C 19 37.15 7.00 -29.39
C SER C 19 38.52 6.43 -29.75
N LEU C 20 38.61 5.12 -29.90
CA LEU C 20 39.82 4.48 -30.38
C LEU C 20 39.77 4.17 -31.88
N ASP C 21 38.76 4.67 -32.60
CA ASP C 21 38.65 4.37 -34.03
C ASP C 21 39.79 5.05 -34.81
N GLY C 22 40.04 4.53 -36.00
CA GLY C 22 41.15 5.00 -36.82
C GLY C 22 41.90 3.84 -37.48
N MET C 23 43.19 4.03 -37.80
CA MET C 23 44.00 2.98 -38.40
C MET C 23 44.63 2.14 -37.29
N TRP C 24 44.24 0.87 -37.18
CA TRP C 24 44.89 -0.04 -36.26
C TRP C 24 45.92 -0.89 -37.02
N ARG C 25 46.65 -1.72 -36.27
CA ARG C 25 47.48 -2.76 -36.87
C ARG C 25 46.69 -4.05 -36.95
N PHE C 26 47.00 -4.88 -37.95
CA PHE C 26 46.19 -6.03 -38.29
C PHE C 26 47.08 -7.14 -38.81
N SER C 27 46.77 -8.39 -38.46
CA SER C 27 47.47 -9.52 -39.07
C SER C 27 46.59 -10.75 -39.05
N PHE C 28 46.56 -11.47 -40.18
CA PHE C 28 46.02 -12.82 -40.15
C PHE C 28 46.89 -13.70 -39.25
N ASP C 29 46.31 -14.79 -38.75
CA ASP C 29 47.02 -15.75 -37.90
C ASP C 29 46.66 -17.16 -38.37
N ALA C 30 47.10 -17.52 -39.58
CA ALA C 30 46.66 -18.78 -40.19
C ALA C 30 47.07 -20.00 -39.39
N LYS C 31 48.13 -19.90 -38.59
CA LYS C 31 48.58 -21.02 -37.76
C LYS C 31 48.01 -20.97 -36.34
N SER C 32 47.20 -19.98 -36.00
CA SER C 32 46.67 -19.86 -34.65
C SER C 32 47.81 -19.97 -33.63
N GLU C 33 48.91 -19.28 -33.92
CA GLU C 33 50.11 -19.28 -33.10
C GLU C 33 50.25 -18.04 -32.25
N GLY C 34 49.37 -17.04 -32.43
CA GLY C 34 49.62 -15.72 -31.87
C GLY C 34 49.72 -15.69 -30.35
N VAL C 35 48.81 -16.39 -29.66
CA VAL C 35 48.83 -16.37 -28.19
C VAL C 35 50.18 -16.85 -27.68
N GLU C 36 50.53 -18.11 -27.98
CA GLU C 36 51.79 -18.69 -27.52
C GLU C 36 53.00 -17.88 -28.00
N ALA C 37 52.93 -17.34 -29.21
CA ALA C 37 54.05 -16.54 -29.72
C ALA C 37 54.05 -15.12 -29.19
N ASN C 38 53.21 -14.79 -28.21
CA ASN C 38 53.29 -13.48 -27.55
C ASN C 38 52.78 -12.33 -28.43
N TRP C 39 51.91 -12.62 -29.41
CA TRP C 39 51.42 -11.56 -30.29
C TRP C 39 50.63 -10.50 -29.51
N ALA C 40 50.01 -10.87 -28.40
CA ALA C 40 49.24 -9.88 -27.67
C ALA C 40 50.09 -8.70 -27.24
N ASN C 41 51.41 -8.87 -27.14
CA ASN C 41 52.32 -7.78 -26.83
C ASN C 41 52.89 -7.11 -28.07
N GLY C 42 52.43 -7.48 -29.26
CA GLY C 42 52.85 -6.78 -30.47
C GLY C 42 52.99 -7.69 -31.66
N LEU C 43 52.38 -7.33 -32.79
CA LEU C 43 52.38 -8.19 -33.96
C LEU C 43 53.76 -8.23 -34.61
N PRO C 44 54.39 -9.39 -34.78
CA PRO C 44 55.65 -9.42 -35.53
C PRO C 44 55.51 -8.86 -36.94
N GLU C 45 54.37 -9.08 -37.59
CA GLU C 45 54.14 -8.52 -38.91
C GLU C 45 52.70 -8.04 -38.97
N SER C 46 52.48 -6.92 -39.63
CA SER C 46 51.10 -6.44 -39.65
C SER C 46 50.95 -5.45 -40.78
N ILE C 47 49.68 -5.17 -41.10
CA ILE C 47 49.27 -4.12 -42.01
C ILE C 47 48.35 -3.18 -41.26
N SER C 48 48.16 -1.98 -41.80
CA SER C 48 47.15 -1.07 -41.27
C SER C 48 45.75 -1.53 -41.67
N MET C 49 44.78 -1.23 -40.82
CA MET C 49 43.39 -1.61 -41.05
C MET C 49 42.48 -0.58 -40.40
N PRO C 50 41.54 0.00 -41.14
CA PRO C 50 40.60 0.95 -40.53
C PRO C 50 39.65 0.25 -39.59
N VAL C 51 39.38 0.92 -38.47
CA VAL C 51 38.32 0.53 -37.53
C VAL C 51 37.45 1.76 -37.33
N PRO C 52 36.12 1.66 -37.52
CA PRO C 52 35.39 0.42 -37.82
C PRO C 52 35.26 0.07 -39.30
N ALA C 53 35.20 -1.23 -39.59
CA ALA C 53 35.03 -1.76 -40.94
C ALA C 53 35.14 -3.27 -40.93
N SER C 54 34.56 -3.95 -41.92
CA SER C 54 34.99 -5.31 -42.19
C SER C 54 36.36 -5.26 -42.85
N PHE C 55 37.18 -6.27 -42.60
CA PHE C 55 38.47 -6.29 -43.28
C PHE C 55 38.37 -6.77 -44.73
N CYS C 56 37.26 -7.37 -45.14
CA CYS C 56 37.25 -8.24 -46.31
C CYS C 56 37.48 -7.48 -47.61
N ASP C 57 36.78 -6.37 -47.80
CA ASP C 57 36.72 -5.79 -49.14
C ASP C 57 37.83 -4.78 -49.39
N PHE C 58 38.82 -4.69 -48.52
CA PHE C 58 39.94 -3.81 -48.82
C PHE C 58 40.90 -4.46 -49.82
N PHE C 59 41.11 -5.76 -49.67
CA PHE C 59 42.20 -6.44 -50.37
C PHE C 59 41.89 -6.59 -51.86
N THR C 60 42.94 -6.74 -52.64
CA THR C 60 42.79 -7.06 -54.05
C THR C 60 42.92 -8.55 -54.35
N ASP C 61 43.25 -9.39 -53.36
CA ASP C 61 43.37 -10.83 -53.56
C ASP C 61 42.24 -11.57 -52.85
N LYS C 62 41.72 -12.62 -53.50
CA LYS C 62 40.55 -13.31 -52.95
C LYS C 62 40.87 -14.11 -51.67
N GLU C 63 42.08 -14.65 -51.54
CA GLU C 63 42.42 -15.41 -50.33
C GLU C 63 42.29 -14.55 -49.08
N SER C 64 42.69 -13.28 -49.16
CA SER C 64 42.47 -12.38 -48.02
C SER C 64 40.99 -12.06 -47.82
N ARG C 65 40.26 -11.81 -48.93
CA ARG C 65 38.85 -11.43 -48.82
C ARG C 65 38.04 -12.53 -48.14
N GLU C 66 38.41 -13.79 -48.40
CA GLU C 66 37.70 -14.96 -47.89
C GLU C 66 38.41 -15.60 -46.69
N TYR C 67 39.39 -14.91 -46.11
CA TYR C 67 40.12 -15.52 -45.00
C TYR C 67 39.14 -15.89 -43.89
N CYS C 68 39.33 -17.05 -43.30
CA CYS C 68 38.46 -17.56 -42.25
C CYS C 68 39.33 -18.25 -41.20
N GLY C 69 39.31 -17.74 -40.00
CA GLY C 69 40.13 -18.26 -38.90
C GLY C 69 40.44 -17.15 -37.91
N ASP C 70 41.60 -17.27 -37.28
CA ASP C 70 42.08 -16.28 -36.31
C ASP C 70 42.75 -15.12 -37.02
N PHE C 71 42.49 -13.90 -36.52
CA PHE C 71 43.13 -12.69 -37.01
C PHE C 71 43.15 -11.65 -35.89
N TRP C 72 44.14 -10.75 -35.93
CA TRP C 72 44.45 -9.84 -34.84
C TRP C 72 44.26 -8.39 -35.26
N TYR C 73 43.68 -7.59 -34.36
CA TYR C 73 43.67 -6.13 -34.42
C TYR C 73 44.43 -5.59 -33.21
N GLU C 74 45.31 -4.60 -33.42
CA GLU C 74 46.00 -4.03 -32.27
C GLU C 74 46.12 -2.53 -32.40
N THR C 75 46.03 -1.84 -31.26
CA THR C 75 46.29 -0.40 -31.21
C THR C 75 46.85 -0.07 -29.82
N ASP C 76 47.52 1.07 -29.73
CA ASP C 76 47.93 1.62 -28.45
C ASP C 76 47.00 2.76 -28.08
N PHE C 77 46.55 2.77 -26.83
CA PHE C 77 45.61 3.78 -26.35
C PHE C 77 46.18 4.43 -25.10
N PHE C 78 46.03 5.76 -25.02
CA PHE C 78 46.53 6.54 -23.90
C PHE C 78 45.48 6.60 -22.79
N VAL C 79 45.93 6.44 -21.55
CA VAL C 79 45.05 6.58 -20.40
C VAL C 79 45.47 7.84 -19.63
N PRO C 80 44.68 8.91 -19.67
CA PRO C 80 45.04 10.13 -18.94
C PRO C 80 45.25 9.85 -17.45
N GLY C 81 46.39 10.29 -16.94
CA GLY C 81 46.62 10.20 -15.50
C GLY C 81 45.51 10.84 -14.68
N GLU C 82 44.94 11.94 -15.18
CA GLU C 82 43.88 12.60 -14.43
C GLU C 82 42.64 11.71 -14.26
N TRP C 83 42.59 10.56 -14.91
CA TRP C 83 41.53 9.58 -14.70
C TRP C 83 41.80 8.64 -13.53
N SER C 84 42.98 8.74 -12.90
CA SER C 84 43.26 7.95 -11.71
C SER C 84 42.14 8.07 -10.70
N GLY C 85 41.62 6.93 -10.23
CA GLY C 85 40.54 6.89 -9.27
C GLY C 85 39.20 6.50 -9.85
N LYS C 86 39.04 6.57 -11.16
CA LYS C 86 37.86 6.07 -11.84
C LYS C 86 38.13 4.68 -12.41
N ASP C 87 37.05 3.94 -12.64
CA ASP C 87 37.16 2.71 -13.40
C ASP C 87 37.43 3.00 -14.88
N ILE C 88 38.29 2.20 -15.48
CA ILE C 88 38.67 2.34 -16.90
C ILE C 88 38.12 1.13 -17.64
N ALA C 89 37.42 1.39 -18.75
CA ALA C 89 36.79 0.31 -19.48
C ALA C 89 36.84 0.62 -20.98
N ILE C 90 36.76 -0.44 -21.78
CA ILE C 90 36.76 -0.32 -23.23
C ILE C 90 35.48 -0.95 -23.74
N ARG C 91 34.66 -0.13 -24.40
CA ARG C 91 33.45 -0.62 -25.05
C ARG C 91 33.75 -1.05 -26.47
N PHE C 92 33.36 -2.27 -26.81
CA PHE C 92 33.33 -2.73 -28.19
C PHE C 92 31.87 -2.73 -28.65
N GLY C 93 31.53 -1.85 -29.58
CA GLY C 93 30.19 -1.89 -30.16
C GLY C 93 29.85 -3.26 -30.69
N SER C 94 30.82 -3.93 -31.31
CA SER C 94 30.72 -5.31 -31.77
C SER C 94 32.11 -5.77 -32.19
N ALA C 95 32.33 -7.08 -32.16
CA ALA C 95 33.49 -7.70 -32.78
C ALA C 95 33.04 -9.06 -33.33
N THR C 96 33.31 -9.32 -34.61
CA THR C 96 32.68 -10.40 -35.37
C THR C 96 33.71 -11.48 -35.68
N HIS C 97 33.47 -12.74 -35.29
CA HIS C 97 32.33 -13.24 -34.51
C HIS C 97 32.67 -13.56 -33.02
N HIS C 98 33.86 -14.13 -32.80
CA HIS C 98 34.28 -14.63 -31.49
C HIS C 98 35.53 -13.87 -31.07
N ALA C 99 35.49 -13.25 -29.89
CA ALA C 99 36.53 -12.30 -29.48
C ALA C 99 37.25 -12.74 -28.20
N ARG C 100 38.54 -12.42 -28.15
CA ARG C 100 39.33 -12.46 -26.92
C ARG C 100 40.11 -11.15 -26.85
N ILE C 101 40.00 -10.44 -25.72
CA ILE C 101 40.61 -9.11 -25.55
C ILE C 101 41.82 -9.21 -24.64
N PHE C 102 42.92 -8.58 -25.04
CA PHE C 102 44.13 -8.46 -24.23
C PHE C 102 44.50 -7.00 -24.05
N VAL C 103 44.96 -6.64 -22.85
CA VAL C 103 45.54 -5.32 -22.60
C VAL C 103 46.89 -5.53 -21.94
N ASN C 104 47.91 -4.87 -22.49
CA ASN C 104 49.29 -5.05 -22.03
C ASN C 104 49.63 -6.52 -21.85
N GLY C 105 49.15 -7.36 -22.77
CA GLY C 105 49.44 -8.77 -22.76
C GLY C 105 48.57 -9.62 -21.87
N VAL C 106 47.65 -9.02 -21.12
CA VAL C 106 46.80 -9.73 -20.17
C VAL C 106 45.40 -9.92 -20.78
N GLU C 107 44.94 -11.17 -20.84
CA GLU C 107 43.61 -11.43 -21.36
C GLU C 107 42.56 -10.93 -20.36
N VAL C 108 41.67 -10.06 -20.82
CA VAL C 108 40.74 -9.38 -19.92
C VAL C 108 39.27 -9.66 -20.26
N ALA C 109 38.97 -10.24 -21.42
CA ALA C 109 37.56 -10.45 -21.74
C ALA C 109 37.45 -11.39 -22.92
N GLN C 110 36.31 -12.09 -22.96
CA GLN C 110 35.92 -12.97 -24.05
C GLN C 110 34.49 -12.66 -24.41
N HIS C 111 34.13 -12.87 -25.68
CA HIS C 111 32.77 -12.57 -26.12
C HIS C 111 32.37 -13.48 -27.27
N GLU C 112 31.10 -13.89 -27.24
CA GLU C 112 30.47 -14.70 -28.29
C GLU C 112 29.33 -13.92 -28.93
N GLY C 113 29.22 -13.98 -30.26
CA GLY C 113 28.24 -13.22 -31.01
C GLY C 113 28.84 -11.96 -31.61
N GLY C 114 28.70 -11.76 -32.92
CA GLY C 114 29.36 -10.66 -33.58
C GLY C 114 28.56 -9.38 -33.78
N PHE C 115 27.43 -9.21 -33.09
CA PHE C 115 26.54 -8.11 -33.47
C PHE C 115 25.99 -7.35 -32.27
N LEU C 116 26.60 -7.52 -31.09
CA LEU C 116 26.15 -6.92 -29.85
C LEU C 116 27.34 -6.47 -29.02
N PRO C 117 27.20 -5.41 -28.24
CA PRO C 117 28.35 -4.82 -27.56
C PRO C 117 28.76 -5.58 -26.29
N PHE C 118 30.00 -5.31 -25.86
CA PHE C 118 30.53 -5.84 -24.62
C PHE C 118 31.67 -4.92 -24.17
N ASP C 119 32.05 -5.04 -22.90
CA ASP C 119 33.05 -4.18 -22.31
C ASP C 119 34.17 -5.00 -21.68
N ALA C 120 35.37 -4.44 -21.67
CA ALA C 120 36.48 -4.99 -20.92
C ALA C 120 36.90 -3.93 -19.90
N VAL C 121 36.90 -4.29 -18.62
CA VAL C 121 37.29 -3.39 -17.55
C VAL C 121 38.77 -3.61 -17.27
N VAL C 122 39.54 -2.52 -17.23
CA VAL C 122 41.00 -2.62 -17.25
C VAL C 122 41.65 -1.70 -16.22
N THR C 123 40.87 -1.28 -15.23
CA THR C 123 41.34 -0.35 -14.20
C THR C 123 42.70 -0.73 -13.64
N ASP C 124 42.88 -2.01 -13.30
CA ASP C 124 44.05 -2.45 -12.55
C ASP C 124 45.18 -3.00 -13.41
N ILE C 125 45.04 -3.01 -14.74
CA ILE C 125 46.14 -3.45 -15.60
C ILE C 125 46.69 -2.35 -16.49
N VAL C 126 46.11 -1.16 -16.52
CA VAL C 126 46.61 -0.10 -17.37
C VAL C 126 47.66 0.71 -16.63
N ARG C 127 48.56 1.34 -17.37
CA ARG C 127 49.51 2.31 -16.85
C ARG C 127 48.98 3.71 -17.09
N TYR C 128 48.97 4.52 -16.03
CA TYR C 128 48.30 5.82 -16.05
C TYR C 128 49.20 6.90 -16.60
N ASN C 129 48.62 7.80 -17.38
CA ASN C 129 49.37 8.81 -18.14
C ASN C 129 50.42 8.19 -19.05
N GLN C 130 50.12 7.02 -19.63
CA GLN C 130 51.00 6.36 -20.57
C GLN C 130 50.17 5.67 -21.63
N PHE C 131 50.82 5.26 -22.72
CA PHE C 131 50.17 4.42 -23.71
C PHE C 131 50.13 2.97 -23.24
N ASN C 132 49.03 2.29 -23.58
CA ASN C 132 48.79 0.89 -23.24
C ASN C 132 48.43 0.14 -24.53
N LYS C 133 48.68 -1.16 -24.54
CA LYS C 133 48.52 -1.96 -25.75
C LYS C 133 47.19 -2.69 -25.70
N LEU C 134 46.36 -2.48 -26.73
CA LEU C 134 45.10 -3.19 -26.89
C LEU C 134 45.25 -4.17 -28.06
N SER C 135 45.01 -5.45 -27.78
CA SER C 135 45.07 -6.50 -28.80
C SER C 135 43.78 -7.31 -28.77
N VAL C 136 43.21 -7.50 -29.95
CA VAL C 136 41.94 -8.18 -30.14
C VAL C 136 42.22 -9.39 -31.02
N LEU C 137 42.08 -10.58 -30.44
CA LEU C 137 42.14 -11.82 -31.20
C LEU C 137 40.72 -12.20 -31.59
N LEU C 138 40.40 -12.10 -32.87
CA LEU C 138 39.09 -12.38 -33.42
C LEU C 138 39.11 -13.64 -34.26
N ASN C 139 37.95 -14.26 -34.38
CA ASN C 139 37.76 -15.46 -35.19
C ASN C 139 36.40 -15.39 -35.87
N ASN C 140 36.36 -15.67 -37.17
CA ASN C 140 35.13 -15.52 -37.96
C ASN C 140 34.60 -16.85 -38.49
N GLU C 141 34.94 -17.96 -37.84
CA GLU C 141 34.46 -19.27 -38.27
C GLU C 141 32.99 -19.45 -37.91
N LEU C 142 32.27 -20.17 -38.77
CA LEU C 142 30.88 -20.48 -38.53
C LEU C 142 30.74 -21.92 -38.03
N ASN C 143 29.67 -22.14 -37.25
CA ASN C 143 29.32 -23.48 -36.79
C ASN C 143 27.80 -23.53 -36.63
N GLU C 144 27.29 -24.72 -36.36
CA GLU C 144 25.85 -24.94 -36.36
C GLU C 144 25.21 -24.63 -35.03
N HIS C 145 25.97 -24.12 -34.06
CA HIS C 145 25.44 -23.79 -32.74
C HIS C 145 25.77 -22.34 -32.37
N MET C 146 25.81 -21.44 -33.35
CA MET C 146 26.06 -20.03 -33.11
C MET C 146 25.06 -19.21 -33.93
N LEU C 147 25.00 -17.92 -33.61
CA LEU C 147 24.15 -16.97 -34.32
C LEU C 147 25.02 -15.98 -35.09
N PRO C 148 25.04 -16.01 -36.42
CA PRO C 148 24.21 -16.85 -37.28
C PRO C 148 24.88 -18.19 -37.61
N ALA C 149 24.12 -19.15 -38.15
CA ALA C 149 24.56 -20.54 -38.26
C ALA C 149 25.19 -20.83 -39.62
N GLY C 150 26.22 -21.66 -39.61
CA GLY C 150 26.81 -22.13 -40.85
C GLY C 150 27.86 -23.19 -40.58
N ASN C 151 28.69 -23.41 -41.59
CA ASN C 151 29.76 -24.38 -41.52
C ASN C 151 31.07 -23.69 -41.95
N THR C 152 32.20 -24.31 -41.60
CA THR C 152 33.50 -23.86 -42.08
C THR C 152 34.12 -24.99 -42.88
N ALA C 153 34.18 -24.82 -44.21
CA ALA C 153 34.75 -25.84 -45.08
C ALA C 153 36.26 -25.67 -45.18
N VAL C 154 36.93 -26.75 -45.57
CA VAL C 154 38.37 -26.74 -45.80
C VAL C 154 38.63 -27.16 -47.24
N LEU C 155 39.28 -26.28 -48.01
CA LEU C 155 39.56 -26.57 -49.41
C LEU C 155 40.71 -27.55 -49.53
N SER C 156 40.86 -28.11 -50.74
CA SER C 156 41.91 -29.11 -50.95
C SER C 156 43.31 -28.52 -50.85
N ASN C 157 43.45 -27.19 -50.76
CA ASN C 157 44.74 -26.61 -50.40
C ASN C 157 44.86 -26.29 -48.91
N GLY C 158 43.89 -26.73 -48.09
CA GLY C 158 43.93 -26.54 -46.66
C GLY C 158 43.34 -25.24 -46.16
N LYS C 159 42.94 -24.33 -47.04
CA LYS C 159 42.42 -23.04 -46.61
C LYS C 159 41.00 -23.20 -46.06
N LYS C 160 40.75 -22.67 -44.87
CA LYS C 160 39.38 -22.59 -44.37
C LYS C 160 38.58 -21.57 -45.16
N VAL C 161 37.31 -21.86 -45.38
CA VAL C 161 36.40 -20.94 -46.07
C VAL C 161 35.05 -21.03 -45.39
N ALA C 162 34.40 -19.88 -45.21
CA ALA C 162 33.06 -19.85 -44.64
C ALA C 162 32.05 -20.43 -45.61
N ALA C 163 31.16 -21.29 -45.10
CA ALA C 163 30.03 -21.83 -45.86
C ALA C 163 28.77 -21.48 -45.08
N PRO C 164 28.26 -20.26 -45.23
CA PRO C 164 27.10 -19.82 -44.43
C PRO C 164 25.87 -20.64 -44.75
N TYR C 165 24.98 -20.78 -43.76
CA TYR C 165 23.62 -21.23 -44.08
C TYR C 165 22.69 -20.06 -44.30
N PHE C 166 23.23 -18.88 -44.59
CA PHE C 166 22.43 -17.66 -44.74
C PHE C 166 22.90 -16.93 -45.99
N ASP C 167 22.01 -16.11 -46.53
CA ASP C 167 22.20 -15.42 -47.81
C ASP C 167 22.76 -14.02 -47.61
N PHE C 168 23.90 -13.93 -46.93
CA PHE C 168 24.68 -12.70 -46.86
C PHE C 168 26.14 -13.05 -46.55
N TYR C 169 27.05 -12.23 -47.09
CA TYR C 169 28.47 -12.51 -46.98
C TYR C 169 28.90 -12.51 -45.51
N ASN C 170 29.85 -13.40 -45.18
CA ASN C 170 30.33 -13.53 -43.79
C ASN C 170 31.40 -12.48 -43.46
N TYR C 171 31.01 -11.21 -43.66
CA TYR C 171 31.86 -10.07 -43.29
C TYR C 171 32.22 -10.13 -41.81
N ALA C 172 33.51 -9.92 -41.52
CA ALA C 172 33.96 -9.91 -40.15
C ALA C 172 35.03 -8.84 -39.97
N GLY C 173 35.39 -8.60 -38.70
CA GLY C 173 36.27 -7.54 -38.25
C GLY C 173 35.64 -6.79 -37.10
N ILE C 174 36.05 -5.53 -36.92
CA ILE C 174 35.50 -4.66 -35.87
C ILE C 174 34.60 -3.64 -36.57
N HIS C 175 33.29 -3.90 -36.56
CA HIS C 175 32.32 -3.19 -37.38
C HIS C 175 31.85 -1.88 -36.77
N ARG C 176 32.10 -1.64 -35.49
CA ARG C 176 31.47 -0.53 -34.79
C ARG C 176 32.50 0.18 -33.93
N PRO C 177 32.22 1.40 -33.50
CA PRO C 177 33.20 2.18 -32.75
C PRO C 177 33.71 1.47 -31.49
N VAL C 178 35.00 1.66 -31.22
CA VAL C 178 35.64 1.22 -29.99
C VAL C 178 35.86 2.46 -29.13
N LYS C 179 35.36 2.43 -27.90
CA LYS C 179 35.38 3.63 -27.08
C LYS C 179 35.97 3.34 -25.71
N LEU C 180 37.04 4.06 -25.37
CA LEU C 180 37.62 4.06 -24.03
C LEU C 180 36.82 4.97 -23.09
N MET C 181 36.48 4.45 -21.91
CA MET C 181 35.64 5.17 -20.97
C MET C 181 36.29 5.25 -19.60
N ALA C 182 36.14 6.40 -18.94
CA ALA C 182 36.37 6.52 -17.51
C ALA C 182 35.02 6.64 -16.82
N LEU C 183 34.82 5.86 -15.76
CA LEU C 183 33.54 5.76 -15.08
C LEU C 183 33.72 5.79 -13.56
N PRO C 184 32.77 6.37 -12.84
CA PRO C 184 32.86 6.31 -11.37
C PRO C 184 32.69 4.88 -10.90
N THR C 185 33.33 4.56 -9.75
CA THR C 185 33.28 3.19 -9.26
C THR C 185 31.86 2.78 -8.87
N GLU C 186 31.06 3.72 -8.40
CA GLU C 186 29.63 3.50 -8.23
C GLU C 186 28.91 4.19 -9.38
N ARG C 187 28.05 3.45 -10.10
CA ARG C 187 27.49 3.99 -11.34
C ARG C 187 26.21 3.26 -11.72
N ILE C 188 25.48 3.89 -12.64
CA ILE C 188 24.26 3.31 -13.20
C ILE C 188 24.64 2.27 -14.24
N LEU C 189 24.01 1.10 -14.16
CA LEU C 189 24.25 0.00 -15.09
C LEU C 189 23.11 -0.23 -16.08
N ASP C 190 21.89 0.11 -15.71
CA ASP C 190 20.73 -0.10 -16.56
C ASP C 190 19.62 0.84 -16.10
N TYR C 191 18.62 0.99 -16.96
CA TYR C 191 17.38 1.64 -16.60
C TYR C 191 16.33 1.24 -17.64
N SER C 192 15.08 1.20 -17.24
CA SER C 192 14.01 0.91 -18.19
C SER C 192 12.94 1.99 -18.10
N VAL C 193 12.23 2.18 -19.20
CA VAL C 193 11.03 3.02 -19.19
C VAL C 193 9.89 2.20 -19.78
N LYS C 194 8.68 2.49 -19.29
CA LYS C 194 7.47 2.06 -19.97
C LYS C 194 6.47 3.21 -19.84
N HIS C 195 5.67 3.41 -20.88
CA HIS C 195 4.86 4.61 -21.03
C HIS C 195 3.38 4.30 -20.94
N ARG C 196 2.63 5.23 -20.35
CA ARG C 196 1.18 5.17 -20.25
C ARG C 196 0.60 6.51 -20.67
N LEU C 197 -0.42 6.48 -21.53
CA LEU C 197 -1.13 7.69 -21.90
C LEU C 197 -2.22 7.94 -20.87
N THR C 198 -2.34 9.18 -20.42
CA THR C 198 -3.28 9.55 -19.37
C THR C 198 -4.10 10.75 -19.81
N ALA C 199 -5.09 11.09 -18.99
CA ALA C 199 -6.00 12.18 -19.33
C ALA C 199 -5.27 13.52 -19.40
N GLU C 200 -4.23 13.70 -18.59
CA GLU C 200 -3.49 14.94 -18.50
C GLU C 200 -2.23 14.96 -19.34
N GLY C 201 -1.85 13.83 -19.95
CA GLY C 201 -0.62 13.76 -20.69
C GLY C 201 -0.13 12.34 -20.78
N ALA C 202 1.02 12.08 -20.17
CA ALA C 202 1.59 10.73 -20.16
C ALA C 202 2.36 10.56 -18.87
N GLU C 203 2.51 9.31 -18.46
CA GLU C 203 3.32 8.96 -17.31
C GLU C 203 4.33 7.91 -17.73
N VAL C 204 5.56 8.06 -17.24
CA VAL C 204 6.66 7.17 -17.58
C VAL C 204 7.05 6.42 -16.31
N ASP C 205 6.79 5.11 -16.28
CA ASP C 205 7.27 4.29 -15.18
C ASP C 205 8.69 3.85 -15.48
N TYR C 206 9.59 3.96 -14.49
CA TYR C 206 10.99 3.65 -14.70
C TYR C 206 11.53 2.73 -13.63
N THR C 207 12.64 2.06 -13.97
CA THR C 207 13.51 1.43 -13.00
C THR C 207 14.94 1.83 -13.34
N VAL C 208 15.80 1.85 -12.32
CA VAL C 208 17.23 2.13 -12.47
C VAL C 208 18.00 1.08 -11.69
N THR C 209 19.07 0.57 -12.29
CA THR C 209 19.98 -0.36 -11.63
C THR C 209 21.35 0.29 -11.51
N THR C 210 21.93 0.22 -10.31
CA THR C 210 23.31 0.65 -10.03
C THR C 210 24.04 -0.47 -9.32
N ASN C 211 25.35 -0.29 -9.15
CA ASN C 211 26.19 -1.22 -8.40
C ASN C 211 26.46 -0.74 -6.96
N GLY C 212 25.61 0.13 -6.43
CA GLY C 212 25.79 0.60 -5.07
C GLY C 212 24.45 0.87 -4.41
N ASP C 213 24.46 1.59 -3.29
CA ASP C 213 23.24 1.87 -2.55
C ASP C 213 22.94 3.34 -2.36
N HIS C 214 23.78 4.25 -2.86
CA HIS C 214 23.47 5.66 -2.72
C HIS C 214 22.20 6.01 -3.51
N GLU C 215 21.64 7.18 -3.17
CA GLU C 215 20.32 7.57 -3.65
C GLU C 215 20.34 7.91 -5.14
N VAL C 216 19.24 7.58 -5.82
CA VAL C 216 19.09 7.81 -7.25
C VAL C 216 17.96 8.80 -7.46
N THR C 217 18.17 9.77 -8.36
CA THR C 217 17.10 10.63 -8.84
C THR C 217 16.99 10.48 -10.36
N VAL C 218 15.79 10.75 -10.88
CA VAL C 218 15.52 10.72 -12.32
C VAL C 218 14.78 12.00 -12.68
N GLU C 219 15.34 12.79 -13.59
CA GLU C 219 14.70 14.01 -14.06
C GLU C 219 14.47 13.91 -15.57
N LEU C 220 13.35 14.46 -16.02
CA LEU C 220 12.96 14.48 -17.42
C LEU C 220 12.83 15.92 -17.89
N TYR C 221 13.47 16.24 -19.01
CA TYR C 221 13.51 17.59 -19.54
C TYR C 221 12.89 17.66 -20.93
N ASP C 222 12.18 18.75 -21.19
CA ASP C 222 11.74 19.16 -22.53
C ASP C 222 12.70 20.25 -22.95
N GLY C 223 13.69 19.89 -23.77
CA GLY C 223 14.83 20.77 -23.96
C GLY C 223 15.57 20.92 -22.64
N THR C 224 15.64 22.14 -22.11
CA THR C 224 16.21 22.38 -20.79
C THR C 224 15.15 22.68 -19.73
N THR C 225 13.87 22.49 -20.05
CA THR C 225 12.80 22.73 -19.09
C THR C 225 12.46 21.43 -18.39
N LYS C 226 12.62 21.41 -17.06
CA LYS C 226 12.22 20.23 -16.31
C LYS C 226 10.71 20.04 -16.40
N VAL C 227 10.27 18.81 -16.70
CA VAL C 227 8.85 18.49 -16.69
C VAL C 227 8.49 17.41 -15.68
N ALA C 228 9.46 16.76 -15.05
CA ALA C 228 9.14 15.70 -14.11
C ALA C 228 10.40 15.28 -13.40
N GLU C 229 10.23 14.79 -12.17
CA GLU C 229 11.36 14.30 -11.38
C GLU C 229 10.84 13.31 -10.35
N ALA C 230 11.74 12.45 -9.88
CA ALA C 230 11.41 11.45 -8.88
C ALA C 230 12.70 10.98 -8.23
N THR C 231 12.56 10.43 -7.03
CA THR C 231 13.66 9.86 -6.29
C THR C 231 13.37 8.39 -6.05
N GLY C 232 14.42 7.59 -6.08
CA GLY C 232 14.32 6.15 -5.92
C GLY C 232 14.67 5.42 -7.21
N LYS C 233 15.06 4.15 -7.05
CA LYS C 233 15.39 3.30 -8.17
C LYS C 233 14.15 2.83 -8.94
N GLU C 234 12.96 3.11 -8.44
CA GLU C 234 11.72 2.86 -9.16
C GLU C 234 10.79 4.04 -8.94
N GLY C 235 10.04 4.41 -9.97
CA GLY C 235 9.23 5.60 -9.86
C GLY C 235 8.37 5.83 -11.09
N THR C 236 7.72 6.99 -11.08
CA THR C 236 6.84 7.41 -12.16
C THR C 236 7.07 8.89 -12.43
N LEU C 237 7.37 9.22 -13.68
CA LEU C 237 7.48 10.60 -14.11
C LEU C 237 6.17 11.02 -14.75
N VAL C 238 5.54 12.04 -14.17
CA VAL C 238 4.25 12.54 -14.66
C VAL C 238 4.52 13.71 -15.58
N VAL C 239 4.12 13.57 -16.86
CA VAL C 239 4.42 14.55 -17.90
C VAL C 239 3.11 15.16 -18.38
N LYS C 240 2.78 16.35 -17.87
CA LYS C 240 1.55 17.01 -18.28
C LYS C 240 1.64 17.48 -19.73
N ASP C 241 0.56 17.28 -20.48
CA ASP C 241 0.52 17.68 -21.89
C ASP C 241 1.72 17.11 -22.64
N ALA C 242 2.01 15.84 -22.38
CA ALA C 242 3.18 15.21 -22.99
C ALA C 242 3.10 15.25 -24.52
N LYS C 243 4.20 15.64 -25.14
CA LYS C 243 4.36 15.56 -26.59
C LYS C 243 4.79 14.14 -26.96
N LEU C 244 3.89 13.38 -27.55
CA LEU C 244 4.16 11.97 -27.81
C LEU C 244 4.97 11.79 -29.08
N TRP C 245 5.78 10.73 -29.10
CA TRP C 245 6.53 10.31 -30.26
C TRP C 245 5.59 9.61 -31.26
N ASN C 246 5.64 10.04 -32.52
CA ASN C 246 4.75 9.50 -33.55
C ASN C 246 5.53 9.20 -34.84
N VAL C 247 4.89 8.47 -35.75
CA VAL C 247 5.51 8.15 -37.03
C VAL C 247 5.76 9.43 -37.82
N HIS C 248 6.98 9.59 -38.32
CA HIS C 248 7.39 10.75 -39.10
C HIS C 248 7.21 12.06 -38.33
N ALA C 249 7.03 11.97 -37.01
CA ALA C 249 6.86 13.15 -36.15
C ALA C 249 7.38 12.81 -34.76
N ALA C 250 8.68 12.56 -34.67
CA ALA C 250 9.25 12.17 -33.39
C ALA C 250 9.31 13.35 -32.43
N TYR C 251 9.25 13.04 -31.15
CA TYR C 251 9.56 14.02 -30.13
C TYR C 251 10.33 13.30 -29.04
N LEU C 252 11.44 13.89 -28.62
CA LEU C 252 12.37 13.23 -27.71
C LEU C 252 12.60 14.11 -26.49
N TYR C 253 12.37 13.55 -25.31
CA TYR C 253 12.72 14.17 -24.04
C TYR C 253 14.14 13.77 -23.64
N ASN C 254 14.72 14.56 -22.73
CA ASN C 254 16.04 14.29 -22.18
C ASN C 254 15.88 13.77 -20.76
N ILE C 255 16.27 12.52 -20.54
CA ILE C 255 16.26 11.93 -19.21
C ILE C 255 17.64 12.06 -18.59
N VAL C 256 17.69 12.45 -17.31
CA VAL C 256 18.92 12.61 -16.56
C VAL C 256 18.82 11.76 -15.31
N ILE C 257 19.66 10.74 -15.20
CA ILE C 257 19.66 9.82 -14.07
C ILE C 257 20.92 10.10 -13.26
N ARG C 258 20.75 10.23 -11.95
CA ARG C 258 21.86 10.62 -11.09
C ARG C 258 21.91 9.78 -9.82
N ILE C 259 23.14 9.52 -9.37
CA ILE C 259 23.41 8.99 -8.04
C ILE C 259 23.99 10.12 -7.21
N HIS C 260 23.41 10.36 -6.02
CA HIS C 260 23.85 11.43 -5.12
C HIS C 260 24.46 10.84 -3.83
N ASP C 261 25.53 11.47 -3.34
CA ASP C 261 26.05 11.18 -2.00
C ASP C 261 26.14 12.53 -1.27
N GLY C 262 25.03 12.92 -0.64
CA GLY C 262 24.97 14.25 -0.08
C GLY C 262 25.08 15.30 -1.18
N SER C 263 26.00 16.24 -1.00
CA SER C 263 26.21 17.28 -2.00
C SER C 263 26.91 16.76 -3.24
N ALA C 264 27.41 15.53 -3.25
CA ALA C 264 28.18 15.02 -4.37
C ALA C 264 27.27 14.35 -5.41
N VAL C 265 27.53 14.64 -6.68
CA VAL C 265 26.91 13.89 -7.78
C VAL C 265 27.86 12.74 -8.11
N VAL C 266 27.50 11.53 -7.69
CA VAL C 266 28.39 10.38 -7.84
C VAL C 266 28.46 9.95 -9.31
N ASP C 267 27.30 9.84 -9.97
CA ASP C 267 27.23 9.44 -11.36
C ASP C 267 26.08 10.18 -12.02
N GLU C 268 26.22 10.40 -13.32
CA GLU C 268 25.19 11.00 -14.15
C GLU C 268 25.15 10.25 -15.48
N TYR C 269 23.96 9.82 -15.88
CA TYR C 269 23.76 9.21 -17.18
C TYR C 269 22.60 9.91 -17.87
N THR C 270 22.79 10.26 -19.15
CA THR C 270 21.77 10.97 -19.93
C THR C 270 21.45 10.21 -21.22
N GLU C 271 20.22 10.39 -21.70
CA GLU C 271 19.76 9.74 -22.92
C GLU C 271 18.44 10.35 -23.34
N LYS C 272 18.18 10.34 -24.65
CA LYS C 272 16.91 10.79 -25.19
C LYS C 272 15.87 9.70 -25.08
N VAL C 273 14.64 10.08 -24.79
CA VAL C 273 13.54 9.14 -24.62
C VAL C 273 12.31 9.70 -25.31
N GLY C 274 11.69 8.89 -26.16
CA GLY C 274 10.40 9.22 -26.73
C GLY C 274 9.29 8.49 -26.00
N ILE C 275 8.23 9.23 -25.70
CA ILE C 275 7.06 8.67 -25.01
C ILE C 275 6.04 8.25 -26.05
N ARG C 276 5.68 6.97 -26.05
CA ARG C 276 4.71 6.42 -27.00
C ARG C 276 4.31 5.04 -26.49
N THR C 277 3.12 4.61 -26.87
CA THR C 277 2.63 3.26 -26.57
C THR C 277 2.51 2.48 -27.87
N PHE C 278 2.63 1.15 -27.77
CA PHE C 278 2.51 0.28 -28.93
C PHE C 278 1.95 -1.05 -28.46
N GLU C 279 0.92 -1.53 -29.15
CA GLU C 279 0.30 -2.81 -28.80
C GLU C 279 -0.49 -3.31 -30.00
N ILE C 280 -0.77 -4.60 -29.98
CA ILE C 280 -1.70 -5.21 -30.93
C ILE C 280 -3.07 -5.27 -30.27
N LYS C 281 -4.11 -4.82 -30.99
CA LYS C 281 -5.47 -4.98 -30.53
C LYS C 281 -6.39 -5.18 -31.73
N ASP C 282 -7.22 -6.22 -31.65
CA ASP C 282 -8.18 -6.59 -32.71
C ASP C 282 -7.55 -6.54 -34.09
N GLY C 283 -6.44 -7.28 -34.24
CA GLY C 283 -5.79 -7.47 -35.53
C GLY C 283 -5.11 -6.25 -36.10
N HIS C 284 -4.75 -5.28 -35.25
CA HIS C 284 -4.16 -4.03 -35.70
C HIS C 284 -2.98 -3.67 -34.79
N PHE C 285 -1.99 -2.98 -35.36
CA PHE C 285 -0.90 -2.39 -34.60
C PHE C 285 -1.35 -0.99 -34.15
N LEU C 286 -1.42 -0.76 -32.84
CA LEU C 286 -1.86 0.54 -32.33
C LEU C 286 -0.65 1.30 -31.79
N LEU C 287 -0.38 2.47 -32.40
CA LEU C 287 0.69 3.35 -31.94
C LEU C 287 0.04 4.56 -31.29
N ASN C 288 0.17 4.65 -29.97
CA ASN C 288 -0.53 5.70 -29.22
C ASN C 288 -2.04 5.56 -29.39
N GLY C 289 -2.53 4.32 -29.40
CA GLY C 289 -3.94 4.07 -29.53
C GLY C 289 -4.51 4.12 -30.94
N LYS C 290 -3.70 4.43 -31.95
CA LYS C 290 -4.24 4.50 -33.31
C LYS C 290 -3.56 3.48 -34.24
N PRO C 291 -4.31 2.89 -35.17
CA PRO C 291 -3.72 1.84 -36.02
C PRO C 291 -2.72 2.42 -37.01
N VAL C 292 -1.64 1.67 -37.24
CA VAL C 292 -0.65 2.02 -38.25
C VAL C 292 -0.48 0.82 -39.17
N TYR C 293 -0.45 1.09 -40.48
CA TYR C 293 -0.08 0.08 -41.47
C TYR C 293 1.41 0.19 -41.75
N LEU C 294 2.16 -0.85 -41.40
CA LEU C 294 3.62 -0.78 -41.52
C LEU C 294 4.04 -0.88 -42.98
N ARG C 295 5.05 -0.10 -43.36
CA ARG C 295 5.55 -0.21 -44.72
C ARG C 295 7.03 0.16 -44.74
N GLY C 296 7.80 -0.58 -45.54
CA GLY C 296 9.23 -0.39 -45.60
C GLY C 296 10.00 -1.63 -46.00
N PHE C 297 11.10 -1.87 -45.30
CA PHE C 297 12.07 -2.87 -45.78
C PHE C 297 12.70 -3.73 -44.70
N GLY C 298 13.35 -4.72 -45.25
CA GLY C 298 14.41 -5.49 -44.59
C GLY C 298 15.69 -4.81 -45.05
N LYS C 299 16.54 -4.41 -44.14
CA LYS C 299 17.81 -3.78 -44.55
C LYS C 299 18.95 -4.77 -44.37
N HIS C 300 20.16 -4.28 -44.55
CA HIS C 300 21.39 -4.94 -44.12
C HIS C 300 22.33 -3.83 -43.68
N GLU C 301 23.27 -4.17 -42.80
CA GLU C 301 24.42 -3.29 -42.58
C GLU C 301 25.43 -3.67 -43.64
N ASP C 302 25.42 -2.93 -44.74
CA ASP C 302 26.15 -3.30 -45.94
C ASP C 302 26.31 -2.08 -46.82
N ALA C 303 27.53 -1.85 -47.28
CA ALA C 303 27.83 -0.76 -48.21
C ALA C 303 29.13 -1.13 -48.90
N ASP C 304 29.43 -0.40 -49.98
CA ASP C 304 30.67 -0.62 -50.71
C ASP C 304 31.89 -0.46 -49.80
N ILE C 305 32.89 -1.31 -50.01
CA ILE C 305 34.23 -1.20 -49.42
C ILE C 305 34.30 -1.61 -47.94
N ARG C 306 33.42 -1.08 -47.11
CA ARG C 306 33.53 -1.21 -45.66
C ARG C 306 32.79 -2.41 -45.09
N GLY C 307 32.13 -3.21 -45.91
CA GLY C 307 31.41 -4.37 -45.41
C GLY C 307 30.28 -3.93 -44.51
N ARG C 308 30.29 -4.38 -43.25
CA ARG C 308 29.27 -4.01 -42.27
C ARG C 308 29.71 -2.87 -41.37
N GLY C 309 30.81 -2.19 -41.68
CA GLY C 309 31.27 -1.12 -40.79
C GLY C 309 30.26 0.01 -40.71
N LEU C 310 30.15 0.59 -39.52
CA LEU C 310 29.28 1.74 -39.34
C LEU C 310 29.80 2.92 -40.15
N ASP C 311 28.88 3.64 -40.79
CA ASP C 311 29.23 4.84 -41.55
C ASP C 311 28.02 5.78 -41.54
N LEU C 312 28.12 6.86 -40.77
CA LEU C 312 26.97 7.74 -40.57
C LEU C 312 26.55 8.41 -41.88
N ALA C 313 27.47 8.65 -42.81
CA ALA C 313 27.07 9.23 -44.09
C ALA C 313 26.06 8.33 -44.80
N THR C 314 26.34 7.02 -44.84
CA THR C 314 25.42 6.07 -45.46
C THR C 314 24.11 5.97 -44.69
N VAL C 315 24.19 5.93 -43.35
CA VAL C 315 22.97 5.90 -42.54
C VAL C 315 22.09 7.12 -42.85
N LYS C 316 22.71 8.30 -42.91
CA LYS C 316 21.96 9.52 -43.19
C LYS C 316 21.30 9.45 -44.56
N ARG C 317 22.05 9.01 -45.57
CA ARG C 317 21.47 8.86 -46.90
C ARG C 317 20.33 7.83 -46.89
N ASP C 318 20.50 6.71 -46.16
CA ASP C 318 19.44 5.71 -46.11
C ASP C 318 18.16 6.29 -45.51
N TYR C 319 18.28 7.11 -44.47
CA TYR C 319 17.06 7.72 -43.91
C TYR C 319 16.47 8.74 -44.87
N GLU C 320 17.30 9.50 -45.57
CA GLU C 320 16.74 10.43 -46.54
C GLU C 320 15.93 9.68 -47.59
N LEU C 321 16.43 8.51 -48.02
CA LEU C 321 15.74 7.74 -49.05
C LEU C 321 14.46 7.11 -48.53
N MET C 322 14.49 6.60 -47.29
CA MET C 322 13.30 6.00 -46.72
C MET C 322 12.19 7.02 -46.53
N LYS C 323 12.55 8.25 -46.13
CA LYS C 323 11.54 9.32 -46.07
C LYS C 323 11.01 9.67 -47.45
N TRP C 324 11.92 9.84 -48.41
CA TRP C 324 11.49 10.15 -49.78
C TRP C 324 10.50 9.11 -50.29
N ILE C 325 10.76 7.82 -50.02
CA ILE C 325 9.91 6.78 -50.58
C ILE C 325 8.63 6.56 -49.79
N GLY C 326 8.48 7.19 -48.62
CA GLY C 326 7.30 6.99 -47.80
C GLY C 326 7.30 5.76 -46.92
N ALA C 327 8.47 5.21 -46.56
CA ALA C 327 8.51 4.10 -45.63
C ALA C 327 8.28 4.60 -44.21
N ASN C 328 7.77 3.72 -43.34
CA ASN C 328 7.73 4.05 -41.92
C ASN C 328 8.35 2.98 -41.04
N CYS C 329 8.96 1.93 -41.61
CA CYS C 329 9.38 0.80 -40.79
C CYS C 329 10.48 0.01 -41.48
N PHE C 330 11.43 -0.51 -40.68
CA PHE C 330 12.33 -1.54 -41.20
C PHE C 330 12.64 -2.55 -40.10
N ARG C 331 12.99 -3.76 -40.55
CA ARG C 331 13.46 -4.83 -39.68
C ARG C 331 14.98 -4.90 -39.76
N THR C 332 15.62 -5.18 -38.64
CA THR C 332 17.09 -5.33 -38.56
C THR C 332 17.47 -6.70 -39.13
N SER C 333 17.10 -6.93 -40.37
CA SER C 333 17.35 -8.21 -41.05
C SER C 333 18.78 -8.72 -40.89
N HIS C 334 18.68 -9.86 -40.20
CA HIS C 334 19.43 -11.03 -39.74
C HIS C 334 20.36 -10.85 -38.54
N TYR C 335 20.44 -9.67 -37.97
CA TYR C 335 21.33 -9.47 -36.80
C TYR C 335 21.02 -8.10 -36.26
N PRO C 336 21.17 -7.65 -34.87
CA PRO C 336 21.02 -6.30 -34.30
C PRO C 336 22.00 -5.34 -34.97
N TYR C 337 21.53 -4.11 -35.23
CA TYR C 337 22.35 -3.11 -35.91
C TYR C 337 23.16 -2.31 -34.90
N ALA C 338 24.07 -1.48 -35.41
CA ALA C 338 24.75 -0.52 -34.54
C ALA C 338 23.75 0.43 -33.88
N GLU C 339 24.06 0.82 -32.64
CA GLU C 339 23.15 1.66 -31.86
C GLU C 339 22.76 2.93 -32.61
N GLU C 340 23.71 3.50 -33.35
CA GLU C 340 23.45 4.76 -34.03
C GLU C 340 22.27 4.67 -34.99
N LEU C 341 21.98 3.48 -35.53
CA LEU C 341 20.85 3.38 -36.46
C LEU C 341 19.52 3.51 -35.73
N TYR C 342 19.43 3.03 -34.49
CA TYR C 342 18.21 3.19 -33.72
C TYR C 342 18.06 4.61 -33.22
N GLN C 343 19.18 5.25 -32.89
CA GLN C 343 19.14 6.64 -32.44
C GLN C 343 18.55 7.53 -33.52
N MET C 344 18.92 7.28 -34.78
CA MET C 344 18.35 8.04 -35.89
C MET C 344 16.90 7.67 -36.15
N ALA C 345 16.54 6.40 -35.96
CA ALA C 345 15.13 6.04 -36.05
C ALA C 345 14.31 6.78 -35.00
N ASP C 346 14.85 6.92 -33.77
CA ASP C 346 14.18 7.70 -32.73
C ASP C 346 14.02 9.16 -33.15
N GLU C 347 15.04 9.72 -33.81
CA GLU C 347 14.99 11.14 -34.19
C GLU C 347 14.05 11.39 -35.36
N GLU C 348 13.92 10.44 -36.27
CA GLU C 348 13.15 10.65 -37.49
C GLU C 348 11.77 10.02 -37.44
N GLY C 349 11.46 9.23 -36.42
CA GLY C 349 10.13 8.65 -36.31
C GLY C 349 9.90 7.43 -37.18
N PHE C 350 10.85 6.51 -37.21
CA PHE C 350 10.67 5.23 -37.87
C PHE C 350 10.43 4.15 -36.84
N LEU C 351 9.60 3.18 -37.20
CA LEU C 351 9.40 1.97 -36.42
C LEU C 351 10.44 0.92 -36.79
N ILE C 352 10.90 0.18 -35.79
CA ILE C 352 11.92 -0.84 -35.99
C ILE C 352 11.45 -2.16 -35.41
N ILE C 353 11.59 -3.22 -36.19
CA ILE C 353 11.48 -4.58 -35.68
C ILE C 353 12.89 -5.12 -35.46
N ASP C 354 13.22 -5.43 -34.21
CA ASP C 354 14.58 -5.78 -33.81
C ASP C 354 14.77 -7.29 -33.87
N GLU C 355 15.82 -7.74 -34.57
CA GLU C 355 16.03 -9.16 -34.87
C GLU C 355 17.41 -9.61 -34.39
N VAL C 356 17.47 -10.73 -33.66
CA VAL C 356 18.75 -11.36 -33.30
C VAL C 356 19.26 -12.16 -34.50
N PRO C 357 20.56 -12.52 -34.55
CA PRO C 357 21.08 -13.26 -35.73
C PRO C 357 20.71 -14.73 -35.75
N ALA C 358 19.47 -15.09 -35.40
CA ALA C 358 19.02 -16.49 -35.44
C ALA C 358 18.57 -16.82 -36.86
N VAL C 359 19.55 -16.84 -37.76
CA VAL C 359 19.29 -17.14 -39.16
C VAL C 359 20.17 -18.31 -39.59
N GLY C 360 19.65 -19.11 -40.50
CA GLY C 360 20.36 -20.28 -40.96
C GLY C 360 19.98 -21.59 -40.27
N PHE C 361 18.92 -21.61 -39.49
CA PHE C 361 18.52 -22.82 -38.77
C PHE C 361 17.80 -23.78 -39.74
N MET C 362 18.54 -24.18 -40.79
CA MET C 362 18.05 -24.81 -42.03
C MET C 362 16.54 -24.87 -42.15
N VAL C 379 17.07 -35.90 -40.10
CA VAL C 379 16.99 -35.25 -38.80
C VAL C 379 16.63 -33.76 -38.94
N GLY C 380 15.56 -33.33 -38.25
CA GLY C 380 15.18 -31.93 -38.29
C GLY C 380 16.13 -31.04 -37.51
N TRP C 381 16.15 -29.76 -37.89
CA TRP C 381 17.13 -28.83 -37.31
C TRP C 381 17.12 -28.89 -35.80
N PHE C 382 15.95 -28.85 -35.19
CA PHE C 382 15.85 -28.73 -33.75
C PHE C 382 15.91 -30.07 -33.03
N GLU C 383 16.34 -31.13 -33.73
CA GLU C 383 16.73 -32.40 -33.13
C GLU C 383 18.23 -32.62 -33.17
N LYS C 384 18.99 -31.65 -33.68
CA LYS C 384 20.44 -31.79 -33.73
C LYS C 384 21.03 -31.91 -32.33
N GLU C 385 22.16 -32.61 -32.24
CA GLU C 385 22.82 -32.82 -30.96
C GLU C 385 23.29 -31.51 -30.33
N THR C 386 23.60 -30.51 -31.15
CA THR C 386 24.11 -29.24 -30.65
C THR C 386 23.00 -28.26 -30.28
N THR C 387 21.73 -28.67 -30.37
CA THR C 387 20.62 -27.77 -30.07
C THR C 387 20.72 -27.11 -28.70
N PRO C 388 21.03 -27.83 -27.60
CA PRO C 388 21.14 -27.13 -26.30
C PRO C 388 22.15 -26.00 -26.32
N GLN C 389 23.31 -26.19 -26.98
CA GLN C 389 24.30 -25.13 -27.04
C GLN C 389 23.85 -23.97 -27.94
N LEU C 390 23.12 -24.27 -29.02
CA LEU C 390 22.56 -23.22 -29.86
C LEU C 390 21.58 -22.37 -29.06
N LEU C 391 20.68 -23.03 -28.32
CA LEU C 391 19.71 -22.32 -27.50
C LEU C 391 20.40 -21.41 -26.50
N ALA C 392 21.50 -21.85 -25.89
CA ALA C 392 22.20 -21.01 -24.93
C ALA C 392 22.75 -19.75 -25.60
N ASN C 393 23.29 -19.89 -26.82
CA ASN C 393 23.77 -18.71 -27.52
C ASN C 393 22.61 -17.83 -27.99
N HIS C 394 21.48 -18.44 -28.30
CA HIS C 394 20.29 -17.68 -28.69
C HIS C 394 19.71 -16.90 -27.52
N LYS C 395 19.64 -17.54 -26.34
CA LYS C 395 19.16 -16.85 -25.16
C LYS C 395 20.02 -15.63 -24.84
N ASP C 396 21.35 -15.78 -24.92
CA ASP C 396 22.24 -14.67 -24.64
C ASP C 396 22.00 -13.50 -25.62
N ALA C 397 21.92 -13.80 -26.92
CA ALA C 397 21.72 -12.75 -27.92
C ALA C 397 20.40 -12.01 -27.71
N LEU C 398 19.32 -12.77 -27.49
CA LEU C 398 18.02 -12.16 -27.19
C LEU C 398 18.08 -11.27 -25.95
N THR C 399 18.81 -11.70 -24.92
CA THR C 399 18.93 -10.94 -23.68
C THR C 399 19.67 -9.64 -23.90
N ASP C 400 20.78 -9.68 -24.63
CA ASP C 400 21.56 -8.47 -24.85
C ASP C 400 20.86 -7.53 -25.82
N MET C 401 20.14 -8.05 -26.81
CA MET C 401 19.42 -7.17 -27.73
C MET C 401 18.29 -6.43 -27.02
N ILE C 402 17.45 -7.17 -26.29
CA ILE C 402 16.41 -6.49 -25.54
C ILE C 402 17.04 -5.59 -24.47
N GLY C 403 18.07 -6.08 -23.79
CA GLY C 403 18.75 -5.25 -22.81
C GLY C 403 19.27 -3.95 -23.41
N ARG C 404 19.88 -4.03 -24.60
CA ARG C 404 20.47 -2.85 -25.21
C ARG C 404 19.42 -1.90 -25.77
N ASP C 405 18.33 -2.41 -26.33
CA ASP C 405 17.45 -1.60 -27.20
C ASP C 405 16.08 -1.27 -26.61
N LYS C 406 15.77 -1.74 -25.40
CA LYS C 406 14.39 -1.67 -24.91
C LYS C 406 13.88 -0.24 -24.77
N ASN C 407 14.74 0.75 -24.59
CA ASN C 407 14.26 2.11 -24.32
C ASN C 407 14.06 2.97 -25.57
N HIS C 408 14.39 2.45 -26.76
CA HIS C 408 14.15 3.17 -28.00
C HIS C 408 12.65 3.21 -28.31
N ALA C 409 12.09 4.42 -28.45
CA ALA C 409 10.74 4.56 -28.94
C ALA C 409 10.56 3.86 -30.29
N SER C 410 11.60 3.89 -31.14
CA SER C 410 11.47 3.33 -32.48
C SER C 410 11.25 1.81 -32.45
N VAL C 411 11.87 1.11 -31.49
CA VAL C 411 11.76 -0.35 -31.43
C VAL C 411 10.37 -0.71 -30.91
N ILE C 412 9.59 -1.43 -31.73
CA ILE C 412 8.20 -1.74 -31.39
C ILE C 412 7.90 -3.23 -31.44
N ALA C 413 8.86 -4.09 -31.77
CA ALA C 413 8.64 -5.54 -31.81
C ALA C 413 9.96 -6.29 -31.93
N TRP C 414 9.93 -7.55 -31.48
CA TRP C 414 11.08 -8.43 -31.45
C TRP C 414 10.91 -9.55 -32.47
N SER C 415 11.89 -9.71 -33.35
CA SER C 415 11.94 -10.83 -34.27
C SER C 415 12.95 -11.83 -33.76
N ILE C 416 12.48 -13.03 -33.42
CA ILE C 416 13.31 -13.96 -32.67
C ILE C 416 14.11 -14.91 -33.57
N LEU C 417 13.67 -15.13 -34.81
CA LEU C 417 14.34 -15.99 -35.78
C LEU C 417 13.99 -15.52 -37.19
N ASN C 418 14.88 -15.80 -38.15
CA ASN C 418 14.56 -15.65 -39.56
C ASN C 418 14.63 -17.00 -40.26
N GLU C 419 13.49 -17.45 -40.78
CA GLU C 419 13.39 -18.68 -41.59
C GLU C 419 14.02 -19.90 -40.90
N PRO C 420 13.63 -20.19 -39.66
CA PRO C 420 13.98 -21.48 -39.06
C PRO C 420 13.16 -22.60 -39.68
N GLN C 421 13.65 -23.83 -39.52
CA GLN C 421 12.90 -25.00 -39.97
C GLN C 421 11.84 -25.31 -38.92
N CYS C 422 10.79 -24.49 -38.89
CA CYS C 422 9.85 -24.63 -37.78
C CYS C 422 8.82 -25.74 -38.00
N THR C 423 8.99 -26.56 -39.03
CA THR C 423 8.29 -27.82 -39.15
C THR C 423 9.03 -28.96 -38.46
N SER C 424 10.24 -28.71 -37.97
CA SER C 424 11.08 -29.76 -37.41
C SER C 424 10.57 -30.21 -36.05
N GLU C 425 10.83 -31.48 -35.72
CA GLU C 425 10.63 -31.95 -34.36
C GLU C 425 11.50 -31.15 -33.40
N GLY C 426 10.96 -30.88 -32.23
CA GLY C 426 11.69 -30.10 -31.24
C GLY C 426 11.51 -28.60 -31.38
N THR C 427 10.72 -28.15 -32.35
CA THR C 427 10.51 -26.71 -32.55
C THR C 427 9.85 -26.08 -31.33
N GLU C 428 8.82 -26.73 -30.79
CA GLU C 428 8.01 -26.12 -29.74
C GLU C 428 8.83 -25.82 -28.50
N ALA C 429 9.60 -26.81 -28.04
CA ALA C 429 10.41 -26.59 -26.84
C ALA C 429 11.35 -25.39 -27.02
N TYR C 430 12.09 -25.37 -28.13
CA TYR C 430 13.02 -24.28 -28.41
C TYR C 430 12.29 -22.93 -28.46
N PHE C 431 11.23 -22.84 -29.27
CA PHE C 431 10.51 -21.57 -29.43
C PHE C 431 9.92 -21.09 -28.10
N LYS C 432 9.38 -22.00 -27.29
CA LYS C 432 8.71 -21.56 -26.07
C LYS C 432 9.71 -20.90 -25.12
N THR C 433 10.86 -21.54 -24.91
CA THR C 433 11.90 -20.94 -24.10
C THR C 433 12.14 -19.49 -24.51
N LEU C 434 12.32 -19.27 -25.82
CA LEU C 434 12.74 -17.96 -26.30
C LEU C 434 11.61 -16.96 -26.25
N PHE C 435 10.41 -17.36 -26.67
CA PHE C 435 9.31 -16.42 -26.68
C PHE C 435 8.90 -16.06 -25.24
N ASP C 436 8.93 -17.03 -24.32
CA ASP C 436 8.69 -16.71 -22.92
C ASP C 436 9.73 -15.72 -22.41
N LEU C 437 11.01 -15.95 -22.75
CA LEU C 437 12.07 -15.06 -22.31
C LEU C 437 11.84 -13.64 -22.81
N ALA C 438 11.50 -13.48 -24.09
CA ALA C 438 11.27 -12.15 -24.65
C ALA C 438 10.13 -11.45 -23.91
N HIS C 439 9.15 -12.21 -23.42
CA HIS C 439 8.06 -11.59 -22.68
C HIS C 439 8.54 -11.14 -21.30
N GLU C 440 9.39 -11.94 -20.65
CA GLU C 440 9.84 -11.60 -19.31
C GLU C 440 10.79 -10.42 -19.34
N LEU C 441 11.63 -10.31 -20.37
CA LEU C 441 12.71 -9.32 -20.31
C LEU C 441 12.26 -7.93 -20.73
N ASP C 442 11.22 -7.83 -21.54
CA ASP C 442 10.82 -6.53 -22.08
C ASP C 442 9.82 -5.89 -21.12
N PRO C 443 10.17 -4.78 -20.46
CA PRO C 443 9.18 -4.13 -19.58
C PRO C 443 7.95 -3.63 -20.31
N GLN C 444 8.07 -3.32 -21.60
CA GLN C 444 6.93 -2.84 -22.36
C GLN C 444 6.13 -3.97 -23.01
N LYS C 445 6.59 -5.21 -22.90
CA LYS C 445 5.88 -6.37 -23.46
C LYS C 445 5.49 -6.13 -24.93
N ARG C 446 6.46 -5.73 -25.74
CA ARG C 446 6.21 -5.51 -27.15
C ARG C 446 5.99 -6.84 -27.87
N PRO C 447 5.16 -6.85 -28.91
CA PRO C 447 4.85 -8.11 -29.60
C PRO C 447 6.10 -8.78 -30.16
N ARG C 448 6.02 -10.10 -30.30
CA ARG C 448 7.13 -10.95 -30.70
C ARG C 448 6.76 -11.72 -31.96
N THR C 449 7.75 -11.99 -32.81
CA THR C 449 7.48 -12.61 -34.10
C THR C 449 8.71 -13.36 -34.56
N TYR C 450 8.62 -13.91 -35.77
CA TYR C 450 9.77 -14.48 -36.46
C TYR C 450 9.39 -14.66 -37.91
N ALA C 451 10.38 -14.60 -38.80
CA ALA C 451 10.12 -14.64 -40.24
C ALA C 451 9.93 -16.10 -40.67
N VAL C 452 8.74 -16.40 -41.18
CA VAL C 452 8.35 -17.76 -41.54
C VAL C 452 8.81 -18.11 -42.96
N VAL C 453 9.58 -19.19 -43.08
CA VAL C 453 10.12 -19.66 -44.36
C VAL C 453 9.01 -20.23 -45.26
N MET C 454 9.28 -20.27 -46.56
CA MET C 454 8.25 -20.66 -47.52
C MET C 454 7.78 -22.11 -47.32
N MET C 455 8.67 -23.02 -46.91
CA MET C 455 8.30 -24.41 -46.70
C MET C 455 7.41 -24.61 -45.47
N SER C 456 7.35 -23.63 -44.58
CA SER C 456 6.51 -23.72 -43.38
C SER C 456 5.13 -23.16 -43.68
N LEU C 457 4.14 -24.04 -43.73
CA LEU C 457 2.79 -23.72 -44.14
C LEU C 457 1.85 -23.66 -42.96
N PRO C 458 0.67 -23.05 -43.13
CA PRO C 458 -0.27 -22.96 -42.00
C PRO C 458 -0.54 -24.29 -41.34
N ASN C 459 -0.50 -25.38 -42.11
CA ASN C 459 -0.93 -26.69 -41.69
C ASN C 459 0.20 -27.55 -41.14
N ASN C 460 1.45 -27.12 -41.23
CA ASN C 460 2.55 -27.94 -40.72
C ASN C 460 3.56 -27.19 -39.87
N SER C 461 3.45 -25.87 -39.73
CA SER C 461 4.36 -25.13 -38.86
C SER C 461 4.03 -25.41 -37.40
N LYS C 462 5.01 -25.88 -36.65
CA LYS C 462 4.92 -26.03 -35.21
C LYS C 462 5.28 -24.76 -34.46
N GLY C 463 5.69 -23.70 -35.16
CA GLY C 463 6.20 -22.52 -34.49
C GLY C 463 5.29 -21.31 -34.59
N GLN C 464 4.43 -21.28 -35.60
CA GLN C 464 3.64 -20.08 -35.81
C GLN C 464 2.74 -19.76 -34.62
N GLN C 465 2.27 -20.80 -33.91
CA GLN C 465 1.41 -20.59 -32.75
C GLN C 465 2.06 -19.70 -31.70
N PHE C 466 3.39 -19.60 -31.67
CA PHE C 466 4.04 -18.79 -30.64
C PHE C 466 4.03 -17.30 -30.95
N ALA C 467 3.78 -16.90 -32.18
CA ALA C 467 3.97 -15.51 -32.59
C ALA C 467 2.77 -14.65 -32.23
N ASP C 468 3.03 -13.43 -31.74
CA ASP C 468 1.93 -12.49 -31.48
C ASP C 468 1.39 -11.94 -32.79
N PHE C 469 2.24 -11.81 -33.81
CA PHE C 469 1.81 -11.55 -35.18
C PHE C 469 2.69 -12.37 -36.11
N ILE C 470 2.12 -12.80 -37.23
CA ILE C 470 2.80 -13.66 -38.17
C ILE C 470 3.59 -12.82 -39.17
N SER C 471 4.85 -13.19 -39.41
CA SER C 471 5.69 -12.57 -40.43
C SER C 471 6.04 -13.60 -41.50
N LEU C 472 5.57 -13.38 -42.72
CA LEU C 472 5.84 -14.30 -43.83
C LEU C 472 6.96 -13.75 -44.72
N ASN C 473 7.86 -14.65 -45.13
CA ASN C 473 8.84 -14.43 -46.19
C ASN C 473 8.37 -15.24 -47.40
N ARG C 474 7.82 -14.56 -48.41
CA ARG C 474 7.24 -15.27 -49.55
C ARG C 474 7.79 -14.71 -50.86
N TYR C 475 8.02 -15.60 -51.81
CA TYR C 475 8.63 -15.29 -53.09
C TYR C 475 7.83 -15.92 -54.23
N TYR C 476 6.51 -15.80 -54.13
CA TYR C 476 5.63 -16.22 -55.21
C TYR C 476 5.86 -15.32 -56.42
N GLY C 477 6.33 -15.90 -57.52
CA GLY C 477 6.70 -15.13 -58.70
C GLY C 477 8.19 -14.88 -58.83
N TRP C 478 8.99 -15.24 -57.82
CA TRP C 478 10.43 -15.27 -57.99
C TRP C 478 10.92 -16.72 -57.88
N TYR C 479 11.08 -17.25 -56.67
CA TYR C 479 11.57 -18.61 -56.51
C TYR C 479 10.55 -19.66 -56.94
N VAL C 480 9.27 -19.30 -56.90
CA VAL C 480 8.16 -20.21 -57.19
C VAL C 480 7.36 -19.59 -58.34
N MET C 481 7.23 -20.34 -59.44
CA MET C 481 6.33 -20.00 -60.53
C MET C 481 6.56 -18.57 -61.04
N GLY C 482 7.83 -18.26 -61.34
CA GLY C 482 8.18 -16.98 -61.92
C GLY C 482 7.93 -16.93 -63.42
N GLY C 483 8.03 -15.73 -63.98
CA GLY C 483 7.95 -15.57 -65.42
C GLY C 483 6.53 -15.72 -65.93
N MET C 484 6.35 -16.63 -66.89
CA MET C 484 5.01 -16.88 -67.42
C MET C 484 4.15 -17.62 -66.41
N GLY C 485 4.75 -18.23 -65.41
CA GLY C 485 3.97 -18.84 -64.37
C GLY C 485 3.42 -17.91 -63.32
N ILE C 486 3.63 -16.59 -63.43
CA ILE C 486 3.21 -15.69 -62.35
C ILE C 486 1.70 -15.77 -62.12
N VAL C 487 0.94 -16.06 -63.16
CA VAL C 487 -0.50 -16.26 -62.99
C VAL C 487 -0.78 -17.44 -62.07
N ASP C 488 -0.01 -18.54 -62.23
CA ASP C 488 -0.09 -19.64 -61.26
C ASP C 488 0.46 -19.22 -59.89
N ALA C 489 1.53 -18.42 -59.86
CA ALA C 489 2.07 -17.98 -58.58
C ALA C 489 1.01 -17.27 -57.77
N GLU C 490 0.23 -16.40 -58.41
CA GLU C 490 -0.79 -15.65 -57.70
C GLU C 490 -1.89 -16.57 -57.15
N ALA C 491 -2.27 -17.59 -57.92
CA ALA C 491 -3.30 -18.52 -57.46
C ALA C 491 -2.82 -19.32 -56.25
N ALA C 492 -1.56 -19.78 -56.29
CA ALA C 492 -1.04 -20.56 -55.16
C ALA C 492 -0.82 -19.69 -53.93
N PHE C 493 -0.44 -18.43 -54.15
CA PHE C 493 -0.31 -17.47 -53.07
C PHE C 493 -1.66 -17.28 -52.36
N ARG C 494 -2.72 -17.07 -53.14
CA ARG C 494 -4.04 -16.86 -52.56
C ARG C 494 -4.51 -18.09 -51.79
N LYS C 495 -4.28 -19.29 -52.34
CA LYS C 495 -4.70 -20.49 -51.63
C LYS C 495 -4.01 -20.56 -50.27
N GLU C 496 -2.69 -20.34 -50.23
CA GLU C 496 -1.98 -20.39 -48.97
C GLU C 496 -2.50 -19.33 -47.99
N MET C 497 -2.74 -18.11 -48.48
CA MET C 497 -3.33 -17.07 -47.63
C MET C 497 -4.67 -17.51 -47.07
N ASN C 498 -5.52 -18.14 -47.89
CA ASN C 498 -6.77 -18.68 -47.39
C ASN C 498 -6.52 -19.65 -46.23
N GLY C 499 -5.41 -20.40 -46.29
CA GLY C 499 -5.08 -21.29 -45.20
C GLY C 499 -4.60 -20.57 -43.96
N TRP C 500 -3.87 -19.46 -44.15
CA TRP C 500 -3.45 -18.69 -42.97
C TRP C 500 -4.65 -18.07 -42.26
N ALA C 501 -5.68 -17.70 -43.03
CA ALA C 501 -6.85 -17.08 -42.43
C ALA C 501 -7.50 -17.98 -41.39
N GLN C 502 -7.28 -19.30 -41.48
CA GLN C 502 -7.88 -20.26 -40.58
C GLN C 502 -7.06 -20.52 -39.33
N VAL C 503 -5.80 -20.11 -39.30
CA VAL C 503 -4.95 -20.32 -38.13
C VAL C 503 -4.59 -19.03 -37.41
N LEU C 504 -4.95 -17.87 -37.97
CA LEU C 504 -4.49 -16.61 -37.38
C LEU C 504 -5.15 -16.33 -36.04
N ASN C 505 -6.37 -16.81 -35.84
CA ASN C 505 -7.10 -16.55 -34.61
C ASN C 505 -7.09 -15.07 -34.26
N GLY C 506 -7.34 -14.24 -35.27
CA GLY C 506 -7.42 -12.80 -35.07
C GLY C 506 -6.11 -12.05 -35.02
N ARG C 507 -4.97 -12.73 -34.98
CA ARG C 507 -3.68 -12.05 -35.01
C ARG C 507 -3.47 -11.36 -36.36
N PRO C 508 -2.71 -10.27 -36.38
CA PRO C 508 -2.36 -9.64 -37.65
C PRO C 508 -1.20 -10.36 -38.35
N MET C 509 -1.07 -10.09 -39.65
CA MET C 509 0.03 -10.61 -40.44
C MET C 509 0.75 -9.47 -41.15
N ILE C 510 2.08 -9.60 -41.25
CA ILE C 510 2.87 -8.72 -42.10
C ILE C 510 3.73 -9.59 -42.99
N PHE C 511 4.15 -9.01 -44.09
CA PHE C 511 5.19 -9.61 -44.93
C PHE C 511 6.51 -8.99 -44.53
N THR C 512 7.44 -9.83 -44.08
CA THR C 512 8.76 -9.34 -43.78
C THR C 512 9.70 -9.44 -44.97
N GLU C 513 9.38 -10.28 -45.96
CA GLU C 513 10.15 -10.41 -47.19
C GLU C 513 9.25 -10.73 -48.37
N TYR C 514 9.54 -10.07 -49.50
CA TYR C 514 9.13 -10.43 -50.85
C TYR C 514 9.98 -9.58 -51.79
N GLY C 515 10.29 -10.10 -52.97
CA GLY C 515 11.18 -9.38 -53.86
C GLY C 515 11.66 -10.23 -55.01
N ALA C 516 12.37 -9.57 -55.92
CA ALA C 516 12.82 -10.18 -57.18
C ALA C 516 14.14 -9.54 -57.55
N ASP C 517 15.15 -10.35 -57.92
CA ASP C 517 16.43 -9.76 -58.30
C ASP C 517 16.28 -8.95 -59.58
N THR C 518 16.99 -7.83 -59.65
CA THR C 518 16.80 -6.86 -60.71
C THR C 518 18.12 -6.17 -61.00
N MET C 519 18.66 -6.37 -62.20
CA MET C 519 19.84 -5.59 -62.58
C MET C 519 19.41 -4.13 -62.76
N PRO C 520 20.06 -3.18 -62.08
CA PRO C 520 19.63 -1.78 -62.22
C PRO C 520 19.79 -1.23 -63.64
N THR C 521 20.41 -1.99 -64.53
CA THR C 521 20.69 -1.58 -65.90
C THR C 521 19.80 -2.27 -66.93
N GLU C 522 18.84 -3.09 -66.49
CA GLU C 522 18.14 -4.03 -67.35
C GLU C 522 16.71 -3.55 -67.61
N HIS C 523 16.39 -3.38 -68.89
CA HIS C 523 15.05 -3.00 -69.35
C HIS C 523 14.62 -4.01 -70.41
N LYS C 524 13.37 -4.48 -70.34
CA LYS C 524 12.89 -5.35 -71.41
C LYS C 524 11.37 -5.28 -71.55
N LEU C 525 10.90 -5.34 -72.81
CA LEU C 525 9.48 -5.27 -73.14
C LEU C 525 9.11 -6.30 -74.21
N PRO C 526 8.29 -7.31 -73.86
CA PRO C 526 7.75 -7.51 -72.51
C PRO C 526 8.86 -7.92 -71.55
N SER C 527 8.51 -8.04 -70.28
CA SER C 527 9.51 -8.21 -69.23
C SER C 527 10.09 -9.62 -69.24
N VAL C 528 11.27 -9.73 -68.65
CA VAL C 528 11.84 -11.01 -68.25
C VAL C 528 12.33 -10.88 -66.82
N MET C 529 12.32 -11.99 -66.10
CA MET C 529 12.91 -12.05 -64.78
C MET C 529 14.31 -11.48 -64.82
N TRP C 530 14.61 -10.59 -63.85
CA TRP C 530 15.85 -9.84 -63.74
C TRP C 530 15.74 -8.45 -64.37
N SER C 531 14.69 -8.20 -65.12
CA SER C 531 14.47 -6.86 -65.66
C SER C 531 13.72 -6.00 -64.64
N GLN C 532 13.90 -4.69 -64.77
CA GLN C 532 13.19 -3.75 -63.90
C GLN C 532 11.67 -3.82 -64.14
N GLU C 533 11.24 -4.08 -65.37
CA GLU C 533 9.82 -4.26 -65.64
C GLU C 533 9.28 -5.49 -64.91
N TYR C 534 10.06 -6.57 -64.85
CA TYR C 534 9.58 -7.71 -64.09
C TYR C 534 9.47 -7.37 -62.62
N GLN C 535 10.40 -6.57 -62.09
CA GLN C 535 10.34 -6.24 -60.67
C GLN C 535 9.04 -5.54 -60.35
N ASN C 536 8.69 -4.52 -61.15
CA ASN C 536 7.45 -3.78 -60.95
C ASN C 536 6.24 -4.69 -61.06
N GLU C 537 6.20 -5.55 -62.08
CA GLU C 537 5.06 -6.44 -62.24
C GLU C 537 4.96 -7.41 -61.06
N TYR C 538 6.09 -7.99 -60.66
CA TYR C 538 6.11 -8.84 -59.47
C TYR C 538 5.53 -8.11 -58.26
N LEU C 539 5.95 -6.87 -58.03
CA LEU C 539 5.50 -6.15 -56.85
C LEU C 539 4.00 -5.88 -56.93
N ASP C 540 3.50 -5.49 -58.11
CA ASP C 540 2.07 -5.28 -58.32
C ASP C 540 1.28 -6.53 -57.99
N MET C 541 1.71 -7.68 -58.51
CA MET C 541 0.98 -8.91 -58.23
C MET C 541 0.89 -9.13 -56.73
N ASN C 542 2.02 -9.05 -56.03
CA ASN C 542 2.04 -9.27 -54.58
C ASN C 542 1.15 -8.26 -53.86
N HIS C 543 1.25 -6.98 -54.22
CA HIS C 543 0.42 -6.00 -53.53
C HIS C 543 -1.06 -6.27 -53.74
N ASN C 544 -1.43 -6.75 -54.92
CA ASN C 544 -2.83 -7.10 -55.17
C ASN C 544 -3.30 -8.19 -54.21
N VAL C 545 -2.41 -9.14 -53.89
CA VAL C 545 -2.77 -10.17 -52.92
C VAL C 545 -2.86 -9.56 -51.52
N PHE C 546 -1.82 -8.82 -51.10
CA PHE C 546 -1.83 -8.17 -49.79
C PHE C 546 -3.16 -7.46 -49.56
N ASP C 547 -3.55 -6.63 -50.53
CA ASP C 547 -4.73 -5.78 -50.41
C ASP C 547 -6.03 -6.57 -50.40
N SER C 548 -6.00 -7.86 -50.73
CA SER C 548 -7.21 -8.70 -50.74
C SER C 548 -7.55 -9.24 -49.36
N TYR C 549 -6.62 -9.19 -48.40
CA TYR C 549 -6.77 -9.89 -47.13
C TYR C 549 -6.74 -8.87 -45.99
N ASN C 550 -7.85 -8.78 -45.25
CA ASN C 550 -7.99 -7.78 -44.20
C ASN C 550 -6.88 -7.89 -43.14
N PHE C 551 -6.42 -9.10 -42.84
CA PHE C 551 -5.47 -9.28 -41.75
C PHE C 551 -4.03 -8.91 -42.11
N VAL C 552 -3.73 -8.55 -43.36
CA VAL C 552 -2.40 -8.08 -43.69
C VAL C 552 -2.29 -6.63 -43.27
N GLN C 553 -1.41 -6.35 -42.31
CA GLN C 553 -1.31 -5.02 -41.71
C GLN C 553 0.08 -4.41 -41.89
N GLY C 554 0.88 -4.92 -42.82
CA GLY C 554 2.17 -4.34 -43.07
C GLY C 554 2.90 -5.06 -44.19
N GLU C 555 3.79 -4.35 -44.87
CA GLU C 555 4.51 -4.90 -46.01
C GLU C 555 5.92 -4.34 -45.94
N LEU C 556 6.89 -5.23 -45.68
CA LEU C 556 8.30 -4.89 -45.73
C LEU C 556 8.91 -5.68 -46.89
N VAL C 557 9.41 -4.96 -47.88
CA VAL C 557 9.95 -5.58 -49.09
C VAL C 557 11.43 -5.93 -48.87
N TRP C 558 11.86 -7.01 -49.52
CA TRP C 558 13.27 -7.41 -49.54
C TRP C 558 13.85 -6.99 -50.89
N ASN C 559 14.87 -6.12 -50.90
CA ASN C 559 15.58 -5.52 -49.76
C ASN C 559 15.68 -4.01 -50.03
N PHE C 560 16.04 -3.23 -49.01
CA PHE C 560 16.26 -1.80 -49.23
C PHE C 560 17.28 -1.55 -50.34
N ALA C 561 18.39 -2.29 -50.32
CA ALA C 561 19.48 -2.04 -51.27
C ALA C 561 20.22 -3.34 -51.59
N ASP C 562 20.68 -3.44 -52.83
CA ASP C 562 21.57 -4.53 -53.21
C ASP C 562 22.69 -4.67 -52.17
N PHE C 563 23.03 -5.91 -51.81
CA PHE C 563 24.00 -6.18 -50.76
C PHE C 563 24.81 -7.43 -51.12
N GLN C 564 25.94 -7.60 -50.44
CA GLN C 564 26.90 -8.65 -50.78
C GLN C 564 26.51 -10.01 -50.20
N THR C 565 26.68 -11.06 -51.01
CA THR C 565 26.55 -12.45 -50.59
C THR C 565 27.82 -13.23 -50.93
N THR C 566 27.86 -14.49 -50.51
CA THR C 566 28.86 -15.40 -51.05
C THR C 566 28.67 -15.56 -52.56
N GLU C 567 29.78 -15.82 -53.26
CA GLU C 567 29.69 -16.10 -54.70
C GLU C 567 28.79 -17.30 -54.96
N GLY C 568 28.23 -17.36 -56.16
CA GLY C 568 27.36 -18.45 -56.54
C GLY C 568 26.69 -18.18 -57.86
N ILE C 569 26.18 -19.22 -58.52
CA ILE C 569 25.51 -19.03 -59.80
C ILE C 569 24.23 -18.22 -59.66
N LEU C 570 23.65 -18.15 -58.46
CA LEU C 570 22.40 -17.45 -58.24
C LEU C 570 22.56 -15.97 -57.91
N ARG C 571 23.79 -15.50 -57.73
CA ARG C 571 24.04 -14.17 -57.17
C ARG C 571 24.96 -13.41 -58.13
N VAL C 572 24.39 -12.45 -58.85
CA VAL C 572 25.14 -11.61 -59.79
C VAL C 572 25.81 -10.51 -58.99
N ASN C 573 27.00 -10.79 -58.46
CA ASN C 573 27.71 -9.89 -57.55
C ASN C 573 26.80 -9.52 -56.37
N GLY C 574 26.50 -10.53 -55.56
CA GLY C 574 25.62 -10.36 -54.43
C GLY C 574 24.15 -10.42 -54.79
N ASN C 575 23.33 -10.05 -53.81
CA ASN C 575 21.89 -10.05 -53.93
C ASN C 575 21.42 -8.77 -54.63
N LYS C 576 20.58 -8.91 -55.66
CA LYS C 576 20.11 -7.77 -56.43
C LYS C 576 18.62 -7.52 -56.23
N LYS C 577 18.06 -7.98 -55.11
CA LYS C 577 16.67 -7.68 -54.85
C LYS C 577 16.47 -6.27 -54.30
N GLY C 578 17.52 -5.45 -54.28
CA GLY C 578 17.38 -4.10 -53.78
C GLY C 578 16.35 -3.31 -54.57
N ILE C 579 15.60 -2.48 -53.85
CA ILE C 579 14.82 -1.38 -54.42
C ILE C 579 15.74 -0.22 -54.81
N PHE C 580 16.80 0.01 -54.05
CA PHE C 580 17.89 0.90 -54.41
C PHE C 580 19.14 0.07 -54.73
N THR C 581 20.04 0.66 -55.52
CA THR C 581 21.34 0.06 -55.76
C THR C 581 22.19 0.12 -54.49
N ARG C 582 23.31 -0.63 -54.49
CA ARG C 582 24.21 -0.56 -53.34
C ARG C 582 24.74 0.85 -53.13
N GLN C 583 24.81 1.66 -54.18
CA GLN C 583 25.22 3.07 -54.14
C GLN C 583 24.05 4.01 -53.78
N ARG C 584 22.93 3.46 -53.36
CA ARG C 584 21.81 4.25 -52.84
C ARG C 584 21.23 5.15 -53.93
N GLN C 585 20.99 4.55 -55.09
CA GLN C 585 20.27 5.21 -56.17
C GLN C 585 19.06 4.36 -56.57
N PRO C 586 17.95 4.99 -56.94
CA PRO C 586 16.69 4.24 -57.12
C PRO C 586 16.69 3.44 -58.42
N LYS C 587 16.24 2.18 -58.33
CA LYS C 587 15.74 1.47 -59.50
C LYS C 587 14.30 1.92 -59.79
N ASP C 588 13.76 1.47 -60.93
CA ASP C 588 12.38 1.83 -61.28
C ASP C 588 11.41 1.53 -60.15
N ALA C 589 11.61 0.39 -59.46
CA ALA C 589 10.68 -0.02 -58.41
C ALA C 589 10.60 0.99 -57.27
N ALA C 590 11.65 1.76 -57.03
CA ALA C 590 11.58 2.75 -55.96
C ALA C 590 10.46 3.76 -56.21
N PHE C 591 10.22 4.10 -57.48
CA PHE C 591 9.17 5.04 -57.84
C PHE C 591 7.79 4.40 -57.73
N LEU C 592 7.68 3.11 -58.04
CA LEU C 592 6.46 2.37 -57.75
C LEU C 592 6.11 2.45 -56.27
N PHE C 593 7.09 2.18 -55.40
CA PHE C 593 6.81 2.15 -53.96
C PHE C 593 6.52 3.54 -53.42
N ARG C 594 7.21 4.56 -53.95
CA ARG C 594 6.93 5.93 -53.54
C ARG C 594 5.48 6.30 -53.85
N ALA C 595 5.02 5.99 -55.06
CA ALA C 595 3.63 6.28 -55.40
C ALA C 595 2.65 5.51 -54.53
N ARG C 596 2.95 4.24 -54.23
CA ARG C 596 2.04 3.47 -53.38
C ARG C 596 2.07 3.97 -51.94
N TRP C 597 3.24 3.98 -51.32
CA TRP C 597 3.32 4.15 -49.87
C TRP C 597 2.93 5.57 -49.46
N THR C 598 3.27 6.58 -50.27
CA THR C 598 2.85 7.91 -49.88
C THR C 598 1.36 8.14 -50.14
N SER C 599 0.70 7.25 -50.88
CA SER C 599 -0.73 7.39 -51.10
C SER C 599 -1.56 6.62 -50.08
N LEU C 600 -0.95 5.72 -49.32
CA LEU C 600 -1.78 5.05 -48.33
C LEU C 600 -1.78 5.86 -47.03
N PRO C 601 -2.91 6.00 -46.35
CA PRO C 601 -2.91 6.71 -45.07
C PRO C 601 -2.11 5.92 -44.05
N LEU C 602 -1.67 6.62 -43.00
CA LEU C 602 -0.92 5.95 -41.95
C LEU C 602 -1.70 4.78 -41.39
N ASP C 603 -3.02 4.94 -41.27
CA ASP C 603 -3.90 3.92 -40.71
C ASP C 603 -4.63 3.13 -41.80
N TYR C 604 -3.98 2.93 -42.94
CA TYR C 604 -4.52 2.09 -44.00
C TYR C 604 -4.95 0.72 -43.45
N LYS C 605 -6.18 0.32 -43.78
CA LYS C 605 -6.77 -0.96 -43.37
C LYS C 605 -6.95 -1.06 -41.86
N GLY C 606 -6.91 0.07 -41.16
CA GLY C 606 -7.00 0.05 -39.70
C GLY C 606 -8.37 -0.32 -39.15
N ASN C 607 -9.39 -0.41 -39.99
CA ASN C 607 -10.74 -0.77 -39.58
C ASN C 607 -11.18 -2.10 -40.19
N GLN C 608 -10.24 -3.02 -40.43
CA GLN C 608 -10.57 -4.23 -41.16
C GLN C 608 -10.15 -5.49 -40.39
N ASN D 2 5.13 -4.95 9.36
CA ASN D 2 5.42 -6.40 9.53
C ASN D 2 4.19 -7.13 10.05
N ASN D 3 3.89 -8.27 9.44
CA ASN D 3 2.69 -9.06 9.79
C ASN D 3 3.08 -10.37 10.46
N LYS D 4 4.06 -10.33 11.37
CA LYS D 4 4.40 -11.53 12.14
C LYS D 4 3.17 -12.08 12.83
N SER D 5 3.00 -13.40 12.75
CA SER D 5 1.94 -14.09 13.47
C SER D 5 2.38 -15.51 13.71
N LEU D 6 2.28 -15.97 14.96
CA LEU D 6 2.62 -17.34 15.32
C LEU D 6 1.38 -18.22 15.46
N LEU D 7 0.21 -17.70 15.08
CA LEU D 7 -1.03 -18.45 15.15
C LEU D 7 -0.95 -19.73 14.31
N TYR D 8 -1.52 -20.81 14.83
CA TYR D 8 -1.62 -22.05 14.07
C TYR D 8 -2.40 -21.83 12.78
N PRO D 9 -1.93 -22.35 11.65
CA PRO D 9 -2.65 -22.16 10.38
C PRO D 9 -4.04 -22.77 10.44
N VAL D 10 -5.05 -22.01 10.02
CA VAL D 10 -6.41 -22.53 9.98
C VAL D 10 -7.03 -22.24 8.63
N VAL D 11 -8.01 -23.07 8.29
CA VAL D 11 -8.91 -22.82 7.18
C VAL D 11 -10.14 -22.13 7.73
N SER D 12 -10.60 -21.09 7.05
CA SER D 12 -11.80 -20.37 7.44
C SER D 12 -12.45 -19.76 6.19
N THR D 13 -13.56 -19.05 6.37
CA THR D 13 -14.15 -18.37 5.21
C THR D 13 -13.11 -17.52 4.49
N SER D 14 -12.15 -16.95 5.23
CA SER D 14 -11.16 -16.04 4.65
C SER D 14 -9.78 -16.65 4.39
N ARG D 15 -9.45 -17.81 4.95
CA ARG D 15 -8.09 -18.36 4.91
C ARG D 15 -8.05 -19.75 4.27
N ARG D 16 -6.98 -20.02 3.55
CA ARG D 16 -6.73 -21.34 2.97
C ARG D 16 -5.41 -21.89 3.47
N VAL D 17 -5.29 -23.23 3.48
CA VAL D 17 -4.08 -23.92 3.91
C VAL D 17 -3.89 -25.16 3.03
N VAL D 18 -2.70 -25.30 2.45
CA VAL D 18 -2.31 -26.46 1.67
C VAL D 18 -1.01 -27.00 2.25
N SER D 19 -1.03 -28.26 2.68
CA SER D 19 0.20 -28.89 3.16
C SER D 19 1.18 -29.15 2.03
N LEU D 20 2.45 -28.81 2.26
CA LEU D 20 3.52 -29.15 1.34
C LEU D 20 4.33 -30.38 1.79
N ASP D 21 3.86 -31.12 2.79
CA ASP D 21 4.60 -32.29 3.25
C ASP D 21 4.57 -33.38 2.18
N GLY D 22 5.53 -34.29 2.26
CA GLY D 22 5.67 -35.37 1.32
C GLY D 22 7.13 -35.63 1.04
N MET D 23 7.42 -36.17 -0.15
CA MET D 23 8.80 -36.44 -0.56
C MET D 23 9.35 -35.18 -1.20
N TRP D 24 10.40 -34.62 -0.61
CA TRP D 24 11.07 -33.49 -1.24
C TRP D 24 12.36 -33.96 -1.90
N ARG D 25 13.05 -33.02 -2.52
CA ARG D 25 14.40 -33.21 -3.05
C ARG D 25 15.40 -32.71 -2.02
N PHE D 26 16.56 -33.35 -1.97
CA PHE D 26 17.50 -33.14 -0.88
C PHE D 26 18.93 -33.28 -1.37
N SER D 27 19.83 -32.46 -0.83
CA SER D 27 21.24 -32.64 -1.17
C SER D 27 22.09 -32.01 -0.08
N PHE D 28 23.13 -32.73 0.33
CA PHE D 28 24.18 -32.12 1.13
C PHE D 28 24.92 -31.08 0.30
N ASP D 29 25.66 -30.20 0.99
CA ASP D 29 26.40 -29.11 0.35
C ASP D 29 27.72 -28.94 1.12
N ALA D 30 28.61 -29.93 0.98
CA ALA D 30 29.77 -30.03 1.86
C ALA D 30 30.73 -28.86 1.68
N LYS D 31 30.81 -28.28 0.48
CA LYS D 31 31.68 -27.13 0.24
C LYS D 31 30.97 -25.80 0.30
N SER D 32 29.69 -25.78 0.70
CA SER D 32 28.97 -24.51 0.87
C SER D 32 29.02 -23.68 -0.41
N GLU D 33 28.74 -24.34 -1.53
CA GLU D 33 28.79 -23.75 -2.86
C GLU D 33 27.41 -23.51 -3.47
N GLY D 34 26.34 -23.90 -2.79
CA GLY D 34 25.03 -23.95 -3.44
C GLY D 34 24.50 -22.59 -3.89
N VAL D 35 24.65 -21.57 -3.05
CA VAL D 35 24.05 -20.26 -3.37
C VAL D 35 24.68 -19.68 -4.63
N GLU D 36 26.01 -19.58 -4.66
CA GLU D 36 26.69 -19.02 -5.81
C GLU D 36 26.54 -19.92 -7.04
N ALA D 37 26.34 -21.23 -6.83
CA ALA D 37 26.15 -22.18 -7.91
C ALA D 37 24.70 -22.28 -8.37
N ASN D 38 23.80 -21.49 -7.79
CA ASN D 38 22.43 -21.38 -8.27
C ASN D 38 21.56 -22.57 -7.88
N TRP D 39 21.95 -23.32 -6.83
CA TRP D 39 21.16 -24.46 -6.37
C TRP D 39 19.74 -24.06 -5.99
N ALA D 40 19.51 -22.79 -5.64
CA ALA D 40 18.17 -22.38 -5.28
C ALA D 40 17.20 -22.47 -6.46
N ASN D 41 17.71 -22.59 -7.68
CA ASN D 41 16.85 -22.78 -8.84
C ASN D 41 16.78 -24.24 -9.28
N GLY D 42 17.40 -25.15 -8.53
CA GLY D 42 17.34 -26.55 -8.86
C GLY D 42 18.61 -27.27 -8.47
N LEU D 43 18.48 -28.36 -7.72
CA LEU D 43 19.68 -29.08 -7.28
C LEU D 43 20.29 -29.83 -8.46
N PRO D 44 21.60 -29.70 -8.70
CA PRO D 44 22.22 -30.50 -9.77
C PRO D 44 22.14 -31.99 -9.51
N GLU D 45 22.36 -32.42 -8.27
CA GLU D 45 22.27 -33.79 -7.81
C GLU D 45 21.43 -33.81 -6.54
N SER D 46 20.57 -34.82 -6.40
CA SER D 46 19.69 -34.85 -5.25
C SER D 46 19.17 -36.26 -5.04
N ILE D 47 18.69 -36.49 -3.81
CA ILE D 47 17.94 -37.69 -3.46
C ILE D 47 16.57 -37.23 -2.94
N SER D 48 15.67 -38.20 -2.80
CA SER D 48 14.38 -37.92 -2.19
C SER D 48 14.48 -37.95 -0.68
N MET D 49 13.63 -37.14 -0.02
CA MET D 49 13.75 -37.03 1.43
C MET D 49 12.38 -36.66 1.96
N PRO D 50 11.84 -37.42 2.92
CA PRO D 50 10.51 -37.10 3.45
C PRO D 50 10.56 -35.88 4.33
N VAL D 51 9.48 -35.12 4.29
CA VAL D 51 9.22 -33.98 5.16
C VAL D 51 7.81 -34.14 5.70
N PRO D 52 7.60 -34.13 7.02
CA PRO D 52 8.57 -33.86 8.07
C PRO D 52 9.37 -35.09 8.56
N ALA D 53 10.63 -34.86 8.94
CA ALA D 53 11.54 -35.86 9.47
C ALA D 53 12.92 -35.25 9.66
N SER D 54 13.71 -35.75 10.61
CA SER D 54 15.15 -35.52 10.54
C SER D 54 15.71 -36.35 9.40
N PHE D 55 16.83 -35.89 8.80
CA PHE D 55 17.39 -36.65 7.69
C PHE D 55 18.30 -37.80 8.16
N CYS D 56 18.75 -37.76 9.41
CA CYS D 56 19.93 -38.52 9.83
C CYS D 56 19.73 -40.03 9.70
N ASP D 57 18.61 -40.56 10.16
CA ASP D 57 18.50 -41.99 10.40
C ASP D 57 17.94 -42.76 9.21
N PHE D 58 17.71 -42.10 8.08
CA PHE D 58 17.40 -42.85 6.86
C PHE D 58 18.62 -43.60 6.34
N PHE D 59 19.79 -42.99 6.39
CA PHE D 59 20.95 -43.50 5.68
C PHE D 59 21.52 -44.75 6.38
N THR D 60 22.26 -45.54 5.58
CA THR D 60 22.98 -46.69 6.10
C THR D 60 24.47 -46.42 6.33
N ASP D 61 24.96 -45.23 5.97
CA ASP D 61 26.36 -44.83 6.19
C ASP D 61 26.43 -43.77 7.28
N LYS D 62 27.44 -43.90 8.15
CA LYS D 62 27.59 -42.98 9.27
C LYS D 62 27.94 -41.56 8.82
N GLU D 63 28.69 -41.41 7.73
CA GLU D 63 29.09 -40.07 7.30
C GLU D 63 27.87 -39.20 7.02
N SER D 64 26.84 -39.79 6.41
CA SER D 64 25.61 -39.05 6.16
C SER D 64 24.81 -38.86 7.44
N ARG D 65 24.72 -39.90 8.28
CA ARG D 65 24.02 -39.75 9.56
C ARG D 65 24.56 -38.58 10.35
N GLU D 66 25.89 -38.42 10.37
CA GLU D 66 26.57 -37.41 11.18
C GLU D 66 26.96 -36.17 10.37
N TYR D 67 26.36 -35.98 9.19
CA TYR D 67 26.71 -34.82 8.39
C TYR D 67 26.44 -33.53 9.17
N CYS D 68 27.38 -32.58 9.06
CA CYS D 68 27.28 -31.32 9.80
C CYS D 68 27.76 -30.21 8.87
N GLY D 69 26.86 -29.32 8.48
CA GLY D 69 27.15 -28.30 7.48
C GLY D 69 25.87 -27.80 6.82
N ASP D 70 26.02 -27.25 5.61
CA ASP D 70 24.86 -26.82 4.82
C ASP D 70 24.23 -28.00 4.10
N PHE D 71 22.90 -27.99 4.02
CA PHE D 71 22.16 -28.96 3.21
C PHE D 71 20.88 -28.31 2.72
N TRP D 72 20.30 -28.89 1.65
CA TRP D 72 19.21 -28.27 0.90
C TRP D 72 17.98 -29.17 0.85
N TYR D 73 16.80 -28.57 1.02
CA TYR D 73 15.53 -29.20 0.73
C TYR D 73 14.84 -28.41 -0.38
N GLU D 74 14.20 -29.12 -1.32
CA GLU D 74 13.55 -28.47 -2.43
C GLU D 74 12.28 -29.22 -2.85
N THR D 75 11.27 -28.44 -3.23
CA THR D 75 10.02 -28.97 -3.75
C THR D 75 9.38 -27.89 -4.61
N ASP D 76 8.37 -28.27 -5.38
CA ASP D 76 7.57 -27.34 -6.16
C ASP D 76 6.15 -27.30 -5.60
N PHE D 77 5.57 -26.09 -5.53
CA PHE D 77 4.22 -25.92 -5.01
C PHE D 77 3.37 -25.13 -5.99
N PHE D 78 2.09 -25.50 -6.07
CA PHE D 78 1.13 -24.81 -6.92
C PHE D 78 0.48 -23.68 -6.16
N VAL D 79 0.28 -22.55 -6.83
CA VAL D 79 -0.45 -21.41 -6.30
C VAL D 79 -1.68 -21.18 -7.15
N PRO D 80 -2.87 -21.57 -6.67
CA PRO D 80 -4.10 -21.38 -7.46
C PRO D 80 -4.27 -19.93 -7.90
N GLY D 81 -4.79 -19.75 -9.12
CA GLY D 81 -5.05 -18.40 -9.61
C GLY D 81 -6.10 -17.69 -8.79
N GLU D 82 -7.07 -18.45 -8.26
CA GLU D 82 -8.15 -17.87 -7.49
C GLU D 82 -7.65 -17.26 -6.17
N TRP D 83 -6.37 -17.41 -5.87
CA TRP D 83 -5.79 -16.76 -4.69
C TRP D 83 -5.26 -15.36 -4.96
N SER D 84 -5.40 -14.86 -6.19
CA SER D 84 -4.67 -13.68 -6.62
C SER D 84 -4.99 -12.43 -5.79
N GLY D 85 -6.15 -12.36 -5.13
CA GLY D 85 -6.30 -11.19 -4.26
C GLY D 85 -5.58 -11.23 -2.91
N LYS D 86 -5.06 -12.37 -2.47
CA LYS D 86 -4.73 -12.56 -1.07
C LYS D 86 -3.22 -12.50 -0.82
N ASP D 87 -2.86 -12.37 0.45
CA ASP D 87 -1.47 -12.54 0.89
C ASP D 87 -1.12 -14.01 0.89
N ILE D 88 0.06 -14.34 0.34
CA ILE D 88 0.53 -15.73 0.20
C ILE D 88 1.74 -15.92 1.08
N ALA D 89 1.70 -16.94 1.94
CA ALA D 89 2.83 -17.19 2.83
C ALA D 89 3.04 -18.69 3.00
N ILE D 90 4.26 -19.06 3.36
CA ILE D 90 4.61 -20.44 3.67
C ILE D 90 5.00 -20.52 5.13
N ARG D 91 4.28 -21.32 5.90
CA ARG D 91 4.60 -21.53 7.31
C ARG D 91 5.49 -22.74 7.43
N PHE D 92 6.61 -22.58 8.15
CA PHE D 92 7.45 -23.68 8.57
C PHE D 92 7.21 -23.91 10.04
N GLY D 93 6.69 -25.09 10.40
CA GLY D 93 6.54 -25.40 11.81
C GLY D 93 7.85 -25.29 12.55
N SER D 94 8.95 -25.67 11.88
CA SER D 94 10.30 -25.44 12.37
C SER D 94 11.26 -25.85 11.26
N ALA D 95 12.51 -25.42 11.41
CA ALA D 95 13.59 -25.84 10.53
C ALA D 95 14.87 -25.73 11.33
N THR D 96 15.67 -26.81 11.34
CA THR D 96 16.74 -27.01 12.32
C THR D 96 18.08 -27.00 11.61
N HIS D 97 18.99 -26.09 12.00
CA HIS D 97 18.84 -25.08 13.06
C HIS D 97 18.74 -23.65 12.50
N HIS D 98 19.50 -23.40 11.44
CA HIS D 98 19.61 -22.08 10.83
C HIS D 98 19.16 -22.18 9.39
N ALA D 99 18.17 -21.36 9.02
CA ALA D 99 17.47 -21.53 7.75
C ALA D 99 17.55 -20.28 6.88
N ARG D 100 17.64 -20.52 5.57
CA ARG D 100 17.47 -19.50 4.53
C ARG D 100 16.46 -20.05 3.53
N ILE D 101 15.44 -19.25 3.21
CA ILE D 101 14.34 -19.69 2.35
C ILE D 101 14.39 -18.91 1.05
N PHE D 102 14.36 -19.63 -0.08
CA PHE D 102 14.30 -19.06 -1.41
C PHE D 102 13.02 -19.53 -2.11
N VAL D 103 12.36 -18.62 -2.82
CA VAL D 103 11.23 -18.99 -3.66
C VAL D 103 11.49 -18.44 -5.06
N ASN D 104 11.45 -19.33 -6.05
CA ASN D 104 11.75 -18.97 -7.43
C ASN D 104 13.11 -18.29 -7.55
N GLY D 105 14.06 -18.74 -6.72
CA GLY D 105 15.42 -18.22 -6.73
C GLY D 105 15.67 -16.99 -5.89
N VAL D 106 14.62 -16.38 -5.35
CA VAL D 106 14.73 -15.15 -4.57
C VAL D 106 14.74 -15.50 -3.08
N GLU D 107 15.72 -14.97 -2.35
CA GLU D 107 15.76 -15.20 -0.92
C GLU D 107 14.66 -14.38 -0.24
N VAL D 108 13.76 -15.05 0.47
CA VAL D 108 12.60 -14.38 1.05
C VAL D 108 12.55 -14.47 2.57
N ALA D 109 13.44 -15.22 3.22
CA ALA D 109 13.39 -15.33 4.67
C ALA D 109 14.65 -15.97 5.22
N GLN D 110 14.97 -15.60 6.46
CA GLN D 110 16.01 -16.22 7.27
C GLN D 110 15.42 -16.49 8.63
N HIS D 111 15.93 -17.52 9.31
CA HIS D 111 15.45 -17.84 10.65
C HIS D 111 16.56 -18.48 11.48
N GLU D 112 16.54 -18.16 12.77
CA GLU D 112 17.47 -18.69 13.74
C GLU D 112 16.71 -19.48 14.80
N GLY D 113 17.19 -20.68 15.10
CA GLY D 113 16.58 -21.52 16.12
C GLY D 113 15.75 -22.62 15.50
N GLY D 114 16.06 -23.87 15.83
CA GLY D 114 15.49 -25.02 15.16
C GLY D 114 14.18 -25.56 15.68
N PHE D 115 13.46 -24.84 16.56
CA PHE D 115 12.34 -25.49 17.24
C PHE D 115 11.11 -24.61 17.36
N LEU D 116 11.03 -23.51 16.61
CA LEU D 116 9.89 -22.59 16.64
C LEU D 116 9.52 -22.16 15.23
N PRO D 117 8.25 -21.84 14.99
CA PRO D 117 7.78 -21.60 13.62
C PRO D 117 8.12 -20.21 13.10
N PHE D 118 8.01 -20.07 11.78
CA PHE D 118 8.22 -18.80 11.09
C PHE D 118 7.56 -18.89 9.72
N ASP D 119 7.23 -17.71 9.16
CA ASP D 119 6.57 -17.62 7.85
C ASP D 119 7.49 -16.92 6.85
N ALA D 120 7.41 -17.36 5.60
CA ALA D 120 8.00 -16.64 4.47
C ALA D 120 6.86 -16.11 3.58
N VAL D 121 6.77 -14.77 3.49
CA VAL D 121 5.78 -14.11 2.64
C VAL D 121 6.28 -14.09 1.20
N VAL D 122 5.43 -14.55 0.26
CA VAL D 122 5.84 -14.76 -1.13
C VAL D 122 4.84 -14.16 -2.11
N THR D 123 3.96 -13.29 -1.61
CA THR D 123 2.84 -12.78 -2.42
C THR D 123 3.29 -12.23 -3.77
N ASP D 124 4.39 -11.50 -3.81
CA ASP D 124 4.82 -10.83 -5.03
C ASP D 124 5.92 -11.57 -5.78
N ILE D 125 6.25 -12.79 -5.35
CA ILE D 125 7.27 -13.59 -6.00
C ILE D 125 6.68 -14.77 -6.77
N VAL D 126 5.52 -15.28 -6.36
CA VAL D 126 4.96 -16.50 -6.92
C VAL D 126 4.30 -16.19 -8.26
N ARG D 127 4.30 -17.20 -9.14
CA ARG D 127 3.53 -17.18 -10.37
C ARG D 127 2.20 -17.87 -10.13
N TYR D 128 1.11 -17.23 -10.54
CA TYR D 128 -0.23 -17.67 -10.20
C TYR D 128 -0.76 -18.69 -11.20
N ASN D 129 -1.56 -19.63 -10.69
CA ASN D 129 -2.00 -20.83 -11.40
C ASN D 129 -0.83 -21.62 -12.01
N GLN D 130 0.33 -21.58 -11.36
CA GLN D 130 1.53 -22.28 -11.84
C GLN D 130 2.24 -22.93 -10.66
N PHE D 131 3.22 -23.75 -10.98
CA PHE D 131 4.10 -24.29 -9.95
C PHE D 131 5.28 -23.36 -9.71
N ASN D 132 5.74 -23.33 -8.47
CA ASN D 132 6.81 -22.46 -8.01
C ASN D 132 7.81 -23.29 -7.23
N LYS D 133 9.08 -22.91 -7.30
CA LYS D 133 10.15 -23.66 -6.64
C LYS D 133 10.40 -23.11 -5.24
N LEU D 134 10.32 -23.99 -4.25
CA LEU D 134 10.65 -23.64 -2.87
C LEU D 134 11.95 -24.33 -2.52
N SER D 135 12.97 -23.54 -2.16
CA SER D 135 14.28 -24.06 -1.78
C SER D 135 14.64 -23.59 -0.38
N VAL D 136 15.07 -24.54 0.44
CA VAL D 136 15.39 -24.31 1.84
C VAL D 136 16.85 -24.69 2.05
N LEU D 137 17.69 -23.69 2.34
CA LEU D 137 19.09 -23.93 2.68
C LEU D 137 19.19 -23.97 4.20
N LEU D 138 19.53 -25.14 4.73
CA LEU D 138 19.60 -25.39 6.17
C LEU D 138 21.03 -25.64 6.59
N ASN D 139 21.29 -25.36 7.86
CA ASN D 139 22.60 -25.61 8.44
C ASN D 139 22.38 -26.09 9.86
N ASN D 140 23.13 -27.13 10.26
CA ASN D 140 22.93 -27.77 11.56
C ASN D 140 24.14 -27.66 12.47
N GLU D 141 25.03 -26.70 12.22
CA GLU D 141 26.20 -26.55 13.07
C GLU D 141 25.82 -25.90 14.40
N LEU D 142 26.55 -26.28 15.45
CA LEU D 142 26.35 -25.79 16.79
C LEU D 142 27.46 -24.81 17.14
N ASN D 143 27.10 -23.79 17.91
CA ASN D 143 28.04 -22.81 18.42
C ASN D 143 27.63 -22.47 19.85
N GLU D 144 28.46 -21.68 20.53
CA GLU D 144 28.25 -21.46 21.95
C GLU D 144 27.31 -20.31 22.25
N HIS D 145 26.75 -19.67 21.24
CA HIS D 145 25.85 -18.55 21.45
C HIS D 145 24.47 -18.81 20.84
N MET D 146 24.03 -20.07 20.84
CA MET D 146 22.74 -20.45 20.28
C MET D 146 22.04 -21.41 21.22
N LEU D 147 20.73 -21.55 21.00
CA LEU D 147 19.87 -22.49 21.71
C LEU D 147 19.50 -23.64 20.77
N PRO D 148 19.99 -24.87 20.97
CA PRO D 148 20.88 -25.37 22.03
C PRO D 148 22.38 -25.15 21.74
N ALA D 149 23.18 -25.13 22.80
CA ALA D 149 24.59 -24.74 22.71
C ALA D 149 25.49 -25.95 22.52
N GLY D 150 26.57 -25.74 21.77
CA GLY D 150 27.53 -26.80 21.55
C GLY D 150 28.67 -26.31 20.69
N ASN D 151 29.44 -27.27 20.18
CA ASN D 151 30.59 -26.96 19.34
C ASN D 151 30.53 -27.76 18.04
N THR D 152 31.30 -27.34 17.05
CA THR D 152 31.46 -28.06 15.79
C THR D 152 32.94 -28.42 15.65
N ALA D 153 33.27 -29.70 15.70
CA ALA D 153 34.65 -30.15 15.56
C ALA D 153 34.95 -30.54 14.12
N VAL D 154 36.25 -30.60 13.79
CA VAL D 154 36.68 -31.03 12.48
C VAL D 154 37.61 -32.24 12.62
N LEU D 155 37.23 -33.34 11.96
CA LEU D 155 37.99 -34.58 12.04
C LEU D 155 39.31 -34.46 11.27
N SER D 156 40.22 -35.39 11.55
CA SER D 156 41.52 -35.43 10.87
C SER D 156 41.39 -35.61 9.36
N ASN D 157 40.20 -35.92 8.86
CA ASN D 157 39.99 -35.99 7.42
C ASN D 157 39.23 -34.78 6.88
N GLY D 158 39.18 -33.69 7.65
CA GLY D 158 38.52 -32.46 7.22
C GLY D 158 37.02 -32.41 7.39
N LYS D 159 36.39 -33.50 7.81
CA LYS D 159 34.94 -33.55 7.94
C LYS D 159 34.50 -32.92 9.25
N LYS D 160 33.42 -32.14 9.18
CA LYS D 160 32.84 -31.52 10.38
C LYS D 160 31.92 -32.51 11.10
N VAL D 161 31.87 -32.39 12.42
CA VAL D 161 31.03 -33.24 13.25
C VAL D 161 30.48 -32.40 14.39
N ALA D 162 29.19 -32.53 14.67
CA ALA D 162 28.60 -31.85 15.81
C ALA D 162 29.16 -32.40 17.12
N ALA D 163 29.45 -31.50 18.05
CA ALA D 163 29.88 -31.83 19.41
C ALA D 163 28.97 -31.10 20.38
N PRO D 164 27.80 -31.65 20.68
CA PRO D 164 26.84 -30.95 21.54
C PRO D 164 27.37 -30.78 22.95
N TYR D 165 26.84 -29.77 23.65
CA TYR D 165 26.97 -29.69 25.09
C TYR D 165 25.74 -30.27 25.80
N PHE D 166 24.91 -31.01 25.08
CA PHE D 166 23.65 -31.53 25.59
C PHE D 166 23.58 -33.02 25.26
N ASP D 167 22.78 -33.74 26.04
CA ASP D 167 22.71 -35.19 25.96
C ASP D 167 21.56 -35.64 25.04
N PHE D 168 21.57 -35.16 23.79
CA PHE D 168 20.66 -35.74 22.81
C PHE D 168 21.23 -35.52 21.41
N TYR D 169 20.92 -36.45 20.52
CA TYR D 169 21.50 -36.43 19.19
C TYR D 169 21.16 -35.12 18.48
N ASN D 170 22.08 -34.65 17.64
CA ASN D 170 21.88 -33.37 16.94
C ASN D 170 21.10 -33.57 15.64
N TYR D 171 19.88 -34.07 15.80
CA TYR D 171 19.00 -34.29 14.64
C TYR D 171 18.63 -32.96 14.00
N ALA D 172 18.65 -32.91 12.67
CA ALA D 172 18.28 -31.70 11.96
C ALA D 172 17.52 -32.06 10.68
N GLY D 173 17.00 -31.03 10.00
CA GLY D 173 16.09 -31.23 8.88
C GLY D 173 14.85 -30.39 9.05
N ILE D 174 13.79 -30.74 8.33
CA ILE D 174 12.49 -30.09 8.47
C ILE D 174 11.59 -31.02 9.27
N HIS D 175 11.41 -30.72 10.55
CA HIS D 175 10.78 -31.66 11.48
C HIS D 175 9.28 -31.54 11.57
N ARG D 176 8.69 -30.46 11.08
CA ARG D 176 7.27 -30.21 11.28
C ARG D 176 6.61 -29.83 9.96
N PRO D 177 5.28 -29.89 9.91
CA PRO D 177 4.57 -29.62 8.65
C PRO D 177 4.89 -28.25 8.06
N VAL D 178 5.05 -28.21 6.75
CA VAL D 178 5.23 -27.00 5.97
C VAL D 178 3.91 -26.71 5.28
N LYS D 179 3.36 -25.52 5.48
CA LYS D 179 2.00 -25.24 5.02
C LYS D 179 1.94 -23.95 4.21
N LEU D 180 1.40 -24.05 3.00
CA LEU D 180 1.15 -22.88 2.18
C LEU D 180 -0.19 -22.27 2.56
N MET D 181 -0.20 -20.96 2.82
CA MET D 181 -1.41 -20.29 3.26
C MET D 181 -1.82 -19.16 2.32
N ALA D 182 -3.11 -18.98 2.18
CA ALA D 182 -3.69 -17.79 1.56
C ALA D 182 -4.48 -17.05 2.62
N LEU D 183 -4.19 -15.75 2.77
CA LEU D 183 -4.72 -14.93 3.84
C LEU D 183 -5.20 -13.59 3.31
N PRO D 184 -6.27 -13.03 3.89
CA PRO D 184 -6.71 -11.68 3.48
C PRO D 184 -5.67 -10.65 3.88
N THR D 185 -5.63 -9.55 3.13
CA THR D 185 -4.60 -8.54 3.37
C THR D 185 -4.77 -7.86 4.72
N GLU D 186 -5.98 -7.79 5.25
CA GLU D 186 -6.25 -7.35 6.62
C GLU D 186 -6.65 -8.58 7.43
N ARG D 187 -5.95 -8.83 8.53
CA ARG D 187 -6.11 -10.12 9.19
C ARG D 187 -5.71 -10.06 10.67
N ILE D 188 -6.27 -11.01 11.42
CA ILE D 188 -5.88 -11.25 12.79
C ILE D 188 -4.46 -11.82 12.83
N LEU D 189 -3.59 -11.17 13.61
CA LEU D 189 -2.21 -11.62 13.81
C LEU D 189 -2.00 -12.31 15.15
N ASP D 190 -2.77 -11.95 16.17
CA ASP D 190 -2.55 -12.50 17.50
C ASP D 190 -3.84 -12.29 18.28
N TYR D 191 -3.96 -13.04 19.38
CA TYR D 191 -4.97 -12.79 20.39
C TYR D 191 -4.49 -13.42 21.69
N SER D 192 -5.09 -12.99 22.81
CA SER D 192 -4.73 -13.52 24.11
C SER D 192 -5.96 -13.65 24.97
N VAL D 193 -5.93 -14.61 25.89
CA VAL D 193 -7.01 -14.86 26.85
C VAL D 193 -6.43 -14.97 28.25
N LYS D 194 -7.19 -14.51 29.23
CA LYS D 194 -6.90 -14.62 30.66
C LYS D 194 -8.20 -14.99 31.33
N HIS D 195 -8.13 -15.85 32.33
CA HIS D 195 -9.36 -16.38 32.89
C HIS D 195 -9.53 -15.93 34.33
N ARG D 196 -10.79 -15.75 34.72
CA ARG D 196 -11.15 -15.36 36.08
C ARG D 196 -12.40 -16.14 36.46
N LEU D 197 -12.36 -16.79 37.61
CA LEU D 197 -13.52 -17.50 38.14
C LEU D 197 -14.37 -16.55 38.97
N THR D 198 -15.69 -16.67 38.84
CA THR D 198 -16.61 -15.76 39.51
C THR D 198 -17.74 -16.58 40.11
N ALA D 199 -18.63 -15.88 40.82
CA ALA D 199 -19.74 -16.54 41.48
C ALA D 199 -20.72 -17.14 40.47
N GLU D 200 -20.93 -16.46 39.33
CA GLU D 200 -21.87 -16.92 38.32
C GLU D 200 -21.23 -17.82 37.25
N GLY D 201 -19.90 -17.91 37.23
CA GLY D 201 -19.20 -18.73 36.27
C GLY D 201 -17.76 -18.29 36.09
N ALA D 202 -17.42 -17.84 34.89
CA ALA D 202 -16.07 -17.38 34.60
C ALA D 202 -16.13 -16.21 33.63
N GLU D 203 -15.05 -15.46 33.59
CA GLU D 203 -14.90 -14.38 32.65
C GLU D 203 -13.55 -14.50 31.96
N VAL D 204 -13.56 -14.37 30.63
CA VAL D 204 -12.34 -14.44 29.83
C VAL D 204 -12.03 -13.03 29.33
N ASP D 205 -10.96 -12.43 29.83
CA ASP D 205 -10.50 -11.16 29.30
C ASP D 205 -9.59 -11.42 28.11
N TYR D 206 -9.83 -10.74 26.99
CA TYR D 206 -9.11 -11.01 25.75
C TYR D 206 -8.56 -9.72 25.16
N THR D 207 -7.55 -9.89 24.30
CA THR D 207 -7.10 -8.89 23.35
C THR D 207 -6.97 -9.55 21.98
N VAL D 208 -7.14 -8.76 20.94
CA VAL D 208 -6.89 -9.19 19.58
C VAL D 208 -6.00 -8.16 18.91
N THR D 209 -5.07 -8.63 18.09
CA THR D 209 -4.16 -7.78 17.34
C THR D 209 -4.42 -8.05 15.86
N THR D 210 -4.74 -7.00 15.11
CA THR D 210 -4.81 -7.09 13.66
C THR D 210 -3.87 -6.05 13.03
N ASN D 211 -3.71 -6.14 11.72
CA ASN D 211 -2.95 -5.15 10.97
C ASN D 211 -3.84 -4.10 10.32
N GLY D 212 -5.06 -3.90 10.84
CA GLY D 212 -5.95 -2.92 10.27
C GLY D 212 -6.87 -2.29 11.29
N ASP D 213 -7.86 -1.50 10.83
CA ASP D 213 -8.73 -0.77 11.73
C ASP D 213 -10.21 -1.12 11.59
N HIS D 214 -10.57 -2.06 10.74
CA HIS D 214 -11.96 -2.50 10.70
C HIS D 214 -12.33 -3.20 12.02
N GLU D 215 -13.63 -3.33 12.24
CA GLU D 215 -14.16 -3.78 13.53
C GLU D 215 -13.86 -5.25 13.83
N VAL D 216 -13.61 -5.54 15.10
CA VAL D 216 -13.29 -6.88 15.58
C VAL D 216 -14.40 -7.37 16.51
N THR D 217 -14.89 -8.59 16.27
CA THR D 217 -15.79 -9.26 17.19
C THR D 217 -15.16 -10.56 17.67
N VAL D 218 -15.54 -10.98 18.87
CA VAL D 218 -15.11 -12.25 19.46
C VAL D 218 -16.34 -12.97 20.00
N GLU D 219 -16.59 -14.17 19.50
CA GLU D 219 -17.72 -14.98 19.94
C GLU D 219 -17.19 -16.29 20.51
N LEU D 220 -17.82 -16.75 21.59
CA LEU D 220 -17.44 -17.99 22.26
C LEU D 220 -18.62 -18.96 22.24
N TYR D 221 -18.37 -20.18 21.78
CA TYR D 221 -19.38 -21.21 21.61
C TYR D 221 -19.05 -22.43 22.45
N ASP D 222 -20.05 -22.93 23.18
CA ASP D 222 -20.05 -24.29 23.72
C ASP D 222 -20.61 -25.18 22.62
N GLY D 223 -19.73 -25.86 21.89
CA GLY D 223 -20.17 -26.59 20.71
C GLY D 223 -20.65 -25.61 19.67
N THR D 224 -21.92 -25.70 19.29
CA THR D 224 -22.48 -24.74 18.34
C THR D 224 -23.34 -23.67 19.02
N THR D 225 -23.49 -23.73 20.33
CA THR D 225 -24.31 -22.79 21.08
C THR D 225 -23.46 -21.60 21.54
N LYS D 226 -23.82 -20.40 21.13
CA LYS D 226 -23.06 -19.22 21.55
C LYS D 226 -23.30 -18.96 23.02
N VAL D 227 -22.22 -18.78 23.78
CA VAL D 227 -22.34 -18.49 25.21
C VAL D 227 -21.88 -17.08 25.57
N ALA D 228 -21.23 -16.37 24.65
CA ALA D 228 -20.74 -15.05 24.98
C ALA D 228 -20.18 -14.42 23.71
N GLU D 229 -20.20 -13.09 23.67
CA GLU D 229 -19.67 -12.36 22.53
C GLU D 229 -19.28 -10.96 22.99
N ALA D 230 -18.42 -10.32 22.21
CA ALA D 230 -17.99 -8.97 22.52
C ALA D 230 -17.54 -8.30 21.23
N THR D 231 -17.57 -6.97 21.24
CA THR D 231 -17.02 -6.16 20.17
C THR D 231 -15.83 -5.36 20.66
N GLY D 232 -14.81 -5.22 19.82
CA GLY D 232 -13.61 -4.50 20.16
C GLY D 232 -12.40 -5.43 20.29
N LYS D 233 -11.21 -4.84 20.13
CA LYS D 233 -9.95 -5.55 20.23
C LYS D 233 -9.55 -5.87 21.68
N GLU D 234 -10.26 -5.33 22.67
CA GLU D 234 -10.12 -5.73 24.06
C GLU D 234 -11.51 -5.87 24.65
N GLY D 235 -11.71 -6.86 25.50
CA GLY D 235 -13.03 -7.06 26.05
C GLY D 235 -13.04 -8.19 27.05
N THR D 236 -14.25 -8.53 27.50
CA THR D 236 -14.48 -9.59 28.45
C THR D 236 -15.62 -10.46 27.95
N LEU D 237 -15.43 -11.76 28.02
CA LEU D 237 -16.48 -12.73 27.66
C LEU D 237 -17.01 -13.31 28.97
N VAL D 238 -18.30 -13.13 29.20
CA VAL D 238 -18.96 -13.56 30.43
C VAL D 238 -19.60 -14.90 30.15
N VAL D 239 -19.12 -15.95 30.80
CA VAL D 239 -19.57 -17.31 30.56
C VAL D 239 -20.31 -17.76 31.83
N LYS D 240 -21.64 -17.82 31.75
CA LYS D 240 -22.43 -18.26 32.89
C LYS D 240 -22.27 -19.76 33.09
N ASP D 241 -22.07 -20.18 34.34
CA ASP D 241 -21.83 -21.59 34.66
C ASP D 241 -20.75 -22.20 33.75
N ALA D 242 -19.61 -21.52 33.64
CA ALA D 242 -18.56 -21.97 32.75
C ALA D 242 -18.14 -23.40 33.07
N LYS D 243 -17.91 -24.20 32.04
CA LYS D 243 -17.38 -25.55 32.21
C LYS D 243 -15.86 -25.47 32.19
N LEU D 244 -15.24 -25.58 33.37
CA LEU D 244 -13.82 -25.36 33.51
C LEU D 244 -13.01 -26.55 32.96
N TRP D 245 -11.84 -26.24 32.42
CA TRP D 245 -10.86 -27.23 32.01
C TRP D 245 -10.15 -27.78 33.25
N ASN D 246 -10.07 -29.12 33.36
CA ASN D 246 -9.45 -29.75 34.53
C ASN D 246 -8.52 -30.89 34.12
N VAL D 247 -7.65 -31.29 35.04
CA VAL D 247 -6.75 -32.41 34.80
C VAL D 247 -7.59 -33.65 34.48
N HIS D 248 -7.27 -34.30 33.36
CA HIS D 248 -7.97 -35.50 32.93
C HIS D 248 -9.47 -35.29 32.77
N ALA D 249 -9.89 -34.03 32.66
CA ALA D 249 -11.29 -33.69 32.50
C ALA D 249 -11.34 -32.38 31.72
N ALA D 250 -10.75 -32.38 30.53
CA ALA D 250 -10.68 -31.17 29.74
C ALA D 250 -12.07 -30.74 29.27
N TYR D 251 -12.24 -29.44 29.12
CA TYR D 251 -13.40 -28.91 28.41
C TYR D 251 -12.93 -27.73 27.57
N LEU D 252 -13.28 -27.76 26.28
CA LEU D 252 -12.80 -26.80 25.31
C LEU D 252 -13.98 -26.05 24.70
N TYR D 253 -13.96 -24.73 24.79
CA TYR D 253 -14.90 -23.90 24.04
C TYR D 253 -14.31 -23.58 22.67
N ASN D 254 -15.16 -23.05 21.78
CA ASN D 254 -14.75 -22.64 20.44
C ASN D 254 -14.79 -21.11 20.35
N ILE D 255 -13.63 -20.49 20.15
CA ILE D 255 -13.55 -19.05 19.97
C ILE D 255 -13.54 -18.72 18.48
N VAL D 256 -14.34 -17.73 18.08
CA VAL D 256 -14.43 -17.27 16.69
C VAL D 256 -14.11 -15.78 16.69
N ILE D 257 -13.02 -15.40 16.03
CA ILE D 257 -12.56 -14.02 15.93
C ILE D 257 -12.73 -13.54 14.50
N ARG D 258 -13.36 -12.38 14.32
CA ARG D 258 -13.68 -11.88 12.99
C ARG D 258 -13.37 -10.40 12.87
N ILE D 259 -12.92 -10.02 11.68
CA ILE D 259 -12.84 -8.64 11.25
C ILE D 259 -14.03 -8.41 10.32
N HIS D 260 -14.77 -7.32 10.55
CA HIS D 260 -15.96 -7.00 9.79
C HIS D 260 -15.75 -5.73 8.98
N ASP D 261 -16.22 -5.76 7.74
CA ASP D 261 -16.41 -4.56 6.92
C ASP D 261 -17.89 -4.56 6.51
N GLY D 262 -18.72 -3.94 7.35
CA GLY D 262 -20.14 -3.97 7.11
C GLY D 262 -20.62 -5.41 7.25
N SER D 263 -21.34 -5.89 6.24
CA SER D 263 -21.85 -7.25 6.20
C SER D 263 -20.82 -8.27 5.70
N ALA D 264 -19.63 -7.82 5.31
CA ALA D 264 -18.60 -8.73 4.82
C ALA D 264 -17.65 -9.08 5.96
N VAL D 265 -17.30 -10.35 6.06
CA VAL D 265 -16.35 -10.81 7.06
C VAL D 265 -14.98 -10.78 6.39
N VAL D 266 -14.14 -9.83 6.82
CA VAL D 266 -12.83 -9.67 6.19
C VAL D 266 -11.88 -10.79 6.59
N ASP D 267 -11.98 -11.27 7.82
CA ASP D 267 -11.12 -12.35 8.28
C ASP D 267 -11.81 -13.06 9.43
N GLU D 268 -11.60 -14.37 9.50
CA GLU D 268 -12.10 -15.21 10.58
C GLU D 268 -10.94 -16.08 11.06
N TYR D 269 -10.72 -16.09 12.37
CA TYR D 269 -9.80 -17.02 13.00
C TYR D 269 -10.56 -17.79 14.08
N THR D 270 -10.31 -19.10 14.14
CA THR D 270 -10.97 -19.97 15.09
C THR D 270 -9.94 -20.85 15.81
N GLU D 271 -10.29 -21.27 17.03
CA GLU D 271 -9.39 -22.08 17.84
C GLU D 271 -10.14 -22.52 19.09
N LYS D 272 -9.78 -23.68 19.63
CA LYS D 272 -10.36 -24.13 20.89
C LYS D 272 -9.68 -23.43 22.05
N VAL D 273 -10.43 -23.24 23.13
CA VAL D 273 -9.97 -22.52 24.33
C VAL D 273 -10.49 -23.25 25.56
N GLY D 274 -9.60 -23.54 26.51
CA GLY D 274 -10.00 -24.06 27.80
C GLY D 274 -9.91 -22.97 28.86
N ILE D 275 -10.95 -22.89 29.68
CA ILE D 275 -11.05 -21.88 30.73
C ILE D 275 -10.57 -22.49 32.05
N ARG D 276 -9.55 -21.89 32.65
CA ARG D 276 -8.97 -22.43 33.87
C ARG D 276 -7.98 -21.42 34.44
N THR D 277 -7.84 -21.41 35.76
CA THR D 277 -6.84 -20.58 36.40
C THR D 277 -5.73 -21.47 36.96
N PHE D 278 -4.50 -20.92 36.99
CA PHE D 278 -3.34 -21.60 37.56
C PHE D 278 -2.46 -20.58 38.24
N GLU D 279 -1.98 -20.92 39.44
CA GLU D 279 -1.20 -19.99 40.24
C GLU D 279 -0.56 -20.73 41.41
N ILE D 280 0.56 -20.21 41.89
CA ILE D 280 1.19 -20.72 43.09
C ILE D 280 0.65 -19.92 44.27
N LYS D 281 0.15 -20.63 45.28
CA LYS D 281 -0.25 -19.98 46.52
C LYS D 281 0.09 -20.88 47.70
N ASP D 282 0.75 -20.32 48.69
CA ASP D 282 1.12 -21.02 49.93
C ASP D 282 1.82 -22.35 49.65
N GLY D 283 2.76 -22.32 48.71
CA GLY D 283 3.57 -23.49 48.43
C GLY D 283 2.86 -24.58 47.68
N HIS D 284 1.71 -24.29 47.07
CA HIS D 284 0.98 -25.26 46.27
C HIS D 284 0.70 -24.68 44.89
N PHE D 285 0.57 -25.58 43.90
CA PHE D 285 0.02 -25.24 42.59
C PHE D 285 -1.49 -25.33 42.70
N LEU D 286 -2.18 -24.24 42.40
CA LEU D 286 -3.64 -24.20 42.45
C LEU D 286 -4.18 -24.20 41.02
N LEU D 287 -4.90 -25.23 40.66
CA LEU D 287 -5.58 -25.29 39.37
C LEU D 287 -7.06 -25.12 39.65
N ASN D 288 -7.66 -24.07 39.08
CA ASN D 288 -9.02 -23.68 39.39
C ASN D 288 -9.26 -23.64 40.89
N GLY D 289 -8.29 -23.04 41.60
CA GLY D 289 -8.40 -22.82 43.03
C GLY D 289 -8.11 -24.02 43.91
N LYS D 290 -7.72 -25.16 43.35
CA LYS D 290 -7.48 -26.37 44.14
C LYS D 290 -6.10 -26.94 43.85
N PRO D 291 -5.45 -27.51 44.85
CA PRO D 291 -4.05 -27.92 44.67
C PRO D 291 -3.92 -29.18 43.82
N VAL D 292 -2.83 -29.24 43.06
CA VAL D 292 -2.51 -30.40 42.23
C VAL D 292 -1.06 -30.79 42.45
N TYR D 293 -0.84 -32.11 42.58
CA TYR D 293 0.49 -32.69 42.70
C TYR D 293 0.90 -33.17 41.31
N LEU D 294 1.89 -32.50 40.73
CA LEU D 294 2.31 -32.84 39.38
C LEU D 294 3.00 -34.20 39.34
N ARG D 295 2.64 -35.02 38.35
CA ARG D 295 3.32 -36.30 38.15
C ARG D 295 3.39 -36.60 36.66
N GLY D 296 4.54 -37.04 36.21
CA GLY D 296 4.74 -37.28 34.78
C GLY D 296 6.18 -37.36 34.37
N PHE D 297 6.49 -36.78 33.21
CA PHE D 297 7.81 -37.01 32.61
C PHE D 297 8.47 -35.80 31.96
N GLY D 298 9.75 -35.98 31.78
CA GLY D 298 10.50 -35.22 30.79
C GLY D 298 10.36 -36.06 29.52
N LYS D 299 10.01 -35.44 28.40
CA LYS D 299 9.91 -36.22 27.16
C LYS D 299 11.03 -35.81 26.20
N HIS D 300 10.92 -36.28 24.96
CA HIS D 300 11.68 -35.80 23.82
C HIS D 300 10.80 -35.94 22.60
N GLU D 301 11.07 -35.13 21.57
CA GLU D 301 10.54 -35.41 20.25
C GLU D 301 11.53 -36.35 19.60
N ASP D 302 11.24 -37.65 19.69
CA ASP D 302 12.20 -38.68 19.35
C ASP D 302 11.44 -39.98 19.11
N ALA D 303 11.81 -40.66 18.02
CA ALA D 303 11.21 -41.92 17.67
C ALA D 303 12.16 -42.59 16.68
N ASP D 304 11.94 -43.89 16.46
CA ASP D 304 12.75 -44.62 15.48
C ASP D 304 12.59 -44.00 14.09
N ILE D 305 13.70 -43.98 13.34
CA ILE D 305 13.72 -43.64 11.92
C ILE D 305 13.61 -42.15 11.65
N ARG D 306 12.63 -41.49 12.27
CA ARG D 306 12.24 -40.15 11.87
C ARG D 306 12.95 -39.05 12.65
N GLY D 307 13.78 -39.39 13.63
CA GLY D 307 14.42 -38.35 14.43
C GLY D 307 13.38 -37.55 15.21
N ARG D 308 13.37 -36.23 15.02
CA ARG D 308 12.43 -35.37 15.74
C ARG D 308 11.18 -35.05 14.94
N GLY D 309 10.97 -35.73 13.82
CA GLY D 309 9.85 -35.38 12.95
C GLY D 309 8.52 -35.68 13.62
N LEU D 310 7.57 -34.78 13.40
CA LEU D 310 6.24 -34.96 13.96
C LEU D 310 5.58 -36.21 13.35
N ASP D 311 4.99 -37.03 14.21
CA ASP D 311 4.25 -38.22 13.80
C ASP D 311 3.04 -38.34 14.70
N LEU D 312 1.84 -38.09 14.15
CA LEU D 312 0.64 -38.10 14.98
C LEU D 312 0.35 -39.50 15.55
N ALA D 313 0.73 -40.55 14.84
CA ALA D 313 0.59 -41.89 15.41
C ALA D 313 1.36 -42.02 16.71
N THR D 314 2.64 -41.65 16.71
CA THR D 314 3.42 -41.75 17.94
C THR D 314 2.88 -40.83 19.02
N VAL D 315 2.45 -39.62 18.66
CA VAL D 315 1.87 -38.73 19.66
C VAL D 315 0.66 -39.39 20.31
N LYS D 316 -0.23 -39.96 19.49
CA LYS D 316 -1.42 -40.63 20.03
C LYS D 316 -1.02 -41.74 21.00
N ARG D 317 -0.06 -42.58 20.61
CA ARG D 317 0.36 -43.69 21.48
C ARG D 317 0.97 -43.17 22.78
N ASP D 318 1.74 -42.07 22.72
CA ASP D 318 2.34 -41.51 23.93
C ASP D 318 1.27 -41.06 24.93
N TYR D 319 0.20 -40.43 24.45
CA TYR D 319 -0.84 -39.97 25.36
C TYR D 319 -1.64 -41.13 25.92
N GLU D 320 -1.94 -42.14 25.09
CA GLU D 320 -2.53 -43.38 25.61
C GLU D 320 -1.68 -43.96 26.75
N LEU D 321 -0.35 -43.94 26.60
CA LEU D 321 0.51 -44.49 27.64
C LEU D 321 0.54 -43.58 28.86
N MET D 322 0.53 -42.27 28.65
CA MET D 322 0.56 -41.36 29.79
C MET D 322 -0.73 -41.44 30.57
N LYS D 323 -1.87 -41.63 29.89
CA LYS D 323 -3.11 -41.84 30.64
C LYS D 323 -3.08 -43.17 31.37
N TRP D 324 -2.64 -44.24 30.70
CA TRP D 324 -2.59 -45.55 31.33
C TRP D 324 -1.74 -45.52 32.60
N ILE D 325 -0.59 -44.83 32.55
CA ILE D 325 0.30 -44.80 33.71
C ILE D 325 -0.14 -43.82 34.79
N GLY D 326 -1.15 -42.97 34.52
CA GLY D 326 -1.57 -42.01 35.54
C GLY D 326 -0.73 -40.75 35.64
N ALA D 327 0.00 -40.41 34.59
CA ALA D 327 0.67 -39.11 34.54
C ALA D 327 -0.37 -37.99 34.35
N ASN D 328 -0.03 -36.78 34.81
CA ASN D 328 -0.84 -35.62 34.51
C ASN D 328 -0.04 -34.44 33.98
N CYS D 329 1.29 -34.58 33.86
CA CYS D 329 2.12 -33.44 33.52
C CYS D 329 3.34 -33.87 32.73
N PHE D 330 3.78 -33.04 31.78
CA PHE D 330 5.13 -33.23 31.26
C PHE D 330 5.76 -31.90 30.90
N ARG D 331 7.08 -31.91 30.82
CA ARG D 331 7.89 -30.76 30.42
C ARG D 331 8.35 -30.99 28.98
N THR D 332 8.38 -29.92 28.17
CA THR D 332 8.88 -30.04 26.80
C THR D 332 10.42 -30.03 26.82
N SER D 333 10.96 -31.06 27.48
CA SER D 333 12.40 -31.11 27.78
C SER D 333 13.24 -30.70 26.58
N HIS D 334 13.78 -29.51 26.74
CA HIS D 334 14.95 -28.86 26.16
C HIS D 334 14.62 -28.20 24.82
N TYR D 335 13.34 -28.13 24.40
CA TYR D 335 12.95 -27.32 23.25
C TYR D 335 11.43 -27.30 23.14
N PRO D 336 10.84 -26.26 22.57
CA PRO D 336 9.39 -26.30 22.35
C PRO D 336 9.03 -27.38 21.35
N TYR D 337 7.91 -28.06 21.59
CA TYR D 337 7.46 -29.15 20.75
C TYR D 337 6.56 -28.63 19.62
N ALA D 338 6.23 -29.53 18.70
CA ALA D 338 5.23 -29.18 17.68
C ALA D 338 3.93 -28.79 18.33
N GLU D 339 3.27 -27.77 17.75
CA GLU D 339 1.99 -27.29 18.27
C GLU D 339 1.03 -28.42 18.55
N GLU D 340 1.00 -29.43 17.66
CA GLU D 340 0.05 -30.54 17.78
C GLU D 340 0.13 -31.24 19.13
N LEU D 341 1.33 -31.34 19.73
CA LEU D 341 1.43 -31.98 21.05
C LEU D 341 0.72 -31.18 22.12
N TYR D 342 0.73 -29.84 22.02
CA TYR D 342 -0.03 -29.04 22.98
C TYR D 342 -1.52 -29.16 22.71
N GLN D 343 -1.91 -29.25 21.44
CA GLN D 343 -3.33 -29.38 21.12
C GLN D 343 -3.91 -30.63 21.72
N MET D 344 -3.15 -31.72 21.70
CA MET D 344 -3.66 -32.96 22.29
C MET D 344 -3.68 -32.86 23.81
N ALA D 345 -2.70 -32.19 24.41
CA ALA D 345 -2.74 -31.97 25.86
C ALA D 345 -3.99 -31.19 26.25
N ASP D 346 -4.36 -30.21 25.43
CA ASP D 346 -5.58 -29.44 25.68
C ASP D 346 -6.80 -30.34 25.68
N GLU D 347 -6.85 -31.30 24.74
CA GLU D 347 -7.99 -32.22 24.65
C GLU D 347 -8.01 -33.24 25.77
N GLU D 348 -6.85 -33.67 26.25
CA GLU D 348 -6.79 -34.79 27.17
C GLU D 348 -6.70 -34.36 28.62
N GLY D 349 -6.55 -33.06 28.89
CA GLY D 349 -6.43 -32.58 30.26
C GLY D 349 -5.07 -32.81 30.89
N PHE D 350 -3.99 -32.58 30.14
CA PHE D 350 -2.63 -32.74 30.62
C PHE D 350 -1.97 -31.38 30.82
N LEU D 351 -1.15 -31.28 31.87
CA LEU D 351 -0.42 -30.06 32.20
C LEU D 351 0.95 -30.05 31.54
N ILE D 352 1.37 -28.88 31.06
CA ILE D 352 2.65 -28.78 30.35
C ILE D 352 3.52 -27.70 30.97
N ILE D 353 4.79 -28.02 31.17
CA ILE D 353 5.82 -27.04 31.43
C ILE D 353 6.58 -26.81 30.12
N ASP D 354 6.50 -25.59 29.61
CA ASP D 354 7.02 -25.22 28.29
C ASP D 354 8.45 -24.71 28.44
N GLU D 355 9.39 -25.28 27.69
CA GLU D 355 10.82 -25.03 27.87
C GLU D 355 11.47 -24.62 26.56
N VAL D 356 12.25 -23.53 26.58
CA VAL D 356 13.02 -23.08 25.42
C VAL D 356 14.30 -23.91 25.35
N PRO D 357 15.01 -23.93 24.22
CA PRO D 357 16.17 -24.83 24.10
C PRO D 357 17.44 -24.23 24.69
N ALA D 358 17.36 -23.61 25.87
CA ALA D 358 18.54 -23.09 26.56
C ALA D 358 19.16 -24.19 27.42
N VAL D 359 19.79 -25.14 26.73
CA VAL D 359 20.46 -26.28 27.35
C VAL D 359 21.88 -26.32 26.81
N GLY D 360 22.80 -26.78 27.65
CA GLY D 360 24.22 -26.79 27.31
C GLY D 360 25.00 -25.56 27.75
N PHE D 361 24.41 -24.67 28.57
CA PHE D 361 25.13 -23.50 29.07
C PHE D 361 26.02 -23.90 30.26
N MET D 362 27.01 -24.75 29.98
CA MET D 362 27.77 -25.35 31.06
C MET D 362 29.21 -25.61 30.61
N GLU D 363 30.11 -25.73 31.58
CA GLU D 363 31.50 -26.10 31.28
C GLU D 363 31.63 -27.59 30.99
N VAL D 379 37.01 -19.52 33.10
CA VAL D 379 35.92 -18.54 33.11
C VAL D 379 34.54 -19.21 33.04
N GLY D 380 33.59 -18.72 33.84
CA GLY D 380 32.27 -19.31 33.89
C GLY D 380 31.39 -18.90 32.71
N TRP D 381 30.35 -19.71 32.48
CA TRP D 381 29.59 -19.62 31.22
C TRP D 381 29.08 -18.20 31.00
N PHE D 382 28.50 -17.60 32.01
CA PHE D 382 27.82 -16.33 31.79
C PHE D 382 28.78 -15.15 31.82
N GLU D 383 30.08 -15.42 31.75
CA GLU D 383 31.08 -14.38 31.53
C GLU D 383 31.77 -14.52 30.19
N LYS D 384 31.41 -15.53 29.39
CA LYS D 384 31.99 -15.67 28.07
C LYS D 384 31.75 -14.41 27.24
N GLU D 385 32.67 -14.14 26.32
CA GLU D 385 32.54 -12.93 25.51
C GLU D 385 31.25 -12.92 24.71
N THR D 386 30.75 -14.10 24.33
CA THR D 386 29.57 -14.20 23.48
C THR D 386 28.25 -14.14 24.26
N THR D 387 28.28 -13.97 25.57
CA THR D 387 27.05 -13.93 26.35
C THR D 387 25.99 -12.99 25.77
N PRO D 388 26.32 -11.77 25.29
CA PRO D 388 25.25 -10.91 24.75
C PRO D 388 24.57 -11.49 23.51
N GLN D 389 25.32 -12.08 22.59
CA GLN D 389 24.70 -12.70 21.43
C GLN D 389 23.84 -13.90 21.84
N LEU D 390 24.22 -14.63 22.89
CA LEU D 390 23.40 -15.74 23.37
C LEU D 390 22.13 -15.24 24.00
N LEU D 391 22.23 -14.19 24.82
CA LEU D 391 21.06 -13.63 25.45
C LEU D 391 20.05 -13.15 24.40
N ALA D 392 20.53 -12.51 23.33
CA ALA D 392 19.61 -12.10 22.27
C ALA D 392 18.85 -13.29 21.71
N ASN D 393 19.58 -14.35 21.33
CA ASN D 393 18.92 -15.54 20.81
C ASN D 393 17.98 -16.15 21.84
N HIS D 394 18.30 -15.98 23.12
CA HIS D 394 17.48 -16.53 24.19
C HIS D 394 16.17 -15.75 24.33
N LYS D 395 16.28 -14.42 24.37
CA LYS D 395 15.08 -13.57 24.39
C LYS D 395 14.18 -13.87 23.21
N ASP D 396 14.76 -14.07 22.02
CA ASP D 396 13.96 -14.36 20.83
C ASP D 396 13.18 -15.66 21.01
N ALA D 397 13.85 -16.72 21.46
CA ALA D 397 13.16 -17.99 21.64
C ALA D 397 12.07 -17.88 22.71
N LEU D 398 12.39 -17.22 23.82
CA LEU D 398 11.42 -17.07 24.90
C LEU D 398 10.20 -16.29 24.43
N THR D 399 10.42 -15.24 23.63
CA THR D 399 9.34 -14.43 23.08
C THR D 399 8.45 -15.26 22.16
N ASP D 400 9.06 -15.99 21.22
CA ASP D 400 8.27 -16.76 20.28
C ASP D 400 7.52 -17.91 20.97
N MET D 401 8.14 -18.55 21.96
CA MET D 401 7.48 -19.66 22.64
C MET D 401 6.25 -19.19 23.38
N ILE D 402 6.41 -18.15 24.21
CA ILE D 402 5.27 -17.63 24.94
C ILE D 402 4.23 -17.10 23.96
N GLY D 403 4.66 -16.39 22.92
CA GLY D 403 3.70 -15.90 21.94
C GLY D 403 2.97 -17.03 21.25
N ARG D 404 3.67 -18.12 20.93
CA ARG D 404 3.02 -19.22 20.22
C ARG D 404 2.06 -19.98 21.12
N ASP D 405 2.40 -20.13 22.40
CA ASP D 405 1.75 -21.12 23.26
C ASP D 405 0.88 -20.54 24.36
N LYS D 406 0.77 -19.22 24.48
CA LYS D 406 0.20 -18.64 25.71
C LYS D 406 -1.27 -19.04 25.92
N ASN D 407 -2.01 -19.34 24.85
CA ASN D 407 -3.44 -19.54 25.01
C ASN D 407 -3.84 -21.00 25.27
N HIS D 408 -2.88 -21.93 25.31
CA HIS D 408 -3.17 -23.31 25.64
C HIS D 408 -3.51 -23.42 27.12
N ALA D 409 -4.69 -23.94 27.43
CA ALA D 409 -5.01 -24.25 28.82
C ALA D 409 -3.98 -25.20 29.43
N SER D 410 -3.41 -26.09 28.62
CA SER D 410 -2.47 -27.09 29.15
C SER D 410 -1.19 -26.46 29.65
N VAL D 411 -0.73 -25.36 29.04
CA VAL D 411 0.53 -24.75 29.43
C VAL D 411 0.34 -23.97 30.74
N ILE D 412 1.03 -24.39 31.79
CA ILE D 412 0.86 -23.82 33.12
C ILE D 412 2.14 -23.27 33.71
N ALA D 413 3.28 -23.43 33.04
CA ALA D 413 4.53 -22.87 33.56
C ALA D 413 5.53 -22.76 32.43
N TRP D 414 6.52 -21.89 32.64
CA TRP D 414 7.60 -21.67 31.70
C TRP D 414 8.91 -22.12 32.33
N SER D 415 9.70 -22.90 31.58
CA SER D 415 11.03 -23.30 32.03
C SER D 415 12.05 -22.59 31.14
N ILE D 416 12.87 -21.73 31.75
CA ILE D 416 13.67 -20.79 30.96
C ILE D 416 15.04 -21.35 30.57
N LEU D 417 15.55 -22.33 31.31
CA LEU D 417 16.84 -22.97 31.04
C LEU D 417 16.80 -24.41 31.57
N ASN D 418 17.66 -25.26 31.01
CA ASN D 418 17.90 -26.60 31.57
C ASN D 418 19.38 -26.72 31.91
N GLU D 419 19.67 -26.93 33.19
CA GLU D 419 21.01 -27.15 33.70
C GLU D 419 22.04 -26.11 33.22
N PRO D 420 21.74 -24.83 33.37
CA PRO D 420 22.78 -23.81 33.19
C PRO D 420 23.77 -23.84 34.35
N GLN D 421 24.97 -23.32 34.09
CA GLN D 421 25.97 -23.14 35.15
C GLN D 421 25.59 -21.90 35.94
N CYS D 422 24.57 -22.05 36.81
CA CYS D 422 24.06 -20.90 37.53
C CYS D 422 24.90 -20.57 38.78
N THR D 423 26.07 -21.19 38.91
CA THR D 423 27.09 -20.74 39.84
C THR D 423 28.02 -19.70 39.23
N SER D 424 27.97 -19.52 37.92
CA SER D 424 28.88 -18.61 37.22
C SER D 424 28.57 -17.16 37.57
N GLU D 425 29.63 -16.34 37.62
CA GLU D 425 29.41 -14.90 37.63
C GLU D 425 28.68 -14.51 36.34
N GLY D 426 27.89 -13.44 36.42
CA GLY D 426 27.05 -13.01 35.32
C GLY D 426 25.67 -13.65 35.31
N THR D 427 25.42 -14.63 36.18
CA THR D 427 24.14 -15.32 36.21
C THR D 427 22.99 -14.38 36.48
N GLU D 428 23.11 -13.57 37.54
CA GLU D 428 22.01 -12.72 37.99
C GLU D 428 21.52 -11.79 36.88
N ALA D 429 22.44 -11.09 36.22
CA ALA D 429 22.02 -10.13 35.19
C ALA D 429 21.31 -10.85 34.05
N TYR D 430 21.89 -11.96 33.60
CA TYR D 430 21.30 -12.77 32.54
C TYR D 430 19.91 -13.24 32.91
N PHE D 431 19.78 -13.94 34.04
CA PHE D 431 18.48 -14.48 34.46
C PHE D 431 17.46 -13.38 34.67
N LYS D 432 17.86 -12.28 35.33
CA LYS D 432 16.88 -11.23 35.62
C LYS D 432 16.25 -10.73 34.33
N THR D 433 17.07 -10.48 33.31
CA THR D 433 16.53 -10.09 32.01
C THR D 433 15.46 -11.05 31.54
N LEU D 434 15.74 -12.36 31.58
CA LEU D 434 14.83 -13.31 30.95
C LEU D 434 13.60 -13.57 31.81
N PHE D 435 13.77 -13.64 33.14
CA PHE D 435 12.62 -13.88 33.99
C PHE D 435 11.66 -12.69 33.99
N ASP D 436 12.20 -11.47 33.98
CA ASP D 436 11.33 -10.30 33.82
C ASP D 436 10.55 -10.38 32.52
N LEU D 437 11.27 -10.63 31.41
CA LEU D 437 10.63 -10.79 30.10
C LEU D 437 9.48 -11.79 30.13
N ALA D 438 9.71 -12.97 30.72
CA ALA D 438 8.63 -13.96 30.80
C ALA D 438 7.45 -13.42 31.56
N HIS D 439 7.70 -12.63 32.61
CA HIS D 439 6.61 -11.98 33.33
C HIS D 439 5.90 -10.98 32.44
N GLU D 440 6.66 -10.12 31.77
CA GLU D 440 6.11 -9.12 30.86
C GLU D 440 5.27 -9.76 29.75
N LEU D 441 5.75 -10.84 29.13
CA LEU D 441 5.13 -11.34 27.91
C LEU D 441 3.89 -12.20 28.14
N ASP D 442 3.70 -12.74 29.34
CA ASP D 442 2.62 -13.70 29.52
C ASP D 442 1.43 -13.01 30.16
N PRO D 443 0.33 -12.81 29.42
CA PRO D 443 -0.84 -12.14 30.03
C PRO D 443 -1.37 -12.86 31.25
N GLN D 444 -1.18 -14.18 31.34
CA GLN D 444 -1.67 -14.94 32.49
C GLN D 444 -0.66 -14.97 33.63
N LYS D 445 0.55 -14.44 33.43
CA LYS D 445 1.58 -14.44 34.47
C LYS D 445 1.73 -15.82 35.12
N ARG D 446 1.93 -16.84 34.29
CA ARG D 446 2.19 -18.18 34.82
C ARG D 446 3.56 -18.26 35.50
N PRO D 447 3.71 -19.17 36.47
CA PRO D 447 5.01 -19.30 37.17
C PRO D 447 6.15 -19.67 36.23
N ARG D 448 7.36 -19.26 36.63
CA ARG D 448 8.59 -19.45 35.89
C ARG D 448 9.57 -20.28 36.69
N THR D 449 10.33 -21.16 36.01
CA THR D 449 11.31 -22.01 36.65
C THR D 449 12.48 -22.23 35.70
N TYR D 450 13.46 -23.01 36.16
CA TYR D 450 14.49 -23.59 35.31
C TYR D 450 15.03 -24.83 36.02
N ALA D 451 15.56 -25.77 35.23
CA ALA D 451 16.00 -27.05 35.80
C ALA D 451 17.39 -26.91 36.42
N VAL D 452 17.51 -27.12 37.72
CA VAL D 452 18.78 -26.88 38.42
C VAL D 452 19.68 -28.09 38.26
N VAL D 453 20.93 -27.85 37.81
CA VAL D 453 21.89 -28.93 37.64
C VAL D 453 22.45 -29.38 38.99
N MET D 454 23.04 -30.58 38.99
CA MET D 454 23.54 -31.19 40.23
C MET D 454 24.61 -30.34 40.88
N MET D 455 25.48 -29.71 40.09
CA MET D 455 26.55 -28.91 40.66
C MET D 455 26.06 -27.63 41.33
N SER D 456 24.82 -27.24 41.12
CA SER D 456 24.30 -25.99 41.69
C SER D 456 23.50 -26.31 42.95
N LEU D 457 24.05 -25.91 44.09
CA LEU D 457 23.54 -26.24 45.40
C LEU D 457 22.79 -25.07 46.01
N PRO D 458 21.99 -25.32 47.05
CA PRO D 458 21.28 -24.21 47.71
C PRO D 458 22.21 -23.06 48.10
N ASN D 459 23.43 -23.39 48.50
CA ASN D 459 24.40 -22.48 49.11
C ASN D 459 25.24 -21.70 48.12
N ASN D 460 25.28 -22.10 46.84
CA ASN D 460 26.11 -21.42 45.87
C ASN D 460 25.39 -21.01 44.59
N SER D 461 24.13 -21.43 44.39
CA SER D 461 23.45 -21.10 43.14
C SER D 461 23.06 -19.63 43.13
N LYS D 462 23.55 -18.90 42.14
CA LYS D 462 23.16 -17.52 41.93
C LYS D 462 21.84 -17.38 41.18
N GLY D 463 21.30 -18.47 40.65
CA GLY D 463 20.11 -18.38 39.83
C GLY D 463 18.81 -18.77 40.50
N GLN D 464 18.87 -19.58 41.56
CA GLN D 464 17.63 -20.14 42.09
C GLN D 464 16.71 -19.05 42.65
N GLN D 465 17.27 -17.92 43.08
CA GLN D 465 16.44 -16.86 43.65
C GLN D 465 15.38 -16.38 42.66
N PHE D 466 15.63 -16.50 41.34
CA PHE D 466 14.72 -15.93 40.34
C PHE D 466 13.49 -16.80 40.07
N ALA D 467 13.53 -18.08 40.43
CA ALA D 467 12.44 -18.99 40.06
C ALA D 467 11.25 -18.88 41.00
N ASP D 468 10.03 -18.87 40.43
CA ASP D 468 8.83 -18.92 41.26
C ASP D 468 8.65 -20.28 41.92
N PHE D 469 9.11 -21.36 41.28
CA PHE D 469 9.25 -22.64 41.94
C PHE D 469 10.56 -23.27 41.49
N ILE D 470 11.15 -24.07 42.36
CA ILE D 470 12.45 -24.69 42.09
C ILE D 470 12.22 -26.03 41.40
N SER D 471 12.96 -26.27 40.32
CA SER D 471 12.96 -27.56 39.64
C SER D 471 14.36 -28.16 39.70
N LEU D 472 14.48 -29.34 40.30
CA LEU D 472 15.77 -30.01 40.45
C LEU D 472 15.88 -31.19 39.49
N ASN D 473 17.05 -31.30 38.86
CA ASN D 473 17.48 -32.52 38.17
C ASN D 473 18.52 -33.20 39.05
N ARG D 474 18.14 -34.30 39.70
CA ARG D 474 19.03 -34.97 40.63
C ARG D 474 19.14 -36.46 40.29
N TYR D 475 20.34 -37.00 40.43
CA TYR D 475 20.60 -38.40 40.08
C TYR D 475 21.30 -39.12 41.22
N TYR D 476 20.83 -38.88 42.45
CA TYR D 476 21.30 -39.62 43.61
C TYR D 476 20.95 -41.10 43.46
N GLY D 477 21.98 -41.94 43.38
CA GLY D 477 21.78 -43.35 43.12
C GLY D 477 22.00 -43.75 41.67
N TRP D 478 22.36 -42.81 40.80
CA TRP D 478 22.79 -43.18 39.45
C TRP D 478 24.16 -42.58 39.16
N TYR D 479 24.23 -41.28 38.90
CA TYR D 479 25.54 -40.65 38.70
C TYR D 479 26.32 -40.48 39.99
N VAL D 480 25.67 -40.44 41.15
CA VAL D 480 26.40 -40.32 42.40
C VAL D 480 25.95 -41.42 43.34
N MET D 481 26.91 -42.23 43.79
CA MET D 481 26.70 -43.24 44.84
C MET D 481 25.66 -44.28 44.41
N GLY D 482 25.78 -44.74 43.17
CA GLY D 482 24.92 -45.80 42.69
C GLY D 482 25.25 -47.16 43.29
N GLY D 483 24.32 -48.08 43.10
CA GLY D 483 24.59 -49.48 43.40
C GLY D 483 24.59 -49.75 44.88
N MET D 484 25.67 -50.37 45.36
CA MET D 484 25.79 -50.65 46.78
C MET D 484 25.84 -49.36 47.60
N GLY D 485 26.22 -48.25 46.98
CA GLY D 485 26.24 -46.97 47.63
C GLY D 485 24.92 -46.26 47.78
N ILE D 486 23.82 -46.82 47.25
CA ILE D 486 22.55 -46.08 47.27
C ILE D 486 22.14 -45.70 48.69
N VAL D 487 22.60 -46.45 49.71
CA VAL D 487 22.36 -46.00 51.09
C VAL D 487 23.01 -44.64 51.32
N ASP D 488 24.24 -44.46 50.86
CA ASP D 488 24.91 -43.17 50.98
C ASP D 488 24.26 -42.12 50.09
N ALA D 489 23.82 -42.51 48.88
CA ALA D 489 23.07 -41.62 48.00
C ALA D 489 21.85 -41.03 48.69
N GLU D 490 21.08 -41.87 49.38
CA GLU D 490 19.89 -41.35 50.04
C GLU D 490 20.26 -40.32 51.11
N ALA D 491 21.29 -40.62 51.90
CA ALA D 491 21.71 -39.70 52.96
C ALA D 491 22.20 -38.38 52.38
N ALA D 492 22.98 -38.43 51.30
CA ALA D 492 23.45 -37.20 50.65
C ALA D 492 22.27 -36.42 50.05
N PHE D 493 21.27 -37.12 49.52
CA PHE D 493 20.08 -36.47 48.99
C PHE D 493 19.35 -35.70 50.07
N ARG D 494 19.04 -36.36 51.20
CA ARG D 494 18.35 -35.70 52.29
C ARG D 494 19.15 -34.50 52.80
N LYS D 495 20.47 -34.64 52.83
CA LYS D 495 21.32 -33.52 53.23
C LYS D 495 21.08 -32.31 52.32
N GLU D 496 21.08 -32.52 51.00
CA GLU D 496 20.88 -31.38 50.11
C GLU D 496 19.48 -30.81 50.27
N MET D 497 18.48 -31.69 50.50
CA MET D 497 17.11 -31.22 50.63
C MET D 497 16.94 -30.34 51.88
N ASN D 498 17.62 -30.69 52.97
CA ASN D 498 17.64 -29.82 54.14
C ASN D 498 18.24 -28.46 53.80
N GLY D 499 19.26 -28.44 52.92
CA GLY D 499 19.75 -27.16 52.42
C GLY D 499 18.69 -26.37 51.69
N TRP D 500 17.97 -27.01 50.77
CA TRP D 500 16.92 -26.29 50.03
C TRP D 500 15.85 -25.76 50.96
N ALA D 501 15.52 -26.52 52.01
CA ALA D 501 14.53 -26.07 52.99
C ALA D 501 14.85 -24.68 53.53
N GLN D 502 16.12 -24.31 53.57
CA GLN D 502 16.49 -23.02 54.14
C GLN D 502 16.44 -21.86 53.14
N VAL D 503 16.35 -22.12 51.83
CA VAL D 503 16.33 -21.04 50.84
C VAL D 503 15.01 -20.97 50.07
N LEU D 504 14.07 -21.87 50.33
CA LEU D 504 12.86 -21.92 49.51
C LEU D 504 11.94 -20.73 49.80
N ASN D 505 11.83 -20.33 51.06
CA ASN D 505 11.00 -19.20 51.45
C ASN D 505 9.54 -19.39 51.03
N GLY D 506 9.00 -20.57 51.31
CA GLY D 506 7.62 -20.88 50.98
C GLY D 506 7.36 -21.32 49.55
N ARG D 507 8.32 -21.17 48.63
CA ARG D 507 8.12 -21.62 47.25
C ARG D 507 8.03 -23.14 47.18
N PRO D 508 7.21 -23.68 46.27
CA PRO D 508 7.23 -25.14 46.05
C PRO D 508 8.45 -25.58 45.25
N MET D 509 8.70 -26.89 45.31
CA MET D 509 9.75 -27.54 44.55
C MET D 509 9.14 -28.70 43.77
N ILE D 510 9.65 -28.94 42.57
CA ILE D 510 9.38 -30.19 41.87
C ILE D 510 10.70 -30.78 41.42
N PHE D 511 10.66 -32.08 41.12
CA PHE D 511 11.74 -32.72 40.40
C PHE D 511 11.38 -32.76 38.92
N THR D 512 12.26 -32.19 38.10
CA THR D 512 12.13 -32.23 36.66
C THR D 512 12.92 -33.37 36.06
N GLU D 513 13.91 -33.91 36.78
CA GLU D 513 14.63 -35.11 36.32
C GLU D 513 15.08 -35.94 37.49
N TYR D 514 14.89 -37.26 37.34
CA TYR D 514 15.60 -38.29 38.09
C TYR D 514 15.38 -39.57 37.31
N GLY D 515 16.36 -40.47 37.35
CA GLY D 515 16.23 -41.69 36.55
C GLY D 515 17.50 -42.51 36.56
N ALA D 516 17.41 -43.66 35.89
CA ALA D 516 18.47 -44.66 35.87
C ALA D 516 18.40 -45.44 34.57
N ASP D 517 19.53 -45.56 33.87
CA ASP D 517 19.50 -46.31 32.61
C ASP D 517 19.15 -47.76 32.90
N THR D 518 18.40 -48.35 31.99
CA THR D 518 17.77 -49.66 32.21
C THR D 518 17.57 -50.34 30.86
N MET D 519 18.27 -51.46 30.65
CA MET D 519 18.06 -52.24 29.45
C MET D 519 16.71 -52.94 29.56
N PRO D 520 15.80 -52.76 28.60
CA PRO D 520 14.47 -53.39 28.72
C PRO D 520 14.53 -54.89 28.80
N THR D 521 15.67 -55.50 28.47
CA THR D 521 15.86 -56.94 28.47
C THR D 521 16.55 -57.48 29.72
N GLU D 522 16.84 -56.65 30.72
CA GLU D 522 17.80 -57.01 31.76
C GLU D 522 17.09 -57.28 33.09
N HIS D 523 17.24 -58.50 33.61
CA HIS D 523 16.73 -58.92 34.92
C HIS D 523 17.88 -59.43 35.77
N LYS D 524 17.97 -58.99 37.03
CA LYS D 524 18.95 -59.59 37.91
C LYS D 524 18.49 -59.52 39.37
N LEU D 525 18.81 -60.59 40.10
CA LEU D 525 18.43 -60.79 41.48
C LEU D 525 19.61 -61.37 42.23
N PRO D 526 20.24 -60.61 43.13
CA PRO D 526 19.92 -59.20 43.42
C PRO D 526 20.24 -58.23 42.27
N SER D 527 19.74 -57.00 42.38
CA SER D 527 19.85 -56.03 41.29
C SER D 527 21.30 -55.60 41.04
N VAL D 528 21.55 -55.16 39.81
CA VAL D 528 22.73 -54.40 39.45
C VAL D 528 22.27 -53.20 38.63
N MET D 529 23.02 -52.10 38.71
CA MET D 529 22.74 -50.95 37.84
C MET D 529 22.64 -51.42 36.38
N TRP D 530 21.59 -50.95 35.70
CA TRP D 530 21.24 -51.25 34.32
C TRP D 530 20.18 -52.34 34.23
N SER D 531 19.92 -53.01 35.35
CA SER D 531 18.81 -53.94 35.44
C SER D 531 17.49 -53.22 35.75
N GLN D 532 16.41 -53.82 35.28
CA GLN D 532 15.07 -53.30 35.60
C GLN D 532 14.83 -53.30 37.11
N GLU D 533 15.35 -54.30 37.82
CA GLU D 533 15.17 -54.33 39.27
C GLU D 533 15.86 -53.14 39.91
N TYR D 534 17.06 -52.78 39.45
CA TYR D 534 17.71 -51.60 40.00
C TYR D 534 16.87 -50.36 39.73
N GLN D 535 16.31 -50.24 38.52
CA GLN D 535 15.54 -49.05 38.21
C GLN D 535 14.37 -48.89 39.17
N ASN D 536 13.68 -49.99 39.50
CA ASN D 536 12.59 -49.95 40.47
C ASN D 536 13.11 -49.52 41.84
N GLU D 537 14.24 -50.11 42.25
CA GLU D 537 14.80 -49.75 43.56
C GLU D 537 15.24 -48.29 43.58
N TYR D 538 15.92 -47.84 42.52
CA TYR D 538 16.27 -46.44 42.39
C TYR D 538 15.04 -45.54 42.58
N LEU D 539 13.95 -45.85 41.88
CA LEU D 539 12.78 -44.98 41.93
C LEU D 539 12.12 -44.99 43.31
N ASP D 540 12.10 -46.15 43.98
CA ASP D 540 11.52 -46.26 45.32
C ASP D 540 12.28 -45.39 46.31
N MET D 541 13.62 -45.43 46.25
CA MET D 541 14.42 -44.60 47.15
C MET D 541 14.10 -43.12 46.93
N ASN D 542 14.07 -42.70 45.66
CA ASN D 542 13.82 -41.29 45.40
C ASN D 542 12.45 -40.87 45.87
N HIS D 543 11.43 -41.71 45.67
CA HIS D 543 10.08 -41.38 46.12
C HIS D 543 10.00 -41.31 47.63
N ASN D 544 10.78 -42.14 48.34
CA ASN D 544 10.84 -42.04 49.79
C ASN D 544 11.34 -40.68 50.22
N VAL D 545 12.36 -40.17 49.55
CA VAL D 545 12.85 -38.83 49.85
C VAL D 545 11.78 -37.78 49.51
N PHE D 546 11.24 -37.80 48.29
CA PHE D 546 10.21 -36.82 47.90
C PHE D 546 9.11 -36.76 48.96
N ASP D 547 8.56 -37.93 49.33
CA ASP D 547 7.44 -38.02 50.25
C ASP D 547 7.81 -37.52 51.65
N SER D 548 9.10 -37.36 51.96
CA SER D 548 9.55 -36.90 53.28
C SER D 548 9.53 -35.38 53.42
N TYR D 549 9.41 -34.63 52.32
CA TYR D 549 9.56 -33.18 52.37
C TYR D 549 8.25 -32.52 51.94
N ASN D 550 7.72 -31.66 52.80
CA ASN D 550 6.42 -31.04 52.56
C ASN D 550 6.41 -30.25 51.26
N PHE D 551 7.51 -29.60 50.93
CA PHE D 551 7.55 -28.67 49.81
C PHE D 551 7.72 -29.33 48.45
N VAL D 552 7.90 -30.64 48.39
CA VAL D 552 7.94 -31.34 47.10
C VAL D 552 6.50 -31.46 46.59
N GLN D 553 6.18 -30.76 45.51
CA GLN D 553 4.81 -30.71 45.01
C GLN D 553 4.70 -31.29 43.60
N GLY D 554 5.71 -32.01 43.13
CA GLY D 554 5.60 -32.74 41.88
C GLY D 554 6.86 -33.51 41.59
N GLU D 555 6.69 -34.53 40.73
CA GLU D 555 7.76 -35.43 40.35
C GLU D 555 7.62 -35.74 38.85
N LEU D 556 8.57 -35.28 38.05
CA LEU D 556 8.66 -35.62 36.64
C LEU D 556 9.90 -36.48 36.45
N VAL D 557 9.70 -37.69 36.00
CA VAL D 557 10.79 -38.64 35.88
C VAL D 557 11.44 -38.49 34.50
N TRP D 558 12.74 -38.77 34.45
CA TRP D 558 13.52 -38.78 33.22
C TRP D 558 13.79 -40.24 32.85
N ASN D 559 13.28 -40.70 31.72
CA ASN D 559 12.54 -39.96 30.69
C ASN D 559 11.33 -40.81 30.35
N PHE D 560 10.38 -40.24 29.60
CA PHE D 560 9.23 -41.02 29.15
C PHE D 560 9.67 -42.27 28.38
N ALA D 561 10.60 -42.12 27.44
CA ALA D 561 10.99 -43.22 26.58
C ALA D 561 12.47 -43.12 26.22
N ASP D 562 13.09 -44.27 25.95
CA ASP D 562 14.47 -44.27 25.51
C ASP D 562 14.61 -43.40 24.27
N PHE D 563 15.72 -42.66 24.17
CA PHE D 563 15.88 -41.71 23.07
C PHE D 563 17.33 -41.68 22.62
N GLN D 564 17.55 -41.15 21.40
CA GLN D 564 18.88 -41.13 20.80
C GLN D 564 19.76 -40.00 21.33
N THR D 565 21.04 -40.34 21.52
CA THR D 565 22.12 -39.42 21.89
C THR D 565 23.27 -39.64 20.91
N THR D 566 24.29 -38.79 21.00
CA THR D 566 25.54 -39.12 20.32
C THR D 566 26.12 -40.42 20.88
N GLU D 567 26.97 -41.07 20.08
CA GLU D 567 27.64 -42.27 20.52
C GLU D 567 28.60 -41.95 21.66
N GLY D 568 28.80 -42.91 22.56
CA GLY D 568 29.80 -42.77 23.62
C GLY D 568 29.76 -43.99 24.51
N ILE D 569 30.80 -44.11 25.35
CA ILE D 569 30.87 -45.31 26.19
C ILE D 569 29.76 -45.33 27.22
N LEU D 570 29.14 -44.18 27.52
CA LEU D 570 28.09 -44.10 28.52
C LEU D 570 26.70 -44.38 27.96
N ARG D 571 26.56 -44.49 26.65
CA ARG D 571 25.25 -44.47 26.00
C ARG D 571 25.09 -45.75 25.18
N VAL D 572 24.28 -46.67 25.70
CA VAL D 572 24.09 -47.96 25.06
C VAL D 572 23.00 -47.77 24.00
N ASN D 573 23.41 -47.35 22.81
CA ASN D 573 22.50 -46.94 21.74
C ASN D 573 21.50 -45.90 22.26
N GLY D 574 22.06 -44.74 22.61
CA GLY D 574 21.25 -43.67 23.15
C GLY D 574 21.05 -43.77 24.65
N ASN D 575 20.14 -42.94 25.13
CA ASN D 575 19.81 -42.86 26.55
C ASN D 575 18.76 -43.92 26.91
N LYS D 576 19.02 -44.69 27.98
CA LYS D 576 18.14 -45.79 28.36
C LYS D 576 17.42 -45.54 29.68
N LYS D 577 17.29 -44.28 30.09
CA LYS D 577 16.48 -43.96 31.26
C LYS D 577 14.96 -43.96 30.99
N GLY D 578 14.50 -44.39 29.81
CA GLY D 578 13.07 -44.42 29.55
C GLY D 578 12.32 -45.32 30.54
N ILE D 579 11.11 -44.88 30.91
CA ILE D 579 10.16 -45.76 31.57
C ILE D 579 9.55 -46.72 30.57
N PHE D 580 9.41 -46.28 29.32
CA PHE D 580 9.01 -47.09 28.17
C PHE D 580 10.19 -47.20 27.22
N THR D 581 10.18 -48.24 26.39
CA THR D 581 11.18 -48.34 25.33
C THR D 581 10.91 -47.30 24.25
N ARG D 582 11.88 -47.14 23.34
CA ARG D 582 11.65 -46.23 22.24
C ARG D 582 10.49 -46.68 21.35
N GLN D 583 10.15 -47.96 21.38
CA GLN D 583 9.02 -48.50 20.67
C GLN D 583 7.73 -48.41 21.49
N ARG D 584 7.75 -47.63 22.58
CA ARG D 584 6.55 -47.33 23.37
C ARG D 584 5.95 -48.59 23.99
N GLN D 585 6.80 -49.43 24.56
CA GLN D 585 6.36 -50.54 25.39
C GLN D 585 6.98 -50.42 26.79
N PRO D 586 6.28 -50.88 27.82
CA PRO D 586 6.72 -50.62 29.20
C PRO D 586 7.87 -51.50 29.65
N LYS D 587 8.78 -50.91 30.40
CA LYS D 587 9.70 -51.66 31.24
C LYS D 587 9.00 -51.94 32.58
N ASP D 588 9.65 -52.72 33.45
CA ASP D 588 9.04 -53.02 34.76
C ASP D 588 8.66 -51.73 35.50
N ALA D 589 9.52 -50.71 35.43
CA ALA D 589 9.24 -49.48 36.15
C ALA D 589 7.94 -48.83 35.72
N ALA D 590 7.44 -49.10 34.52
CA ALA D 590 6.16 -48.50 34.10
C ALA D 590 5.03 -48.95 35.03
N PHE D 591 5.01 -50.23 35.42
CA PHE D 591 3.97 -50.71 36.32
C PHE D 591 4.14 -50.16 37.73
N LEU D 592 5.37 -49.92 38.17
CA LEU D 592 5.57 -49.29 39.47
C LEU D 592 4.98 -47.89 39.49
N PHE D 593 5.29 -47.10 38.46
CA PHE D 593 4.71 -45.76 38.39
C PHE D 593 3.20 -45.81 38.30
N ARG D 594 2.67 -46.75 37.52
CA ARG D 594 1.21 -46.84 37.39
C ARG D 594 0.56 -47.04 38.75
N ALA D 595 1.14 -47.91 39.59
CA ALA D 595 0.56 -48.16 40.90
C ALA D 595 0.66 -46.93 41.79
N ARG D 596 1.80 -46.24 41.74
CA ARG D 596 1.97 -45.07 42.59
C ARG D 596 1.08 -43.91 42.12
N TRP D 597 1.22 -43.50 40.86
CA TRP D 597 0.57 -42.30 40.39
C TRP D 597 -0.96 -42.42 40.36
N THR D 598 -1.50 -43.60 40.05
CA THR D 598 -2.95 -43.70 40.06
C THR D 598 -3.51 -43.85 41.47
N SER D 599 -2.66 -44.05 42.47
CA SER D 599 -3.14 -44.17 43.83
C SER D 599 -2.99 -42.88 44.65
N LEU D 600 -2.16 -41.94 44.21
CA LEU D 600 -2.06 -40.66 44.91
C LEU D 600 -3.23 -39.76 44.50
N PRO D 601 -3.88 -39.08 45.45
CA PRO D 601 -4.94 -38.15 45.07
C PRO D 601 -4.42 -37.07 44.15
N LEU D 602 -5.34 -36.48 43.39
CA LEU D 602 -4.97 -35.33 42.56
C LEU D 602 -4.31 -34.24 43.40
N ASP D 603 -4.87 -33.97 44.59
CA ASP D 603 -4.35 -32.97 45.51
C ASP D 603 -3.41 -33.57 46.56
N TYR D 604 -2.66 -34.61 46.21
CA TYR D 604 -1.65 -35.15 47.11
C TYR D 604 -0.78 -34.06 47.72
N LYS D 605 -0.62 -34.08 49.04
CA LYS D 605 0.25 -33.17 49.78
C LYS D 605 -0.18 -31.71 49.61
N GLY D 606 -1.44 -31.49 49.22
CA GLY D 606 -1.97 -30.18 48.97
C GLY D 606 -2.18 -29.33 50.21
N ASN D 607 -2.15 -29.94 51.40
CA ASN D 607 -2.24 -29.24 52.67
C ASN D 607 -0.89 -29.11 53.37
N GLN D 608 0.21 -29.23 52.64
CA GLN D 608 1.55 -29.17 53.22
C GLN D 608 2.36 -28.02 52.62
#